data_4GOP
#
_entry.id   4GOP
#
_cell.length_a   184.100
_cell.length_b   93.800
_cell.length_c   120.500
_cell.angle_alpha   90.000
_cell.angle_beta   110.900
_cell.angle_gamma   90.000
#
_symmetry.space_group_name_H-M   'C 1 2 1'
#
loop_
_entity.id
_entity.type
_entity.pdbx_description
1 polymer 'Putative uncharacterized protein'
2 polymer 'Putative uncharacterized protein'
3 polymer 'Putative uncharacterized protein'
4 polymer 'DNA (25-MER)'
5 non-polymer 'ZINC ION'
#
loop_
_entity_poly.entity_id
_entity_poly.type
_entity_poly.pdbx_seq_one_letter_code
_entity_poly.pdbx_strand_id
1 'polypeptide(L)'
;MEKPTPLINSSMLGQYVGQTVRIVGKVHKVTGNTLLMQTSDLGNVEIAMTPDSDVSSSTFVEVTGKVSDAGSSFQANQIR
EFTTVDCGHDVDLTLVENVVQISAAFPNLFSDST
;
A,X
2 'polypeptide(L)'
;GKKAGNNTLRPVTIRQILNAEQPHPDAEFILDGAELGQLTFVAVVRNISRNATNVAYSVEDGTGQIEVRQWLDSSSDDSS
KASEIRNNVYVRVLGTLKSFQNRRSISSGHMRPVIDYNEVMFHRLEAVHAHLQVTR
;
B,Y
3 'polypeptide(L)'
;MPIYPIEGLSPYQNRWTIKARVTSKSDIRHWSNQRGEGKLFSVNLLDDSGEIKATGFNDAVDRFYPLLQENHVYLISKAR
VNIAKKQFSNLQNEYEITFENSTEIEECTDATDVPEVKYEFVRINELESVEANQQCDVIGILDSYGELSEIVSKASQRPV
QKRELTLVDQGNRSVKLTLWGKTAETFPTNAGVDEKPVLAFKGVKVGDFGGRSLSMFSSSTMLINPDITESHVLRGWYDN
DGAHAQFQPYTNGGVGGGAMGGGGAGANMAERRTIVQVKDENLGMSEKPDYFNVRATVVYIKQENLYYTACASEGCNKKV
NLDHENNWRCEKCDRSYATPEYRYILSTNVADATGQMWLSGFNEDATQLIGMSAGELHKLREESESEFSAALHRAANRMY
MFNCRAKMDTFNDTARVRYTISRAAPVDFAKAGMELVDAIRAYM
;
C,Z
4 'polydeoxyribonucleotide'
;(DT)(DT)(DT)(DT)(DT)(DT)(DT)(DT)(DT)(DT)(DT)(DT)(DT)(DT)(DT)(DT)(DT)(DT)(DT)(DT)
(DT)(DT)(DT)(DT)(DT)(DT)(DT)(DT)(DT)(DT)(DT)(DT)
;
K,L
#
loop_
_chem_comp.id
_chem_comp.type
_chem_comp.name
_chem_comp.formula
DT DNA linking THYMIDINE-5'-MONOPHOSPHATE 'C10 H15 N2 O8 P'
ZN non-polymer 'ZINC ION' 'Zn 2'
#
# COMPACT_ATOMS: atom_id res chain seq x y z
N MET A 1 15.52 -12.44 -2.26
CA MET A 1 14.85 -11.16 -1.88
C MET A 1 13.34 -11.34 -1.57
N GLU A 2 12.75 -12.35 -2.19
CA GLU A 2 11.31 -12.56 -2.21
C GLU A 2 10.47 -11.29 -2.14
N LYS A 3 9.90 -10.96 -3.29
CA LYS A 3 8.87 -9.96 -3.40
C LYS A 3 7.67 -10.51 -2.68
N PRO A 4 7.04 -9.67 -1.87
CA PRO A 4 5.75 -10.00 -1.35
C PRO A 4 4.82 -10.33 -2.51
N THR A 5 4.02 -11.37 -2.28
CA THR A 5 3.03 -11.86 -3.22
C THR A 5 1.62 -11.40 -2.77
N PRO A 6 1.00 -10.43 -3.46
CA PRO A 6 -0.29 -9.91 -2.94
C PRO A 6 -1.40 -10.94 -2.89
N LEU A 7 -2.27 -10.85 -1.89
CA LEU A 7 -3.44 -11.71 -1.86
C LEU A 7 -4.55 -10.93 -2.51
N ILE A 8 -5.10 -11.47 -3.57
CA ILE A 8 -6.01 -10.70 -4.38
C ILE A 8 -7.33 -11.41 -4.67
N ASN A 9 -8.29 -10.62 -5.12
CA ASN A 9 -9.51 -11.18 -5.60
C ASN A 9 -9.54 -10.86 -7.09
N SER A 10 -10.67 -11.06 -7.74
CA SER A 10 -10.74 -11.04 -9.19
C SER A 10 -10.47 -9.66 -9.81
N SER A 11 -10.77 -8.59 -9.06
CA SER A 11 -10.68 -7.24 -9.64
C SER A 11 -9.33 -6.58 -9.44
N MET A 12 -8.49 -7.19 -8.63
CA MET A 12 -7.14 -6.69 -8.46
C MET A 12 -6.19 -7.10 -9.60
N LEU A 13 -6.53 -8.18 -10.31
CA LEU A 13 -5.77 -8.59 -11.50
C LEU A 13 -5.13 -7.43 -12.29
N GLY A 14 -5.91 -6.42 -12.61
CA GLY A 14 -5.44 -5.31 -13.42
C GLY A 14 -4.17 -4.66 -12.91
N GLN A 15 -4.04 -4.60 -11.59
CA GLN A 15 -2.95 -3.86 -10.91
C GLN A 15 -1.65 -4.65 -10.87
N TYR A 16 -1.72 -5.89 -11.35
CA TYR A 16 -0.61 -6.80 -11.27
C TYR A 16 -0.36 -7.55 -12.55
N VAL A 17 -0.49 -6.90 -13.68
CA VAL A 17 -0.25 -7.63 -14.91
C VAL A 17 1.23 -7.93 -14.92
N GLY A 18 1.56 -9.20 -15.16
CA GLY A 18 2.94 -9.64 -15.21
C GLY A 18 3.52 -10.13 -13.89
N GLN A 19 2.93 -9.66 -12.79
CA GLN A 19 3.39 -9.98 -11.44
C GLN A 19 2.87 -11.34 -11.00
N THR A 20 3.49 -11.86 -9.94
CA THR A 20 3.02 -13.02 -9.20
C THR A 20 2.00 -12.59 -8.14
N VAL A 21 0.83 -13.20 -8.16
CA VAL A 21 -0.14 -12.95 -7.12
C VAL A 21 -0.58 -14.26 -6.47
N ARG A 22 -1.41 -14.14 -5.44
CA ARG A 22 -1.91 -15.28 -4.69
C ARG A 22 -3.42 -15.09 -4.64
N ILE A 23 -4.19 -16.16 -4.84
CA ILE A 23 -5.64 -16.01 -5.01
C ILE A 23 -6.38 -17.24 -4.58
N VAL A 24 -7.55 -17.02 -3.96
CA VAL A 24 -8.31 -18.12 -3.34
C VAL A 24 -9.70 -18.24 -3.92
N GLY A 25 -10.10 -19.43 -4.32
CA GLY A 25 -11.41 -19.56 -4.92
C GLY A 25 -12.15 -20.83 -4.62
N LYS A 26 -13.42 -20.85 -5.04
CA LYS A 26 -14.18 -22.07 -5.13
C LYS A 26 -13.95 -22.50 -6.58
N VAL A 27 -13.66 -23.78 -6.79
CA VAL A 27 -13.43 -24.32 -8.15
C VAL A 27 -14.76 -24.55 -8.81
N HIS A 28 -14.93 -24.02 -9.99
CA HIS A 28 -16.18 -24.19 -10.69
C HIS A 28 -16.16 -25.39 -11.61
N LYS A 29 -15.40 -25.27 -12.69
CA LYS A 29 -15.29 -26.30 -13.72
C LYS A 29 -13.82 -26.51 -14.12
N VAL A 30 -13.46 -27.73 -14.51
CA VAL A 30 -12.09 -28.06 -14.94
C VAL A 30 -12.10 -28.61 -16.37
N THR A 31 -11.84 -27.73 -17.34
CA THR A 31 -11.76 -28.10 -18.78
C THR A 31 -10.31 -28.35 -19.26
N GLY A 32 -9.92 -29.62 -19.33
CA GLY A 32 -8.54 -29.98 -19.62
C GLY A 32 -7.59 -29.37 -18.59
N ASN A 33 -6.72 -28.47 -19.03
CA ASN A 33 -5.78 -27.83 -18.11
C ASN A 33 -6.21 -26.40 -17.73
N THR A 34 -7.51 -26.11 -17.88
CA THR A 34 -8.05 -24.82 -17.44
C THR A 34 -9.03 -24.96 -16.29
N LEU A 35 -8.83 -24.12 -15.29
CA LEU A 35 -9.64 -24.10 -14.10
C LEU A 35 -10.44 -22.82 -14.07
N LEU A 36 -11.72 -22.96 -13.69
CA LEU A 36 -12.59 -21.82 -13.46
C LEU A 36 -12.84 -21.64 -11.95
N MET A 37 -12.51 -20.45 -11.47
CA MET A 37 -12.47 -20.17 -10.04
C MET A 37 -13.55 -19.16 -9.64
N GLN A 38 -14.16 -19.33 -8.47
CA GLN A 38 -14.96 -18.25 -7.88
C GLN A 38 -14.14 -17.49 -6.86
N THR A 39 -14.00 -16.19 -7.10
CA THR A 39 -13.29 -15.33 -6.18
C THR A 39 -14.13 -14.97 -4.94
N SER A 40 -13.46 -14.41 -3.93
CA SER A 40 -14.11 -13.74 -2.82
C SER A 40 -14.80 -12.45 -3.30
N ASP A 41 -14.27 -11.91 -4.39
CA ASP A 41 -14.78 -10.77 -5.12
C ASP A 41 -16.12 -11.10 -5.78
N LEU A 42 -16.50 -12.38 -5.70
CA LEU A 42 -17.61 -12.95 -6.46
C LEU A 42 -17.45 -12.89 -7.97
N GLY A 43 -16.38 -12.24 -8.42
CA GLY A 43 -15.95 -12.34 -9.81
C GLY A 43 -15.37 -13.72 -10.08
N ASN A 44 -15.15 -14.02 -11.35
CA ASN A 44 -14.60 -15.30 -11.75
C ASN A 44 -13.23 -15.12 -12.40
N VAL A 45 -12.30 -16.06 -12.15
CA VAL A 45 -10.96 -16.01 -12.78
C VAL A 45 -10.66 -17.31 -13.49
N GLU A 46 -9.91 -17.19 -14.58
CA GLU A 46 -9.53 -18.33 -15.37
C GLU A 46 -8.07 -18.66 -15.10
N ILE A 47 -7.78 -19.91 -14.80
CA ILE A 47 -6.41 -20.29 -14.45
C ILE A 47 -5.83 -21.38 -15.35
N ALA A 48 -4.72 -21.07 -16.00
CA ALA A 48 -3.96 -22.03 -16.80
C ALA A 48 -3.16 -22.96 -15.89
N MET A 49 -3.60 -24.21 -15.78
CA MET A 49 -3.13 -25.12 -14.74
C MET A 49 -2.01 -26.04 -15.22
N THR A 50 -1.01 -26.26 -14.35
CA THR A 50 0.05 -27.28 -14.54
C THR A 50 -0.49 -28.65 -14.99
N PRO A 51 0.19 -29.31 -15.95
CA PRO A 51 -0.21 -30.65 -16.36
C PRO A 51 -0.60 -31.53 -15.16
N ASP A 52 0.34 -31.70 -14.22
CA ASP A 52 0.09 -32.49 -12.99
C ASP A 52 -0.71 -31.71 -11.96
N SER A 53 -2.02 -31.71 -12.18
CA SER A 53 -2.98 -31.05 -11.29
C SER A 53 -4.25 -31.88 -11.18
N ASP A 54 -4.54 -32.37 -9.98
CA ASP A 54 -5.74 -33.16 -9.71
C ASP A 54 -6.79 -32.28 -9.00
N VAL A 55 -6.66 -30.97 -9.21
CA VAL A 55 -7.56 -29.99 -8.62
C VAL A 55 -9.04 -30.37 -8.72
N SER A 56 -9.48 -30.81 -9.91
CA SER A 56 -10.86 -31.27 -10.09
C SER A 56 -11.54 -31.72 -8.78
N SER A 57 -11.03 -32.80 -8.20
CA SER A 57 -11.60 -33.38 -6.99
C SER A 57 -11.21 -32.60 -5.72
N SER A 58 -11.40 -31.27 -5.77
CA SER A 58 -11.21 -30.41 -4.58
C SER A 58 -12.05 -29.14 -4.75
N THR A 59 -12.37 -28.48 -3.63
CA THR A 59 -13.39 -27.42 -3.65
C THR A 59 -12.78 -26.02 -3.65
N PHE A 60 -12.23 -25.60 -2.52
CA PHE A 60 -11.54 -24.30 -2.44
C PHE A 60 -10.06 -24.52 -2.69
N VAL A 61 -9.40 -23.49 -3.19
CA VAL A 61 -8.06 -23.69 -3.69
C VAL A 61 -7.29 -22.37 -3.58
N GLU A 62 -5.98 -22.47 -3.35
CA GLU A 62 -5.15 -21.25 -3.37
C GLU A 62 -4.03 -21.28 -4.39
N VAL A 63 -4.20 -20.43 -5.40
CA VAL A 63 -3.31 -20.40 -6.54
C VAL A 63 -2.27 -19.29 -6.42
N THR A 64 -1.01 -19.69 -6.58
CA THR A 64 0.06 -18.71 -6.67
C THR A 64 0.46 -18.56 -8.17
N GLY A 65 0.19 -17.41 -8.75
CA GLY A 65 0.32 -17.37 -10.17
C GLY A 65 0.91 -16.14 -10.78
N LYS A 66 0.86 -16.12 -12.10
CA LYS A 66 1.21 -14.94 -12.82
C LYS A 66 -0.06 -14.44 -13.51
N VAL A 67 -0.37 -13.18 -13.27
CA VAL A 67 -1.36 -12.47 -14.04
C VAL A 67 -0.75 -12.32 -15.41
N SER A 68 -1.56 -12.58 -16.42
CA SER A 68 -1.11 -12.65 -17.80
C SER A 68 -1.68 -11.44 -18.54
N ASP A 69 -1.03 -11.02 -19.63
CA ASP A 69 -1.45 -9.78 -20.28
C ASP A 69 -2.72 -9.93 -21.16
N ALA A 70 -3.87 -9.80 -20.47
CA ALA A 70 -5.21 -9.81 -21.06
C ALA A 70 -6.14 -9.07 -20.11
N GLY A 71 -6.02 -9.39 -18.83
CA GLY A 71 -6.80 -8.71 -17.79
C GLY A 71 -7.37 -9.62 -16.72
N SER A 72 -7.52 -10.91 -17.04
CA SER A 72 -8.24 -11.85 -16.17
C SER A 72 -7.85 -13.35 -16.23
N SER A 73 -6.73 -13.67 -16.89
CA SER A 73 -6.23 -15.07 -16.98
C SER A 73 -4.89 -15.26 -16.29
N PHE A 74 -4.46 -16.51 -16.11
CA PHE A 74 -3.58 -16.86 -15.01
C PHE A 74 -2.69 -18.10 -15.20
N GLN A 75 -1.37 -17.95 -15.11
CA GLN A 75 -0.50 -19.13 -15.15
C GLN A 75 -0.30 -19.60 -13.73
N ALA A 76 -0.56 -20.88 -13.46
CA ALA A 76 -0.38 -21.45 -12.12
C ALA A 76 1.11 -21.68 -11.84
N ASN A 77 1.64 -21.04 -10.81
CA ASN A 77 2.97 -21.41 -10.34
C ASN A 77 2.86 -22.61 -9.39
N GLN A 78 2.27 -22.40 -8.21
CA GLN A 78 1.89 -23.47 -7.27
C GLN A 78 0.40 -23.40 -6.86
N ILE A 79 -0.14 -24.48 -6.28
CA ILE A 79 -1.56 -24.53 -5.92
C ILE A 79 -1.81 -25.26 -4.59
N ARG A 80 -2.47 -24.58 -3.63
CA ARG A 80 -2.79 -25.19 -2.34
C ARG A 80 -4.26 -25.62 -2.25
N GLU A 81 -4.50 -26.78 -1.64
CA GLU A 81 -5.82 -27.36 -1.40
C GLU A 81 -6.39 -26.90 -0.05
N PHE A 82 -7.72 -26.80 0.08
CA PHE A 82 -8.34 -26.55 1.38
C PHE A 82 -9.46 -27.52 1.76
N THR A 83 -10.68 -27.17 1.34
CA THR A 83 -12.00 -27.64 1.87
C THR A 83 -12.16 -29.06 2.45
N THR A 84 -12.73 -29.94 1.62
CA THR A 84 -13.10 -31.31 1.97
C THR A 84 -13.62 -31.97 0.67
N VAL A 85 -13.88 -33.29 0.70
CA VAL A 85 -14.53 -33.98 -0.43
C VAL A 85 -15.92 -34.51 -0.06
N ASP A 90 -15.26 -25.91 3.84
CA ASP A 90 -15.91 -24.77 4.48
C ASP A 90 -14.95 -23.59 4.80
N VAL A 91 -14.09 -23.25 3.82
CA VAL A 91 -13.41 -21.94 3.74
C VAL A 91 -14.41 -20.79 3.74
N ASP A 92 -14.12 -19.73 4.49
CA ASP A 92 -15.03 -18.60 4.55
C ASP A 92 -14.61 -17.53 3.54
N LEU A 93 -15.32 -17.51 2.41
CA LEU A 93 -14.97 -16.62 1.30
C LEU A 93 -15.22 -15.15 1.60
N THR A 94 -16.19 -14.89 2.49
CA THR A 94 -16.48 -13.52 2.91
C THR A 94 -15.39 -12.98 3.81
N LEU A 95 -14.82 -13.86 4.64
CA LEU A 95 -13.68 -13.52 5.47
C LEU A 95 -12.49 -13.19 4.57
N VAL A 96 -12.31 -14.04 3.56
CA VAL A 96 -11.20 -13.87 2.61
C VAL A 96 -11.29 -12.53 1.93
N GLU A 97 -12.48 -12.17 1.48
CA GLU A 97 -12.65 -10.88 0.83
C GLU A 97 -12.18 -9.79 1.76
N ASN A 98 -12.52 -9.94 3.02
CA ASN A 98 -12.08 -8.97 4.01
C ASN A 98 -10.58 -8.98 4.28
N VAL A 99 -9.97 -10.16 4.32
CA VAL A 99 -8.55 -10.25 4.52
C VAL A 99 -7.86 -9.62 3.32
N VAL A 100 -8.39 -9.88 2.13
CA VAL A 100 -7.87 -9.20 0.94
C VAL A 100 -7.84 -7.70 1.17
N GLN A 101 -9.00 -7.12 1.48
CA GLN A 101 -9.11 -5.67 1.60
C GLN A 101 -8.27 -5.03 2.70
N ILE A 102 -8.15 -5.72 3.83
CA ILE A 102 -7.39 -5.23 4.99
C ILE A 102 -5.88 -5.32 4.78
N SER A 103 -5.42 -6.44 4.22
CA SER A 103 -4.05 -6.55 3.72
C SER A 103 -3.70 -5.47 2.71
N ALA A 104 -4.65 -5.10 1.86
CA ALA A 104 -4.46 -4.00 0.95
C ALA A 104 -4.30 -2.68 1.70
N ALA A 105 -4.92 -2.58 2.87
CA ALA A 105 -4.90 -1.36 3.64
C ALA A 105 -3.64 -1.22 4.46
N PHE A 106 -2.87 -2.30 4.57
CA PHE A 106 -1.67 -2.34 5.43
C PHE A 106 -0.43 -2.88 4.73
N PRO A 107 0.10 -2.09 3.78
CA PRO A 107 1.35 -2.43 3.11
C PRO A 107 2.51 -2.63 4.09
N ASN A 108 2.51 -1.86 5.18
CA ASN A 108 3.61 -1.95 6.12
C ASN A 108 3.73 -3.34 6.71
N LEU A 109 2.62 -4.08 6.77
CA LEU A 109 2.70 -5.47 7.24
C LEU A 109 2.75 -6.51 6.11
N PHE A 110 2.18 -6.19 4.95
CA PHE A 110 2.01 -7.21 3.93
C PHE A 110 2.77 -6.99 2.63
N SER A 111 3.77 -6.10 2.66
CA SER A 111 4.45 -5.72 1.43
C SER A 111 5.71 -4.90 1.68
N ASP A 112 6.31 -4.40 0.59
CA ASP A 112 7.43 -3.45 0.63
C ASP A 112 7.01 -1.97 0.65
N ASN B 7 6.17 -10.00 28.88
CA ASN B 7 6.69 -11.24 28.23
C ASN B 7 5.60 -11.86 27.33
N THR B 8 5.68 -11.62 26.02
CA THR B 8 4.53 -11.74 25.14
C THR B 8 4.75 -12.57 23.91
N LEU B 9 3.64 -12.93 23.24
CA LEU B 9 3.65 -13.78 22.05
C LEU B 9 2.93 -13.04 20.95
N ARG B 10 3.68 -12.55 19.98
CA ARG B 10 3.13 -11.57 19.09
C ARG B 10 2.87 -12.18 17.74
N PRO B 11 1.63 -12.04 17.25
CA PRO B 11 1.38 -12.52 15.90
C PRO B 11 2.08 -11.56 15.01
N VAL B 12 2.82 -12.09 14.06
CA VAL B 12 3.59 -11.23 13.18
C VAL B 12 3.52 -11.77 11.75
N THR B 13 3.78 -10.91 10.78
CA THR B 13 4.02 -11.38 9.43
C THR B 13 5.52 -11.49 9.26
N ILE B 14 5.96 -12.25 8.26
CA ILE B 14 7.41 -12.41 8.00
C ILE B 14 8.04 -11.06 7.65
N ARG B 15 7.29 -10.22 6.94
CA ARG B 15 7.72 -8.88 6.54
C ARG B 15 7.88 -7.98 7.75
N GLN B 16 7.08 -8.27 8.78
CA GLN B 16 7.25 -7.60 10.08
C GLN B 16 8.57 -8.05 10.65
N ILE B 17 8.76 -9.37 10.74
CA ILE B 17 10.00 -9.91 11.27
C ILE B 17 11.24 -9.19 10.67
N LEU B 18 11.39 -9.22 9.35
CA LEU B 18 12.50 -8.57 8.69
C LEU B 18 12.60 -7.06 8.94
N ASN B 19 11.46 -6.40 9.15
CA ASN B 19 11.50 -4.95 9.41
C ASN B 19 11.86 -4.55 10.85
N ALA B 20 11.72 -5.50 11.79
CA ALA B 20 11.99 -5.26 13.21
C ALA B 20 13.40 -4.73 13.37
N GLU B 21 13.57 -3.88 14.37
CA GLU B 21 14.84 -3.19 14.60
C GLU B 21 15.58 -3.88 15.71
N GLN B 22 16.90 -3.84 15.63
CA GLN B 22 17.79 -4.32 16.68
C GLN B 22 18.80 -3.23 17.00
N PRO B 23 18.48 -2.35 17.97
CA PRO B 23 19.21 -1.11 18.10
C PRO B 23 20.68 -1.38 18.36
N HIS B 24 21.33 -1.80 17.27
CA HIS B 24 22.74 -2.19 17.20
C HIS B 24 23.18 -3.37 18.06
N PRO B 25 23.93 -3.13 19.16
CA PRO B 25 24.78 -4.20 19.73
C PRO B 25 24.45 -5.63 19.27
N ASP B 26 23.73 -6.36 20.12
CA ASP B 26 23.28 -7.73 19.86
C ASP B 26 21.99 -7.87 20.66
N ALA B 27 21.44 -6.72 21.02
CA ALA B 27 20.31 -6.60 21.94
C ALA B 27 18.99 -7.14 21.36
N GLU B 28 17.92 -7.09 22.17
CA GLU B 28 16.60 -7.59 21.76
C GLU B 28 16.01 -6.68 20.70
N PHE B 29 15.47 -7.34 19.66
CA PHE B 29 14.79 -6.67 18.57
C PHE B 29 13.54 -5.97 19.08
N ILE B 30 13.16 -4.92 18.38
CA ILE B 30 11.98 -4.16 18.69
C ILE B 30 11.09 -4.27 17.46
N LEU B 31 9.79 -4.34 17.67
CA LEU B 31 8.82 -4.20 16.60
C LEU B 31 7.71 -3.32 17.13
N ASP B 32 7.59 -2.11 16.59
CA ASP B 32 6.62 -1.13 17.07
C ASP B 32 6.93 -0.73 18.50
N GLY B 33 8.10 -0.16 18.75
CA GLY B 33 8.46 0.34 20.08
C GLY B 33 8.12 -0.62 21.21
N ALA B 34 8.24 -1.91 20.93
CA ALA B 34 7.92 -2.98 21.87
C ALA B 34 8.85 -4.17 21.65
N GLU B 35 9.48 -4.63 22.73
CA GLU B 35 10.22 -5.88 22.78
C GLU B 35 9.58 -6.93 21.90
N LEU B 36 10.38 -7.58 21.06
CA LEU B 36 9.86 -8.69 20.25
C LEU B 36 10.49 -10.01 20.71
N GLY B 37 9.83 -10.65 21.67
CA GLY B 37 10.33 -11.91 22.22
C GLY B 37 9.83 -13.07 21.41
N GLN B 38 8.98 -13.89 22.05
CA GLN B 38 8.33 -15.02 21.39
C GLN B 38 7.29 -14.51 20.43
N LEU B 39 7.22 -15.12 19.26
CA LEU B 39 6.30 -14.66 18.21
C LEU B 39 5.70 -15.82 17.44
N THR B 40 4.65 -15.54 16.68
CA THR B 40 3.95 -16.58 15.93
C THR B 40 3.55 -16.11 14.56
N PHE B 41 3.39 -17.08 13.67
CA PHE B 41 2.96 -16.82 12.31
C PHE B 41 2.65 -18.08 11.51
N VAL B 42 1.99 -17.85 10.37
CA VAL B 42 1.56 -18.89 9.45
C VAL B 42 2.22 -18.65 8.09
N ALA B 43 2.82 -19.69 7.53
CA ALA B 43 3.48 -19.61 6.22
C ALA B 43 3.47 -21.00 5.57
N VAL B 44 3.94 -21.07 4.32
CA VAL B 44 3.98 -22.33 3.56
C VAL B 44 5.41 -22.80 3.56
N VAL B 45 5.59 -24.11 3.48
CA VAL B 45 6.93 -24.70 3.52
C VAL B 45 7.43 -24.84 2.09
N ARG B 46 8.55 -24.19 1.78
CA ARG B 46 8.99 -24.10 0.40
C ARG B 46 10.17 -24.98 0.14
N ASN B 47 11.12 -25.00 1.08
CA ASN B 47 12.28 -25.90 1.01
C ASN B 47 12.49 -26.56 2.37
N ILE B 48 13.01 -27.80 2.38
CA ILE B 48 13.35 -28.46 3.64
C ILE B 48 14.74 -29.02 3.57
N SER B 49 15.63 -28.55 4.43
CA SER B 49 16.94 -29.16 4.57
C SER B 49 17.01 -29.80 5.95
N ARG B 50 17.61 -30.99 6.01
CA ARG B 50 17.80 -31.69 7.27
C ARG B 50 19.28 -31.82 7.59
N ASN B 51 19.60 -31.54 8.85
CA ASN B 51 20.94 -31.66 9.35
C ASN B 51 20.82 -32.56 10.57
N ALA B 52 21.94 -33.15 10.99
CA ALA B 52 21.94 -34.07 12.13
C ALA B 52 21.49 -33.35 13.40
N THR B 53 21.95 -32.11 13.55
CA THR B 53 21.56 -31.22 14.65
C THR B 53 20.09 -30.76 14.57
N ASN B 54 19.76 -30.06 13.48
CA ASN B 54 18.51 -29.33 13.35
C ASN B 54 17.80 -29.62 12.04
N VAL B 55 16.67 -28.98 11.81
CA VAL B 55 15.96 -29.05 10.53
C VAL B 55 15.59 -27.64 10.11
N ALA B 56 16.16 -27.16 9.01
CA ALA B 56 15.84 -25.81 8.50
C ALA B 56 14.84 -25.84 7.36
N TYR B 57 13.71 -25.18 7.60
CA TYR B 57 12.65 -25.05 6.60
C TYR B 57 12.70 -23.65 5.99
N SER B 58 12.46 -23.58 4.69
CA SER B 58 12.43 -22.32 3.97
C SER B 58 10.98 -21.93 3.86
N VAL B 59 10.68 -20.73 4.32
CA VAL B 59 9.31 -20.43 4.66
C VAL B 59 8.81 -19.05 4.20
N GLU B 60 7.64 -19.08 3.55
CA GLU B 60 7.05 -17.91 2.94
C GLU B 60 5.54 -17.81 3.16
N ASP B 61 5.11 -16.57 3.45
CA ASP B 61 3.73 -16.24 3.80
C ASP B 61 3.09 -15.21 2.87
N GLY B 62 3.68 -15.07 1.69
CA GLY B 62 3.28 -14.03 0.74
C GLY B 62 3.82 -12.65 1.06
N THR B 63 4.36 -12.44 2.25
CA THR B 63 4.91 -11.14 2.59
C THR B 63 6.43 -11.08 2.49
N GLY B 64 7.06 -12.25 2.39
CA GLY B 64 8.52 -12.36 2.41
C GLY B 64 8.84 -13.79 2.75
N GLN B 65 10.12 -14.14 2.78
CA GLN B 65 10.53 -15.49 3.19
C GLN B 65 11.63 -15.46 4.25
N ILE B 66 11.56 -16.42 5.15
CA ILE B 66 12.55 -16.52 6.21
C ILE B 66 12.85 -17.99 6.47
N GLU B 67 14.02 -18.24 7.08
CA GLU B 67 14.39 -19.58 7.54
C GLU B 67 13.90 -19.79 8.94
N VAL B 68 13.38 -20.99 9.16
CA VAL B 68 13.10 -21.45 10.52
C VAL B 68 13.71 -22.83 10.72
N ARG B 69 14.53 -22.95 11.75
CA ARG B 69 15.13 -24.21 12.08
C ARG B 69 14.61 -24.64 13.43
N GLN B 70 14.21 -25.89 13.54
CA GLN B 70 13.84 -26.47 14.82
C GLN B 70 14.84 -27.54 15.22
N TRP B 71 14.85 -27.92 16.50
CA TRP B 71 15.96 -28.70 17.02
C TRP B 71 15.63 -30.13 17.42
N LEU B 72 16.45 -31.05 16.91
CA LEU B 72 16.33 -32.48 17.20
C LEU B 72 17.22 -32.83 18.39
N ASP B 73 16.79 -33.79 19.20
CA ASP B 73 17.51 -34.14 20.43
C ASP B 73 17.69 -35.65 20.64
N ALA B 82 8.27 -35.16 12.67
CA ALA B 82 7.47 -34.16 11.96
C ALA B 82 7.63 -34.30 10.44
N SER B 83 7.45 -35.53 9.95
CA SER B 83 7.45 -35.82 8.51
C SER B 83 6.09 -35.51 7.86
N GLU B 84 5.06 -35.38 8.69
CA GLU B 84 3.72 -34.91 8.30
C GLU B 84 3.79 -33.68 7.43
N ILE B 85 4.51 -32.66 7.90
CA ILE B 85 4.75 -31.41 7.19
C ILE B 85 5.53 -31.68 5.89
N ARG B 86 5.22 -30.92 4.85
CA ARG B 86 5.73 -31.17 3.50
C ARG B 86 5.81 -29.88 2.70
N ASN B 87 6.69 -29.86 1.69
CA ASN B 87 6.73 -28.75 0.75
C ASN B 87 5.34 -28.39 0.28
N ASN B 88 5.03 -27.10 0.29
CA ASN B 88 3.74 -26.57 -0.20
C ASN B 88 2.53 -26.87 0.70
N VAL B 89 2.75 -26.83 2.01
CA VAL B 89 1.73 -27.09 3.01
C VAL B 89 1.83 -25.97 4.04
N TYR B 90 0.71 -25.38 4.43
CA TYR B 90 0.71 -24.33 5.45
C TYR B 90 1.13 -24.80 6.87
N VAL B 91 1.82 -23.93 7.60
CA VAL B 91 2.36 -24.29 8.93
C VAL B 91 2.26 -23.17 9.99
N ARG B 92 1.80 -23.51 11.19
CA ARG B 92 1.85 -22.57 12.28
C ARG B 92 3.23 -22.56 12.92
N VAL B 93 3.82 -21.39 13.08
CA VAL B 93 5.16 -21.32 13.64
C VAL B 93 5.18 -20.58 14.97
N LEU B 94 5.84 -21.18 15.95
CA LEU B 94 6.00 -20.60 17.28
C LEU B 94 7.48 -20.57 17.62
N GLY B 95 8.09 -19.38 17.57
CA GLY B 95 9.55 -19.28 17.74
C GLY B 95 10.08 -17.99 18.34
N THR B 96 11.36 -17.70 18.07
CA THR B 96 12.04 -16.47 18.50
C THR B 96 13.00 -15.98 17.44
N LEU B 97 12.99 -14.67 17.20
CA LEU B 97 13.86 -14.08 16.19
C LEU B 97 15.30 -14.01 16.64
N LYS B 98 16.17 -14.71 15.92
CA LYS B 98 17.60 -14.59 16.11
C LYS B 98 18.22 -14.09 14.81
N SER B 99 19.14 -13.13 14.94
CA SER B 99 19.98 -12.74 13.82
C SER B 99 21.41 -13.13 14.14
N PHE B 100 21.90 -14.11 13.39
CA PHE B 100 23.32 -14.45 13.40
C PHE B 100 23.95 -13.82 12.16
N GLN B 101 25.01 -13.05 12.36
CA GLN B 101 25.82 -12.47 11.28
C GLN B 101 25.00 -11.78 10.20
N ASN B 102 24.07 -10.91 10.60
CA ASN B 102 23.15 -10.19 9.69
C ASN B 102 21.98 -11.04 9.19
N ARG B 103 22.19 -12.35 9.02
CA ARG B 103 21.12 -13.30 8.63
C ARG B 103 20.04 -13.42 9.71
N ARG B 104 18.77 -13.29 9.33
CA ARG B 104 17.67 -13.44 10.29
C ARG B 104 16.91 -14.76 10.20
N SER B 105 16.64 -15.33 11.36
CA SER B 105 16.00 -16.63 11.41
C SER B 105 15.20 -16.82 12.67
N ILE B 106 14.32 -17.81 12.66
CA ILE B 106 13.46 -18.09 13.80
C ILE B 106 13.85 -19.43 14.37
N SER B 107 13.89 -19.51 15.70
CA SER B 107 14.19 -20.78 16.37
C SER B 107 12.88 -21.43 16.84
N SER B 108 12.39 -22.39 16.08
CA SER B 108 11.11 -22.97 16.41
C SER B 108 11.20 -24.19 17.32
N GLY B 109 10.55 -24.09 18.48
CA GLY B 109 10.31 -25.24 19.31
C GLY B 109 9.04 -25.88 18.82
N HIS B 110 8.19 -25.06 18.20
CA HIS B 110 6.87 -25.52 17.78
C HIS B 110 6.53 -25.19 16.36
N MET B 111 6.21 -26.23 15.60
CA MET B 111 5.74 -26.08 14.25
C MET B 111 4.69 -27.11 13.91
N ARG B 112 3.60 -26.65 13.31
CA ARG B 112 2.42 -27.47 13.12
C ARG B 112 1.76 -27.18 11.76
N PRO B 113 1.16 -28.19 11.13
CA PRO B 113 0.38 -27.95 9.94
C PRO B 113 -0.87 -27.15 10.32
N VAL B 114 -1.27 -26.24 9.44
CA VAL B 114 -2.41 -25.36 9.72
C VAL B 114 -3.73 -26.13 9.72
N ILE B 115 -4.62 -25.78 10.65
CA ILE B 115 -5.90 -26.49 10.87
C ILE B 115 -6.80 -26.59 9.63
N ASP B 116 -7.31 -25.44 9.22
CA ASP B 116 -8.02 -25.23 7.97
C ASP B 116 -7.47 -23.91 7.44
N TYR B 117 -7.76 -23.64 6.18
CA TYR B 117 -7.22 -22.47 5.52
C TYR B 117 -7.63 -21.26 6.29
N ASN B 118 -8.89 -21.24 6.74
CA ASN B 118 -9.41 -20.12 7.51
C ASN B 118 -8.49 -19.55 8.57
N GLU B 119 -7.57 -20.37 9.09
CA GLU B 119 -6.61 -19.92 10.09
C GLU B 119 -5.54 -19.01 9.46
N VAL B 120 -5.06 -19.40 8.28
CA VAL B 120 -4.22 -18.53 7.47
C VAL B 120 -4.84 -17.14 7.47
N MET B 121 -6.09 -17.06 7.01
CA MET B 121 -6.83 -15.81 7.03
C MET B 121 -6.81 -15.22 8.42
N PHE B 122 -7.26 -15.97 9.41
CA PHE B 122 -7.36 -15.46 10.76
C PHE B 122 -6.06 -14.80 11.14
N HIS B 123 -4.95 -15.44 10.81
CA HIS B 123 -3.68 -14.96 11.28
C HIS B 123 -3.34 -13.59 10.78
N ARG B 124 -3.47 -13.36 9.48
CA ARG B 124 -3.25 -12.03 8.90
C ARG B 124 -3.97 -10.96 9.70
N LEU B 125 -5.21 -11.24 10.07
CA LEU B 125 -5.99 -10.28 10.84
C LEU B 125 -5.42 -10.10 12.25
N GLU B 126 -5.23 -11.22 12.97
CA GLU B 126 -4.58 -11.22 14.27
C GLU B 126 -3.29 -10.37 14.24
N ALA B 127 -2.58 -10.44 13.12
CA ALA B 127 -1.41 -9.66 12.88
C ALA B 127 -1.70 -8.16 12.79
N VAL B 128 -2.67 -7.79 12.00
CA VAL B 128 -3.00 -6.38 11.88
C VAL B 128 -3.44 -5.84 13.24
N HIS B 129 -4.40 -6.55 13.86
CA HIS B 129 -5.03 -6.15 15.14
C HIS B 129 -4.05 -6.00 16.27
N ALA B 130 -3.04 -6.87 16.33
CA ALA B 130 -2.07 -6.79 17.40
C ALA B 130 -1.25 -5.55 17.17
N HIS B 131 -0.86 -5.36 15.92
CA HIS B 131 -0.03 -4.25 15.53
C HIS B 131 -0.71 -2.96 15.85
N LEU B 132 -1.99 -2.88 15.51
CA LEU B 132 -2.79 -1.69 15.78
C LEU B 132 -2.84 -1.31 17.26
N GLN B 133 -2.75 -2.31 18.12
CA GLN B 133 -2.96 -2.09 19.53
C GLN B 133 -1.71 -1.67 20.25
N VAL B 134 -0.56 -2.07 19.72
CA VAL B 134 0.73 -1.57 20.19
C VAL B 134 0.96 -0.12 19.70
N THR B 135 0.39 0.19 18.55
CA THR B 135 0.58 1.46 17.86
C THR B 135 -0.45 2.48 18.32
N ARG B 136 -1.72 2.18 18.01
CA ARG B 136 -2.89 3.08 18.14
C ARG B 136 -3.27 3.78 16.83
N ILE C 3 -28.87 23.00 0.53
CA ILE C 3 -29.34 21.75 1.22
C ILE C 3 -28.69 20.50 0.65
N TYR C 4 -27.67 20.02 1.34
CA TYR C 4 -26.96 18.81 0.95
C TYR C 4 -27.61 17.61 1.64
N PRO C 5 -27.59 16.45 0.98
CA PRO C 5 -27.87 15.28 1.77
C PRO C 5 -26.68 15.04 2.65
N ILE C 6 -26.90 14.46 3.81
CA ILE C 6 -25.83 14.07 4.76
C ILE C 6 -24.67 13.41 4.02
N GLU C 7 -25.01 12.40 3.23
CA GLU C 7 -24.06 11.66 2.44
C GLU C 7 -23.07 12.52 1.65
N GLY C 8 -23.57 13.51 0.92
CA GLY C 8 -22.71 14.39 0.11
C GLY C 8 -21.81 15.36 0.85
N LEU C 9 -21.83 15.34 2.18
CA LEU C 9 -20.94 16.15 2.99
C LEU C 9 -19.51 15.65 2.94
N SER C 10 -18.58 16.58 2.73
CA SER C 10 -17.18 16.25 2.71
C SER C 10 -16.42 17.42 3.31
N PRO C 11 -15.10 17.27 3.54
CA PRO C 11 -14.31 18.45 3.87
C PRO C 11 -13.94 19.19 2.61
N TYR C 12 -14.32 18.67 1.45
CA TYR C 12 -13.94 19.30 0.21
C TYR C 12 -14.90 20.45 -0.13
N GLN C 13 -15.92 20.60 0.70
CA GLN C 13 -17.03 21.50 0.46
C GLN C 13 -17.40 22.22 1.76
N ASN C 14 -17.24 23.55 1.77
CA ASN C 14 -17.43 24.37 2.99
C ASN C 14 -18.81 25.00 3.17
N ARG C 15 -19.36 25.60 2.12
CA ARG C 15 -20.74 26.05 2.10
C ARG C 15 -21.67 24.82 2.04
N TRP C 16 -22.46 24.63 3.09
CA TRP C 16 -23.48 23.59 3.08
C TRP C 16 -24.47 23.65 4.20
N THR C 17 -25.66 23.12 3.92
CA THR C 17 -26.68 22.93 4.94
C THR C 17 -27.30 21.53 4.90
N ILE C 18 -27.25 20.82 6.03
CA ILE C 18 -28.05 19.61 6.17
C ILE C 18 -29.39 19.88 6.87
N LYS C 19 -30.29 18.91 6.79
CA LYS C 19 -31.63 19.03 7.33
C LYS C 19 -31.97 17.64 7.86
N ALA C 20 -31.48 17.38 9.07
CA ALA C 20 -31.46 16.02 9.62
C ALA C 20 -32.18 15.93 10.96
N ARG C 21 -32.70 14.76 11.30
CA ARG C 21 -33.34 14.58 12.61
C ARG C 21 -32.46 13.81 13.59
N VAL C 22 -32.12 14.47 14.69
CA VAL C 22 -31.37 13.86 15.80
C VAL C 22 -32.00 12.53 16.21
N THR C 23 -31.23 11.46 16.25
CA THR C 23 -31.84 10.19 16.58
C THR C 23 -31.34 9.71 17.91
N SER C 24 -30.38 10.44 18.46
CA SER C 24 -29.80 10.10 19.76
C SER C 24 -28.95 11.27 20.23
N LYS C 25 -28.92 11.46 21.55
CA LYS C 25 -28.09 12.50 22.10
C LYS C 25 -27.29 12.02 23.28
N SER C 26 -26.03 12.43 23.33
CA SER C 26 -25.17 12.13 24.45
C SER C 26 -25.51 13.00 25.66
N ASP C 27 -25.04 12.56 26.83
CA ASP C 27 -24.95 13.40 27.99
C ASP C 27 -23.94 14.47 27.67
N ILE C 28 -23.75 15.39 28.60
CA ILE C 28 -22.61 16.27 28.51
C ILE C 28 -21.49 15.50 29.20
N ARG C 29 -20.46 15.17 28.45
CA ARG C 29 -19.34 14.44 28.99
C ARG C 29 -18.19 15.41 29.23
N HIS C 30 -17.68 15.38 30.46
CA HIS C 30 -16.52 16.17 30.84
C HIS C 30 -15.32 15.27 30.73
N TRP C 31 -14.15 15.83 31.02
CA TRP C 31 -12.89 15.07 31.09
C TRP C 31 -11.83 15.91 31.78
N SER C 32 -10.91 15.23 32.45
CA SER C 32 -9.78 15.89 33.07
C SER C 32 -8.53 15.16 32.66
N ASN C 33 -7.56 15.90 32.11
CA ASN C 33 -6.23 15.33 31.78
C ASN C 33 -5.05 16.31 31.90
N GLN C 34 -3.97 16.01 31.18
CA GLN C 34 -2.70 16.72 31.31
C GLN C 34 -2.74 18.11 30.64
N ARG C 35 -3.12 18.15 29.37
CA ARG C 35 -3.15 19.41 28.61
C ARG C 35 -4.49 20.12 28.67
N GLY C 36 -5.58 19.35 28.60
CA GLY C 36 -6.92 19.92 28.55
C GLY C 36 -7.83 19.61 29.72
N GLU C 37 -9.03 20.19 29.67
CA GLU C 37 -10.13 19.95 30.61
C GLU C 37 -11.33 20.71 30.05
N GLY C 38 -12.46 20.04 29.87
CA GLY C 38 -13.62 20.73 29.33
C GLY C 38 -14.89 19.91 29.26
N LYS C 39 -15.58 20.03 28.13
CA LYS C 39 -16.83 19.31 27.90
C LYS C 39 -17.11 19.10 26.41
N LEU C 40 -17.52 17.88 26.06
CA LEU C 40 -18.02 17.57 24.72
C LEU C 40 -19.46 17.10 24.86
N PHE C 41 -20.18 17.06 23.75
CA PHE C 41 -21.42 16.28 23.64
C PHE C 41 -21.63 15.94 22.17
N SER C 42 -22.27 14.82 21.90
CA SER C 42 -22.54 14.42 20.54
C SER C 42 -23.99 14.04 20.29
N VAL C 43 -24.27 13.62 19.06
CA VAL C 43 -25.62 13.52 18.59
C VAL C 43 -25.58 12.83 17.22
N ASN C 44 -26.61 12.05 16.88
CA ASN C 44 -26.60 11.25 15.66
C ASN C 44 -27.66 11.73 14.68
N LEU C 45 -27.23 12.08 13.47
CA LEU C 45 -28.18 12.64 12.50
C LEU C 45 -28.75 11.62 11.49
N LEU C 46 -29.94 11.91 10.99
CA LEU C 46 -30.59 11.09 9.98
C LEU C 46 -31.15 11.95 8.90
N ASP C 47 -30.95 11.53 7.65
CA ASP C 47 -31.79 12.04 6.55
C ASP C 47 -32.15 10.93 5.55
N ASP C 48 -32.76 11.29 4.42
CA ASP C 48 -33.03 10.31 3.35
C ASP C 48 -31.72 9.60 3.02
N SER C 49 -30.67 10.37 2.85
CA SER C 49 -29.45 9.87 2.28
C SER C 49 -28.61 9.00 3.19
N GLY C 50 -28.72 9.21 4.49
CA GLY C 50 -27.81 8.53 5.42
C GLY C 50 -27.66 9.14 6.80
N GLU C 51 -26.70 8.58 7.55
CA GLU C 51 -26.46 8.95 8.95
C GLU C 51 -25.09 9.59 9.14
N ILE C 52 -24.98 10.49 10.12
CA ILE C 52 -23.70 11.11 10.48
C ILE C 52 -23.73 11.57 11.95
N LYS C 53 -22.66 11.28 12.68
CA LYS C 53 -22.48 11.86 14.01
C LYS C 53 -21.96 13.32 13.95
N ALA C 54 -22.30 14.09 14.98
CA ALA C 54 -21.94 15.48 15.05
C ALA C 54 -21.63 15.75 16.50
N THR C 55 -20.61 16.55 16.75
CA THR C 55 -20.13 16.74 18.10
C THR C 55 -19.89 18.21 18.35
N GLY C 56 -20.27 18.65 19.53
CA GLY C 56 -19.94 19.99 20.01
C GLY C 56 -19.02 19.93 21.19
N PHE C 57 -18.02 20.81 21.19
CA PHE C 57 -17.10 20.96 22.31
C PHE C 57 -17.36 22.26 23.10
N ASN C 58 -17.07 22.20 24.40
CA ASN C 58 -17.10 23.37 25.29
C ASN C 58 -18.21 24.43 25.06
N ASP C 59 -17.96 25.41 24.20
CA ASP C 59 -18.88 26.55 24.01
C ASP C 59 -20.09 26.24 23.15
N ALA C 60 -20.01 25.16 22.38
CA ALA C 60 -21.12 24.70 21.54
C ALA C 60 -22.06 23.77 22.33
N VAL C 61 -21.62 23.36 23.51
CA VAL C 61 -22.47 22.61 24.42
C VAL C 61 -23.47 23.61 24.98
N ASP C 62 -22.96 24.77 25.39
CA ASP C 62 -23.82 25.84 25.86
C ASP C 62 -24.82 26.25 24.78
N ARG C 63 -24.32 26.63 23.61
CA ARG C 63 -25.16 27.14 22.54
C ARG C 63 -26.14 26.09 21.99
N PHE C 64 -25.77 24.82 22.04
CA PHE C 64 -26.53 23.84 21.28
C PHE C 64 -27.16 22.67 22.03
N TYR C 65 -26.62 22.32 23.20
CA TYR C 65 -27.18 21.21 23.97
C TYR C 65 -28.66 21.40 24.27
N PRO C 66 -29.04 22.60 24.74
CA PRO C 66 -30.44 22.91 24.97
C PRO C 66 -31.30 22.79 23.72
N LEU C 67 -30.82 23.36 22.60
CA LEU C 67 -31.58 23.41 21.33
C LEU C 67 -31.85 22.06 20.64
N LEU C 68 -30.83 21.22 20.53
CA LEU C 68 -30.99 19.94 19.86
C LEU C 68 -31.51 18.88 20.82
N GLN C 69 -32.73 18.41 20.54
CA GLN C 69 -33.42 17.38 21.33
C GLN C 69 -33.73 16.18 20.42
N GLU C 70 -33.86 14.97 20.99
CA GLU C 70 -34.00 13.79 20.13
C GLU C 70 -35.34 13.65 19.44
N ASN C 71 -35.28 13.15 18.20
CA ASN C 71 -36.40 12.97 17.29
C ASN C 71 -36.97 14.23 16.60
N HIS C 72 -36.41 15.40 16.89
CA HIS C 72 -36.75 16.63 16.17
C HIS C 72 -35.83 16.89 14.99
N VAL C 73 -36.35 17.57 13.96
CA VAL C 73 -35.61 17.79 12.72
C VAL C 73 -35.07 19.20 12.67
N TYR C 74 -33.75 19.32 12.52
CA TYR C 74 -33.09 20.62 12.46
C TYR C 74 -32.38 20.93 11.13
N LEU C 75 -32.17 22.23 10.89
CA LEU C 75 -31.32 22.68 9.84
C LEU C 75 -29.96 22.93 10.49
N ILE C 76 -28.89 22.33 9.98
CA ILE C 76 -27.51 22.61 10.44
C ILE C 76 -26.62 23.22 9.36
N SER C 77 -25.83 24.22 9.71
CA SER C 77 -25.12 24.98 8.69
C SER C 77 -23.83 25.60 9.21
N LYS C 78 -22.79 25.54 8.40
CA LYS C 78 -21.48 26.10 8.74
C LYS C 78 -20.82 25.44 9.96
N ALA C 79 -20.65 24.12 9.87
CA ALA C 79 -19.87 23.31 10.78
C ALA C 79 -18.67 22.68 10.04
N ARG C 80 -17.75 22.05 10.76
CA ARG C 80 -16.59 21.36 10.17
C ARG C 80 -16.93 19.89 9.99
N VAL C 81 -16.37 19.29 8.94
CA VAL C 81 -16.54 17.85 8.67
C VAL C 81 -15.18 17.21 8.83
N ASN C 82 -15.07 16.37 9.84
CA ASN C 82 -13.83 15.69 10.16
C ASN C 82 -13.83 14.20 9.84
N ILE C 83 -12.70 13.54 10.03
CA ILE C 83 -12.66 12.10 9.86
C ILE C 83 -13.27 11.46 11.09
N ALA C 84 -14.16 10.49 10.88
CA ALA C 84 -14.84 9.82 12.00
C ALA C 84 -13.84 9.10 12.85
N LYS C 85 -14.00 9.21 14.17
CA LYS C 85 -13.25 8.35 15.08
C LYS C 85 -14.16 7.16 15.38
N LYS C 86 -13.95 6.07 14.66
CA LYS C 86 -14.91 4.98 14.60
C LYS C 86 -14.91 4.09 15.82
N GLN C 87 -13.86 4.17 16.62
CA GLN C 87 -13.83 3.53 17.94
C GLN C 87 -14.89 4.15 18.90
N PHE C 88 -15.20 5.43 18.71
CA PHE C 88 -16.16 6.18 19.49
C PHE C 88 -17.41 6.48 18.63
N SER C 89 -17.98 5.45 18.02
CA SER C 89 -19.21 5.58 17.23
C SER C 89 -19.75 4.26 16.71
N ASN C 90 -21.04 4.27 16.41
CA ASN C 90 -21.75 3.11 15.85
C ASN C 90 -21.83 3.19 14.33
N LEU C 91 -22.06 4.40 13.85
CA LEU C 91 -22.20 4.68 12.42
C LEU C 91 -21.00 4.26 11.53
N GLN C 92 -21.30 3.88 10.28
CA GLN C 92 -20.27 3.41 9.37
C GLN C 92 -19.65 4.57 8.59
N ASN C 93 -20.18 5.78 8.75
CA ASN C 93 -19.70 6.93 8.01
C ASN C 93 -18.20 7.19 8.20
N GLU C 94 -17.53 7.46 7.08
CA GLU C 94 -16.11 7.87 7.00
C GLU C 94 -15.88 9.20 7.72
N TYR C 95 -16.92 10.04 7.76
CA TYR C 95 -16.84 11.39 8.35
C TYR C 95 -17.76 11.64 9.52
N GLU C 96 -17.44 12.65 10.30
CA GLU C 96 -18.43 13.23 11.18
C GLU C 96 -18.35 14.77 11.12
N ILE C 97 -19.19 15.43 11.92
CA ILE C 97 -19.29 16.87 11.97
C ILE C 97 -18.83 17.32 13.34
N THR C 98 -18.15 18.46 13.37
CA THR C 98 -17.88 19.19 14.62
C THR C 98 -18.44 20.60 14.53
N PHE C 99 -19.14 21.06 15.57
CA PHE C 99 -19.80 22.36 15.54
C PHE C 99 -18.76 23.39 15.93
N GLU C 100 -18.65 24.44 15.11
CA GLU C 100 -17.71 25.55 15.39
C GLU C 100 -18.44 26.81 15.84
N ASN C 101 -17.70 27.91 16.00
CA ASN C 101 -18.29 29.14 16.50
C ASN C 101 -19.07 29.95 15.46
N SER C 102 -19.25 29.35 14.29
CA SER C 102 -20.10 29.94 13.29
C SER C 102 -21.35 29.09 13.06
N THR C 103 -21.38 27.89 13.63
CA THR C 103 -22.42 26.88 13.35
C THR C 103 -23.85 27.36 13.60
N GLU C 104 -24.65 27.47 12.54
CA GLU C 104 -26.06 27.86 12.62
C GLU C 104 -27.00 26.65 12.80
N ILE C 105 -27.89 26.72 13.77
CA ILE C 105 -28.91 25.67 13.91
C ILE C 105 -30.29 26.27 14.15
N GLU C 106 -31.20 26.00 13.23
CA GLU C 106 -32.62 26.31 13.38
C GLU C 106 -33.46 25.04 13.20
N GLU C 107 -34.63 25.00 13.85
CA GLU C 107 -35.51 23.83 13.75
C GLU C 107 -36.44 23.95 12.53
N CYS C 108 -36.43 22.96 11.61
CA CYS C 108 -37.42 22.98 10.49
C CYS C 108 -38.75 22.37 10.95
N THR C 109 -39.81 23.09 10.63
CA THR C 109 -41.18 22.66 10.89
C THR C 109 -41.63 21.81 9.68
N ASP C 110 -40.64 21.38 8.88
CA ASP C 110 -40.86 20.48 7.75
C ASP C 110 -40.09 19.18 7.89
N ALA C 111 -40.79 18.17 8.38
CA ALA C 111 -40.19 16.92 8.81
C ALA C 111 -40.56 15.77 7.89
N THR C 112 -41.24 16.09 6.79
CA THR C 112 -41.89 15.07 5.97
C THR C 112 -41.00 14.52 4.85
N ASP C 113 -39.92 15.24 4.58
CA ASP C 113 -38.94 14.80 3.62
C ASP C 113 -38.06 13.83 4.39
N VAL C 114 -37.85 14.18 5.65
CA VAL C 114 -36.92 13.54 6.58
C VAL C 114 -37.54 12.29 7.17
N PRO C 115 -36.94 11.10 6.91
CA PRO C 115 -37.50 9.82 7.38
C PRO C 115 -37.60 9.79 8.90
N GLU C 116 -38.50 8.96 9.46
CA GLU C 116 -38.56 8.81 10.92
C GLU C 116 -37.91 7.50 11.37
N VAL C 117 -37.38 7.48 12.59
CA VAL C 117 -36.73 6.27 13.14
C VAL C 117 -37.62 5.02 13.17
N LYS C 118 -37.44 4.19 12.17
CA LYS C 118 -38.17 2.95 12.08
C LYS C 118 -37.68 1.96 13.15
N TYR C 119 -38.56 1.65 14.07
CA TYR C 119 -38.28 0.66 15.08
C TYR C 119 -38.40 -0.73 14.47
N GLU C 120 -37.43 -1.59 14.77
CA GLU C 120 -37.56 -3.02 14.49
C GLU C 120 -37.68 -3.72 15.83
N PHE C 121 -38.90 -3.78 16.34
CA PHE C 121 -39.13 -4.35 17.66
C PHE C 121 -39.00 -5.86 17.68
N VAL C 122 -38.46 -6.36 18.78
CA VAL C 122 -38.38 -7.78 19.10
C VAL C 122 -39.40 -8.06 20.21
N ARG C 123 -40.20 -9.10 20.03
CA ARG C 123 -41.09 -9.56 21.09
C ARG C 123 -40.20 -10.10 22.20
N ILE C 124 -40.52 -9.78 23.45
CA ILE C 124 -39.77 -10.26 24.61
C ILE C 124 -39.48 -11.77 24.53
N ASN C 125 -40.48 -12.54 24.11
CA ASN C 125 -40.33 -13.98 23.99
C ASN C 125 -39.45 -14.42 22.81
N GLU C 126 -38.93 -13.45 22.05
CA GLU C 126 -38.07 -13.75 20.91
C GLU C 126 -36.62 -13.30 21.14
N LEU C 127 -36.39 -12.64 22.27
CA LEU C 127 -35.08 -12.08 22.61
C LEU C 127 -33.95 -13.12 22.68
N GLU C 128 -34.33 -14.36 22.98
CA GLU C 128 -33.38 -15.45 23.07
C GLU C 128 -32.85 -15.89 21.71
N SER C 129 -33.47 -15.41 20.64
CA SER C 129 -32.99 -15.68 19.27
C SER C 129 -31.91 -14.68 18.83
N VAL C 130 -31.82 -13.55 19.53
CA VAL C 130 -30.78 -12.55 19.28
C VAL C 130 -29.57 -12.80 20.19
N GLU C 131 -28.39 -12.82 19.57
CA GLU C 131 -27.13 -13.15 20.23
C GLU C 131 -26.52 -11.97 21.00
N ALA C 132 -25.94 -12.29 22.17
CA ALA C 132 -25.38 -11.31 23.10
C ALA C 132 -24.39 -10.30 22.49
N ASN C 133 -24.29 -9.14 23.15
CA ASN C 133 -23.57 -7.98 22.63
C ASN C 133 -24.04 -7.59 21.23
N GLN C 134 -25.31 -7.20 21.14
CA GLN C 134 -25.94 -6.76 19.89
C GLN C 134 -27.04 -5.72 20.11
N GLN C 135 -27.17 -4.78 19.17
CA GLN C 135 -28.19 -3.73 19.25
C GLN C 135 -29.56 -4.35 19.15
N CYS C 136 -30.58 -3.59 19.57
CA CYS C 136 -31.95 -4.09 19.55
C CYS C 136 -32.93 -2.99 19.89
N ASP C 137 -34.11 -3.03 19.27
CA ASP C 137 -35.20 -2.11 19.64
C ASP C 137 -36.29 -2.91 20.31
N VAL C 138 -36.68 -2.50 21.52
CA VAL C 138 -37.68 -3.27 22.27
C VAL C 138 -38.72 -2.42 22.96
N ILE C 139 -39.98 -2.86 22.89
CA ILE C 139 -41.10 -2.19 23.56
C ILE C 139 -41.83 -3.12 24.53
N GLY C 140 -42.59 -2.54 25.46
CA GLY C 140 -43.32 -3.31 26.48
C GLY C 140 -43.78 -2.50 27.67
N ILE C 141 -44.71 -3.08 28.43
CA ILE C 141 -45.22 -2.46 29.66
C ILE C 141 -44.17 -2.58 30.76
N LEU C 142 -43.81 -1.46 31.37
CA LEU C 142 -43.05 -1.49 32.61
C LEU C 142 -43.90 -2.12 33.68
N ASP C 143 -43.50 -3.30 34.14
CA ASP C 143 -44.10 -3.95 35.28
C ASP C 143 -43.76 -3.19 36.57
N SER C 144 -42.54 -3.40 37.06
CA SER C 144 -42.03 -2.65 38.20
C SER C 144 -40.59 -2.28 37.94
N TYR C 145 -40.03 -1.46 38.82
CA TYR C 145 -38.63 -1.07 38.73
C TYR C 145 -37.93 -1.18 40.08
N GLY C 146 -36.62 -1.41 40.05
CA GLY C 146 -35.81 -1.56 41.26
C GLY C 146 -35.31 -0.26 41.84
N GLU C 147 -34.69 -0.36 43.02
CA GLU C 147 -34.09 0.79 43.69
C GLU C 147 -32.77 1.18 42.99
N LEU C 148 -32.37 2.44 43.17
CA LEU C 148 -31.14 2.95 42.59
C LEU C 148 -29.96 2.33 43.31
N SER C 149 -29.14 1.61 42.55
CA SER C 149 -27.95 0.98 43.06
C SER C 149 -26.72 1.72 42.53
N GLU C 150 -25.86 2.13 43.45
CA GLU C 150 -24.58 2.72 43.09
C GLU C 150 -23.47 1.72 43.42
N ILE C 151 -22.58 1.47 42.46
CA ILE C 151 -21.49 0.51 42.64
C ILE C 151 -20.22 1.06 42.00
N VAL C 152 -19.05 0.63 42.49
CA VAL C 152 -17.80 0.83 41.76
C VAL C 152 -17.55 -0.42 40.92
N SER C 153 -17.33 -0.22 39.62
CA SER C 153 -16.91 -1.29 38.73
C SER C 153 -15.42 -1.56 38.92
N LYS C 154 -14.98 -2.77 38.56
CA LYS C 154 -13.60 -3.18 38.80
C LYS C 154 -12.63 -2.73 37.68
N ALA C 155 -13.20 -2.31 36.54
CA ALA C 155 -12.42 -1.89 35.36
C ALA C 155 -12.23 -0.38 35.26
N SER C 156 -13.33 0.36 35.37
CA SER C 156 -13.31 1.83 35.35
C SER C 156 -12.73 2.35 36.66
N GLN C 157 -13.21 1.75 37.76
CA GLN C 157 -12.99 2.22 39.12
C GLN C 157 -13.66 3.57 39.36
N ARG C 158 -14.85 3.71 38.77
CA ARG C 158 -15.64 4.95 38.86
C ARG C 158 -17.11 4.65 39.19
N PRO C 159 -17.52 4.89 40.46
CA PRO C 159 -18.85 4.61 41.02
C PRO C 159 -20.01 4.81 40.05
N VAL C 160 -20.76 3.72 39.86
CA VAL C 160 -21.83 3.64 38.90
C VAL C 160 -23.17 3.74 39.60
N GLN C 161 -24.00 4.70 39.18
CA GLN C 161 -25.42 4.68 39.51
C GLN C 161 -26.10 3.74 38.52
N LYS C 162 -27.03 2.94 39.03
CA LYS C 162 -27.65 1.88 38.26
C LYS C 162 -29.10 1.68 38.74
N ARG C 163 -29.98 1.34 37.80
CA ARG C 163 -31.35 0.96 38.14
C ARG C 163 -31.83 -0.13 37.17
N GLU C 164 -32.65 -1.06 37.68
CA GLU C 164 -33.21 -2.13 36.86
C GLU C 164 -34.72 -1.98 36.67
N LEU C 165 -35.21 -2.29 35.47
CA LEU C 165 -36.64 -2.32 35.18
C LEU C 165 -37.09 -3.69 34.70
N THR C 166 -38.37 -4.01 34.94
CA THR C 166 -38.98 -5.21 34.37
C THR C 166 -39.88 -4.84 33.18
N LEU C 167 -39.60 -5.40 32.01
CA LEU C 167 -40.43 -5.14 30.82
C LEU C 167 -41.12 -6.40 30.33
N VAL C 168 -42.44 -6.31 30.11
CA VAL C 168 -43.29 -7.44 29.72
C VAL C 168 -44.07 -7.11 28.45
N ASP C 169 -44.43 -8.14 27.67
CA ASP C 169 -45.39 -7.96 26.56
C ASP C 169 -46.33 -9.17 26.38
N GLN C 170 -47.01 -9.22 25.23
CA GLN C 170 -47.98 -10.26 24.92
C GLN C 170 -47.45 -11.70 25.10
N GLY C 171 -46.17 -11.90 24.81
CA GLY C 171 -45.54 -13.21 25.02
C GLY C 171 -45.58 -13.73 26.45
N ASN C 172 -46.05 -12.89 27.38
CA ASN C 172 -46.06 -13.20 28.81
C ASN C 172 -44.69 -13.37 29.46
N ARG C 173 -43.63 -13.06 28.71
CA ARG C 173 -42.26 -13.14 29.24
C ARG C 173 -41.80 -11.79 29.79
N SER C 174 -41.23 -11.82 30.99
CA SER C 174 -40.66 -10.63 31.60
C SER C 174 -39.14 -10.65 31.47
N VAL C 175 -38.55 -9.47 31.29
CA VAL C 175 -37.11 -9.34 31.08
C VAL C 175 -36.58 -8.09 31.80
N LYS C 176 -35.41 -8.23 32.41
CA LYS C 176 -34.80 -7.11 33.12
C LYS C 176 -34.08 -6.14 32.17
N LEU C 177 -34.26 -4.85 32.42
CA LEU C 177 -33.54 -3.82 31.69
C LEU C 177 -32.88 -2.82 32.60
N THR C 178 -31.56 -2.71 32.50
CA THR C 178 -30.76 -1.81 33.33
C THR C 178 -30.73 -0.39 32.77
N LEU C 179 -30.85 0.57 33.68
CA LEU C 179 -30.67 1.97 33.33
C LEU C 179 -29.42 2.50 34.00
N TRP C 180 -28.70 3.37 33.29
CA TRP C 180 -27.45 3.92 33.79
C TRP C 180 -27.52 5.41 34.02
N GLY C 181 -26.75 5.86 35.01
CA GLY C 181 -26.45 7.27 35.22
C GLY C 181 -27.63 8.17 35.55
N LYS C 182 -27.68 9.32 34.88
CA LYS C 182 -28.71 10.34 35.13
C LYS C 182 -30.10 9.76 34.87
N THR C 183 -30.23 9.09 33.73
CA THR C 183 -31.49 8.50 33.33
C THR C 183 -31.97 7.54 34.43
N ALA C 184 -31.04 6.85 35.07
CA ALA C 184 -31.39 6.02 36.22
C ALA C 184 -31.99 6.86 37.34
N GLU C 185 -31.23 7.83 37.86
CA GLU C 185 -31.63 8.65 39.01
C GLU C 185 -32.96 9.38 38.83
N THR C 186 -33.04 10.17 37.77
CA THR C 186 -34.20 11.01 37.48
C THR C 186 -35.36 10.20 36.89
N PHE C 187 -35.27 8.88 36.99
CA PHE C 187 -36.28 7.99 36.40
C PHE C 187 -37.69 8.13 36.98
N PRO C 188 -37.85 8.05 38.32
CA PRO C 188 -39.21 8.24 38.87
C PRO C 188 -39.75 9.69 38.74
N THR C 189 -38.88 10.64 38.43
CA THR C 189 -39.28 12.02 38.09
C THR C 189 -40.07 12.04 36.78
N ASN C 190 -39.93 10.99 35.99
CA ASN C 190 -40.72 10.81 34.79
C ASN C 190 -42.16 10.50 35.17
N ALA C 191 -43.10 11.27 34.63
CA ALA C 191 -44.52 11.13 34.94
C ALA C 191 -45.10 9.79 34.44
N GLY C 192 -46.29 9.45 34.95
CA GLY C 192 -46.96 8.19 34.61
C GLY C 192 -46.09 6.94 34.73
N VAL C 193 -45.09 7.02 35.61
CA VAL C 193 -44.09 5.95 35.78
C VAL C 193 -44.49 4.86 36.78
N ASP C 194 -45.53 5.11 37.55
CA ASP C 194 -46.06 4.10 38.44
C ASP C 194 -47.30 3.44 37.84
N GLU C 195 -48.02 4.21 37.01
CA GLU C 195 -49.24 3.71 36.36
C GLU C 195 -48.97 2.78 35.17
N LYS C 196 -48.03 1.84 35.36
CA LYS C 196 -47.70 0.80 34.38
C LYS C 196 -47.47 1.31 32.96
N PRO C 197 -46.53 2.27 32.79
CA PRO C 197 -46.33 2.82 31.46
C PRO C 197 -45.82 1.79 30.47
N VAL C 198 -46.03 2.07 29.20
CA VAL C 198 -45.39 1.32 28.14
C VAL C 198 -44.13 2.11 27.85
N LEU C 199 -43.01 1.41 27.70
CA LEU C 199 -41.74 2.05 27.43
C LEU C 199 -41.14 1.51 26.14
N ALA C 200 -40.63 2.44 25.32
CA ALA C 200 -40.11 2.11 23.99
C ALA C 200 -38.62 2.33 23.93
N PHE C 201 -37.87 1.28 23.63
CA PHE C 201 -36.43 1.33 23.62
C PHE C 201 -35.87 1.21 22.21
N LYS C 202 -34.97 2.12 21.84
CA LYS C 202 -34.17 1.93 20.64
C LYS C 202 -32.70 1.68 21.02
N GLY C 203 -32.01 0.89 20.19
CA GLY C 203 -30.62 0.56 20.41
C GLY C 203 -30.35 0.15 21.83
N VAL C 204 -30.80 -1.06 22.19
CA VAL C 204 -30.57 -1.62 23.51
C VAL C 204 -29.65 -2.84 23.38
N LYS C 205 -28.75 -3.03 24.34
CA LYS C 205 -27.84 -4.16 24.30
C LYS C 205 -28.51 -5.40 24.86
N VAL C 206 -28.30 -6.53 24.19
CA VAL C 206 -28.87 -7.82 24.58
C VAL C 206 -27.84 -8.60 25.39
N GLY C 207 -28.09 -8.76 26.70
CA GLY C 207 -27.16 -9.47 27.59
C GLY C 207 -27.63 -10.86 27.98
N ASP C 208 -26.70 -11.76 28.27
CA ASP C 208 -27.10 -13.13 28.57
C ASP C 208 -27.16 -13.48 30.07
N PHE C 209 -27.04 -12.48 30.94
CA PHE C 209 -27.22 -12.67 32.38
C PHE C 209 -28.70 -12.80 32.72
N GLY C 210 -29.09 -13.97 33.21
CA GLY C 210 -30.50 -14.30 33.37
C GLY C 210 -31.05 -14.69 32.01
N GLY C 211 -30.36 -15.60 31.34
CA GLY C 211 -30.80 -16.14 30.03
C GLY C 211 -30.73 -15.08 28.95
N ARG C 212 -31.62 -14.12 29.05
CA ARG C 212 -31.55 -12.90 28.25
C ARG C 212 -31.78 -11.69 29.16
N SER C 213 -31.15 -10.57 28.81
CA SER C 213 -31.30 -9.34 29.59
C SER C 213 -30.92 -8.14 28.73
N LEU C 214 -31.27 -6.95 29.22
CA LEU C 214 -31.12 -5.74 28.42
C LEU C 214 -30.39 -4.64 29.17
N SER C 215 -29.52 -3.94 28.46
CA SER C 215 -28.85 -2.76 29.00
C SER C 215 -28.84 -1.66 27.95
N MET C 216 -28.53 -0.45 28.39
CA MET C 216 -28.46 0.72 27.53
C MET C 216 -27.03 1.12 27.18
N PHE C 217 -26.89 1.93 26.12
CA PHE C 217 -25.63 2.60 25.74
C PHE C 217 -25.80 4.13 25.77
N SER C 218 -24.73 4.88 25.47
CA SER C 218 -24.85 6.35 25.35
C SER C 218 -25.83 6.80 24.27
N SER C 219 -26.09 5.90 23.31
CA SER C 219 -26.93 6.21 22.16
C SER C 219 -28.32 5.61 22.29
N SER C 220 -28.54 4.83 23.35
CA SER C 220 -29.85 4.25 23.62
C SER C 220 -30.94 5.29 23.80
N THR C 221 -32.18 4.81 23.79
CA THR C 221 -33.35 5.68 23.81
C THR C 221 -34.55 4.94 24.39
N MET C 222 -35.04 5.43 25.51
CA MET C 222 -36.35 5.04 25.98
C MET C 222 -37.32 6.22 25.92
N LEU C 223 -38.55 5.92 25.52
CA LEU C 223 -39.63 6.89 25.48
C LEU C 223 -40.78 6.40 26.36
N ILE C 224 -41.31 7.31 27.18
CA ILE C 224 -42.43 6.96 28.06
C ILE C 224 -43.74 7.20 27.34
N ASN C 225 -44.53 6.14 27.21
CA ASN C 225 -45.88 6.18 26.66
C ASN C 225 -45.96 6.96 25.33
N PRO C 226 -45.44 6.37 24.23
CA PRO C 226 -45.46 7.00 22.90
C PRO C 226 -46.77 6.80 22.13
N ASP C 227 -47.14 7.78 21.31
CA ASP C 227 -48.37 7.64 20.52
C ASP C 227 -48.16 6.83 19.24
N ILE C 228 -47.54 5.66 19.44
CA ILE C 228 -47.36 4.67 18.39
C ILE C 228 -48.30 3.52 18.61
N THR C 229 -49.06 3.21 17.55
CA THR C 229 -50.04 2.14 17.53
C THR C 229 -49.70 1.02 18.51
N GLU C 230 -48.46 0.51 18.44
CA GLU C 230 -48.01 -0.63 19.25
C GLU C 230 -48.20 -0.50 20.77
N SER C 231 -47.83 0.67 21.31
CA SER C 231 -47.95 0.93 22.75
C SER C 231 -49.41 0.99 23.15
N HIS C 232 -50.27 1.23 22.16
CA HIS C 232 -51.71 1.27 22.35
C HIS C 232 -52.29 -0.10 22.35
N VAL C 233 -51.81 -0.94 21.44
CA VAL C 233 -52.15 -2.34 21.45
C VAL C 233 -51.79 -2.90 22.82
N LEU C 234 -50.52 -2.76 23.21
CA LEU C 234 -50.12 -3.22 24.53
C LEU C 234 -51.00 -2.64 25.63
N ARG C 235 -51.24 -1.33 25.56
CA ARG C 235 -52.06 -0.63 26.55
C ARG C 235 -53.43 -1.29 26.68
N GLY C 236 -54.02 -1.60 25.53
CA GLY C 236 -55.30 -2.31 25.49
C GLY C 236 -55.18 -3.74 25.99
N TRP C 237 -54.06 -4.36 25.68
CA TRP C 237 -53.76 -5.72 26.13
C TRP C 237 -53.54 -5.83 27.63
N TYR C 238 -52.71 -4.95 28.18
CA TYR C 238 -52.32 -5.03 29.59
C TYR C 238 -53.43 -4.75 30.59
N ASP C 239 -54.16 -3.66 30.37
CA ASP C 239 -55.22 -3.23 31.28
C ASP C 239 -56.42 -4.18 31.30
N ASN C 240 -56.48 -5.07 30.32
CA ASN C 240 -57.62 -5.97 30.13
C ASN C 240 -57.38 -7.42 30.55
N ASP C 241 -56.13 -7.87 30.52
CA ASP C 241 -55.77 -9.24 30.94
C ASP C 241 -54.30 -9.43 31.38
N GLY C 242 -53.54 -8.34 31.44
CA GLY C 242 -52.11 -8.41 31.74
C GLY C 242 -51.77 -8.41 33.21
N ALA C 243 -52.21 -7.36 33.92
CA ALA C 243 -52.11 -7.30 35.37
C ALA C 243 -53.05 -8.34 35.99
N HIS C 244 -53.43 -9.31 35.17
CA HIS C 244 -54.27 -10.43 35.55
C HIS C 244 -53.41 -11.68 35.56
N ALA C 245 -52.98 -12.13 34.38
CA ALA C 245 -52.14 -13.32 34.21
C ALA C 245 -50.75 -13.18 34.85
N GLN C 246 -50.01 -14.28 34.89
CA GLN C 246 -48.68 -14.31 35.49
C GLN C 246 -47.59 -14.52 34.42
N PHE C 247 -46.34 -14.18 34.77
CA PHE C 247 -45.27 -14.07 33.78
C PHE C 247 -44.03 -14.96 34.01
N GLN C 248 -43.08 -14.88 33.07
CA GLN C 248 -41.87 -15.71 33.05
C GLN C 248 -40.57 -14.89 33.11
N PRO C 249 -39.74 -15.12 34.14
CA PRO C 249 -38.59 -14.27 34.47
C PRO C 249 -37.28 -14.48 33.69
N TYR C 250 -37.27 -15.38 32.70
CA TYR C 250 -36.08 -15.63 31.85
C TYR C 250 -34.92 -16.45 32.44
N THR C 251 -34.57 -16.20 33.70
CA THR C 251 -33.29 -16.63 34.31
C THR C 251 -32.82 -18.05 33.94
N ASN C 252 -31.49 -18.19 33.81
CA ASN C 252 -30.85 -19.43 33.39
C ASN C 252 -29.42 -19.46 33.94
N GLY C 262 -30.21 -10.22 43.38
CA GLY C 262 -29.58 -8.98 42.91
C GLY C 262 -29.40 -8.97 41.40
N GLY C 263 -28.59 -8.04 40.89
CA GLY C 263 -28.52 -7.93 39.43
C GLY C 263 -27.43 -7.28 38.60
N GLY C 264 -27.14 -7.96 37.49
CA GLY C 264 -26.39 -7.42 36.38
C GLY C 264 -27.24 -7.58 35.13
N ALA C 265 -28.40 -6.92 35.11
CA ALA C 265 -29.31 -6.97 33.97
C ALA C 265 -28.72 -6.27 32.75
N GLY C 266 -28.69 -6.99 31.63
CA GLY C 266 -28.01 -6.53 30.44
C GLY C 266 -26.56 -6.96 30.41
N ALA C 267 -26.09 -7.58 31.49
CA ALA C 267 -24.71 -8.04 31.56
C ALA C 267 -24.52 -9.39 30.85
N ASN C 268 -23.26 -9.66 30.48
CA ASN C 268 -22.84 -10.95 29.96
C ASN C 268 -22.04 -11.71 31.00
N MET C 269 -21.99 -13.03 30.86
CA MET C 269 -21.47 -13.90 31.92
C MET C 269 -20.01 -14.35 31.71
N ALA C 270 -19.15 -13.42 31.28
CA ALA C 270 -17.72 -13.64 31.02
C ALA C 270 -17.32 -12.91 29.74
N GLU C 271 -16.83 -11.68 29.90
CA GLU C 271 -16.38 -10.87 28.76
C GLU C 271 -15.08 -11.35 28.17
N ARG C 272 -14.92 -11.25 26.84
CA ARG C 272 -13.62 -11.54 26.25
C ARG C 272 -12.59 -10.47 26.62
N ARG C 273 -11.60 -10.87 27.42
CA ARG C 273 -10.51 -9.98 27.83
C ARG C 273 -9.20 -10.47 27.26
N THR C 274 -8.29 -9.56 26.94
CA THR C 274 -6.88 -9.90 26.75
C THR C 274 -6.27 -10.34 28.10
N ILE C 275 -5.10 -10.97 28.06
CA ILE C 275 -4.45 -11.37 29.29
C ILE C 275 -4.04 -10.16 30.11
N VAL C 276 -3.64 -9.09 29.41
CA VAL C 276 -3.27 -7.86 30.10
C VAL C 276 -4.47 -7.31 30.87
N GLN C 277 -5.66 -7.41 30.28
CA GLN C 277 -6.87 -6.93 30.96
C GLN C 277 -7.19 -7.70 32.23
N VAL C 278 -7.15 -9.03 32.17
CA VAL C 278 -7.48 -9.86 33.34
C VAL C 278 -6.63 -9.51 34.58
N LYS C 279 -5.35 -9.26 34.33
CA LYS C 279 -4.45 -8.82 35.37
C LYS C 279 -4.60 -7.31 35.66
N ASP C 280 -4.64 -6.48 34.61
CA ASP C 280 -4.76 -5.01 34.71
C ASP C 280 -6.06 -4.54 35.34
N GLU C 281 -6.97 -5.47 35.57
CA GLU C 281 -8.23 -5.15 36.23
C GLU C 281 -8.32 -5.81 37.59
N ASN C 282 -7.25 -6.52 37.96
CA ASN C 282 -7.22 -7.32 39.18
C ASN C 282 -8.40 -8.26 39.31
N LEU C 283 -8.67 -9.02 38.25
CA LEU C 283 -9.73 -10.03 38.27
C LEU C 283 -9.46 -11.17 39.22
N GLY C 284 -10.42 -11.40 40.11
CA GLY C 284 -10.35 -12.49 41.06
C GLY C 284 -9.62 -12.18 42.34
N MET C 285 -8.98 -11.00 42.39
CA MET C 285 -8.22 -10.57 43.56
C MET C 285 -9.14 -10.37 44.75
N SER C 286 -10.44 -10.53 44.50
CA SER C 286 -11.48 -10.35 45.51
C SER C 286 -12.20 -11.65 45.92
N GLU C 287 -13.15 -11.53 46.84
CA GLU C 287 -13.95 -12.66 47.33
C GLU C 287 -14.75 -13.28 46.19
N LYS C 288 -15.44 -12.42 45.46
CA LYS C 288 -16.30 -12.78 44.36
C LYS C 288 -15.46 -13.18 43.15
N PRO C 289 -15.64 -14.44 42.68
CA PRO C 289 -15.05 -14.92 41.44
C PRO C 289 -15.48 -14.07 40.26
N ASP C 290 -14.52 -13.74 39.40
CA ASP C 290 -14.84 -13.06 38.16
C ASP C 290 -14.71 -14.05 37.03
N TYR C 291 -15.51 -13.86 36.00
CA TYR C 291 -15.46 -14.76 34.86
C TYR C 291 -15.02 -13.98 33.64
N PHE C 292 -14.29 -14.64 32.75
CA PHE C 292 -13.83 -14.00 31.54
C PHE C 292 -13.62 -15.00 30.44
N ASN C 293 -13.34 -14.46 29.27
CA ASN C 293 -13.01 -15.24 28.10
C ASN C 293 -11.69 -14.76 27.50
N VAL C 294 -10.77 -15.71 27.30
CA VAL C 294 -9.47 -15.42 26.74
C VAL C 294 -9.27 -16.28 25.51
N ARG C 295 -8.89 -15.64 24.42
CA ARG C 295 -8.39 -16.34 23.26
C ARG C 295 -6.89 -16.36 23.48
N ALA C 296 -6.34 -17.56 23.68
CA ALA C 296 -4.91 -17.72 23.94
C ALA C 296 -4.35 -19.05 23.42
N THR C 297 -3.04 -19.06 23.23
CA THR C 297 -2.30 -20.21 22.72
C THR C 297 -1.62 -20.89 23.89
N VAL C 298 -1.63 -22.22 23.89
CA VAL C 298 -0.93 -23.01 24.89
C VAL C 298 0.55 -23.06 24.55
N VAL C 299 1.37 -22.47 25.41
CA VAL C 299 2.79 -22.32 25.12
C VAL C 299 3.61 -23.39 25.80
N TYR C 300 3.17 -23.76 26.99
CA TYR C 300 3.83 -24.78 27.80
C TYR C 300 2.78 -25.50 28.63
N ILE C 301 3.00 -26.80 28.80
CA ILE C 301 2.27 -27.59 29.78
C ILE C 301 3.28 -28.13 30.80
N LYS C 302 2.95 -27.95 32.08
CA LYS C 302 3.79 -28.38 33.17
C LYS C 302 3.78 -29.89 33.27
N GLN C 303 4.95 -30.48 33.06
CA GLN C 303 5.10 -31.93 33.01
C GLN C 303 4.82 -32.51 34.38
N GLU C 304 5.63 -32.12 35.36
CA GLU C 304 5.53 -32.69 36.71
C GLU C 304 4.19 -32.40 37.37
N ASN C 305 3.58 -33.45 37.95
CA ASN C 305 2.30 -33.35 38.64
C ASN C 305 1.17 -32.87 37.72
N LEU C 306 1.07 -33.56 36.58
CA LEU C 306 0.05 -33.31 35.58
C LEU C 306 -1.17 -34.13 35.95
N TYR C 307 -0.92 -35.28 36.55
CA TYR C 307 -2.00 -36.17 36.97
C TYR C 307 -1.80 -36.76 38.37
N TYR C 308 -2.91 -37.28 38.91
CA TYR C 308 -2.97 -37.83 40.26
C TYR C 308 -3.88 -39.06 40.23
N THR C 309 -3.69 -39.98 41.17
CA THR C 309 -4.52 -41.17 41.23
C THR C 309 -5.81 -40.90 41.99
N ALA C 310 -6.95 -41.20 41.36
CA ALA C 310 -8.28 -40.84 41.90
C ALA C 310 -9.16 -42.02 42.29
N CYS C 311 -10.13 -41.74 43.17
CA CYS C 311 -11.12 -42.72 43.57
C CYS C 311 -11.77 -43.29 42.32
N ALA C 312 -11.52 -44.56 42.08
CA ALA C 312 -12.18 -45.29 41.01
C ALA C 312 -13.67 -45.44 41.33
N SER C 313 -14.06 -44.96 42.52
CA SER C 313 -15.45 -44.90 42.93
C SER C 313 -16.27 -44.10 41.92
N GLU C 314 -17.59 -44.23 42.02
CA GLU C 314 -18.48 -43.35 41.27
C GLU C 314 -18.50 -41.97 41.91
N GLY C 315 -18.52 -40.94 41.05
CA GLY C 315 -18.76 -39.57 41.49
C GLY C 315 -17.93 -39.19 42.71
N CYS C 316 -16.79 -39.84 42.84
CA CYS C 316 -15.79 -39.43 43.79
C CYS C 316 -14.44 -39.46 43.09
N ASN C 317 -13.69 -38.38 43.26
CA ASN C 317 -12.38 -38.24 42.63
C ASN C 317 -11.32 -37.86 43.66
N LYS C 318 -11.72 -37.96 44.93
CA LYS C 318 -10.83 -37.82 46.07
C LYS C 318 -9.55 -38.63 45.77
N LYS C 319 -8.39 -38.00 45.92
CA LYS C 319 -7.12 -38.70 45.67
C LYS C 319 -7.05 -40.04 46.40
N VAL C 320 -6.39 -41.02 45.78
CA VAL C 320 -6.17 -42.31 46.43
C VAL C 320 -4.68 -42.57 46.72
N ASN C 321 -4.43 -43.29 47.82
CA ASN C 321 -3.07 -43.54 48.29
C ASN C 321 -2.81 -45.00 48.66
N LEU C 322 -1.55 -45.42 48.45
CA LEU C 322 -1.10 -46.79 48.66
C LEU C 322 -0.87 -47.13 50.13
N ASP C 323 -1.79 -47.92 50.68
CA ASP C 323 -1.72 -48.37 52.07
C ASP C 323 -0.61 -49.41 52.30
N HIS C 324 -0.75 -50.20 53.36
CA HIS C 324 0.21 -51.24 53.73
C HIS C 324 0.15 -52.44 52.80
N GLU C 325 -1.06 -52.77 52.34
CA GLU C 325 -1.30 -53.90 51.42
C GLU C 325 -1.14 -53.55 49.93
N ASN C 326 -0.36 -52.50 49.66
CA ASN C 326 -0.07 -52.02 48.30
C ASN C 326 -1.32 -51.70 47.44
N ASN C 327 -2.43 -51.39 48.09
CA ASN C 327 -3.69 -51.05 47.42
C ASN C 327 -3.96 -49.54 47.42
N TRP C 328 -4.96 -49.10 46.64
CA TRP C 328 -5.33 -47.69 46.56
C TRP C 328 -6.60 -47.36 47.31
N ARG C 329 -6.45 -46.71 48.46
CA ARG C 329 -7.60 -46.34 49.30
C ARG C 329 -8.05 -44.89 49.12
N CYS C 330 -9.35 -44.70 48.95
CA CYS C 330 -9.96 -43.38 49.09
C CYS C 330 -10.46 -43.22 50.51
N GLU C 331 -10.19 -42.06 51.11
CA GLU C 331 -10.66 -41.74 52.46
C GLU C 331 -12.17 -41.51 52.47
N LYS C 332 -12.67 -40.96 51.36
CA LYS C 332 -14.09 -40.60 51.17
C LYS C 332 -15.03 -41.82 51.20
N CYS C 333 -15.11 -42.53 50.07
CA CYS C 333 -16.02 -43.66 49.95
C CYS C 333 -15.59 -44.87 50.79
N ASP C 334 -14.49 -44.71 51.52
CA ASP C 334 -14.00 -45.71 52.49
C ASP C 334 -13.83 -47.09 51.81
N ARG C 335 -12.88 -47.17 50.88
CA ARG C 335 -12.60 -48.41 50.13
C ARG C 335 -11.25 -48.43 49.39
N SER C 336 -10.70 -49.64 49.20
CA SER C 336 -9.46 -49.85 48.44
C SER C 336 -9.72 -50.43 47.03
N TYR C 337 -8.85 -50.09 46.09
CA TYR C 337 -8.90 -50.63 44.73
C TYR C 337 -7.52 -51.06 44.25
N ALA C 338 -7.51 -52.03 43.33
CA ALA C 338 -6.29 -52.43 42.63
C ALA C 338 -5.94 -51.44 41.51
N THR C 339 -6.94 -50.68 41.06
CA THR C 339 -6.79 -49.72 39.95
C THR C 339 -7.07 -48.27 40.36
N PRO C 340 -6.06 -47.37 40.23
CA PRO C 340 -6.31 -45.96 40.49
C PRO C 340 -6.74 -45.20 39.24
N GLU C 341 -7.84 -44.47 39.35
CA GLU C 341 -8.36 -43.67 38.24
C GLU C 341 -7.48 -42.46 38.00
N TYR C 342 -6.92 -42.36 36.81
CA TYR C 342 -6.10 -41.21 36.49
C TYR C 342 -6.98 -40.04 36.09
N ARG C 343 -6.72 -38.91 36.71
CA ARG C 343 -7.36 -37.62 36.38
C ARG C 343 -6.32 -36.50 36.29
N TYR C 344 -6.59 -35.54 35.42
CA TYR C 344 -5.72 -34.40 35.17
C TYR C 344 -5.84 -33.26 36.19
N ILE C 345 -4.71 -32.90 36.79
CA ILE C 345 -4.56 -31.62 37.49
C ILE C 345 -3.62 -30.75 36.66
N LEU C 346 -4.11 -30.36 35.48
CA LEU C 346 -3.32 -29.70 34.47
C LEU C 346 -2.85 -28.33 34.91
N SER C 347 -1.61 -28.01 34.57
CA SER C 347 -1.09 -26.68 34.78
C SER C 347 -0.45 -26.23 33.48
N THR C 348 -1.05 -25.24 32.85
CA THR C 348 -0.61 -24.81 31.53
C THR C 348 -0.38 -23.32 31.43
N ASN C 349 0.61 -22.94 30.63
CA ASN C 349 0.98 -21.53 30.46
C ASN C 349 0.50 -21.01 29.15
N VAL C 350 -0.51 -20.15 29.15
CA VAL C 350 -1.05 -19.60 27.91
C VAL C 350 -0.64 -18.15 27.62
N ALA C 351 -0.29 -17.88 26.35
CA ALA C 351 0.12 -16.56 25.95
C ALA C 351 -0.82 -15.97 24.91
N ASP C 352 -0.82 -14.64 24.85
CA ASP C 352 -1.38 -13.87 23.76
C ASP C 352 -0.53 -12.61 23.57
N ALA C 353 -0.92 -11.73 22.66
CA ALA C 353 -0.04 -10.63 22.25
C ALA C 353 0.17 -9.57 23.33
N THR C 354 -0.68 -9.63 24.36
CA THR C 354 -0.64 -8.66 25.46
C THR C 354 0.13 -9.18 26.67
N GLY C 355 0.35 -10.49 26.72
CA GLY C 355 1.11 -11.11 27.80
C GLY C 355 0.90 -12.60 27.97
N GLN C 356 1.40 -13.13 29.09
CA GLN C 356 1.34 -14.54 29.40
C GLN C 356 0.79 -14.79 30.83
N MET C 357 0.22 -15.98 31.04
CA MET C 357 -0.60 -16.25 32.22
C MET C 357 -0.81 -17.76 32.41
N TRP C 358 -0.93 -18.18 33.66
CA TRP C 358 -1.13 -19.58 33.97
C TRP C 358 -2.55 -19.98 34.22
N LEU C 359 -2.97 -21.09 33.61
CA LEU C 359 -4.32 -21.64 33.82
C LEU C 359 -4.31 -23.04 34.41
N SER C 360 -5.25 -23.34 35.29
CA SER C 360 -5.41 -24.71 35.66
C SER C 360 -6.72 -25.29 35.10
N GLY C 361 -6.65 -26.56 34.68
CA GLY C 361 -7.78 -27.24 34.12
C GLY C 361 -7.83 -28.65 34.69
N PHE C 362 -9.04 -29.16 34.82
CA PHE C 362 -9.23 -30.51 35.32
C PHE C 362 -9.53 -31.50 34.20
N ASN C 363 -9.89 -32.71 34.60
CA ASN C 363 -9.91 -33.87 33.74
C ASN C 363 -10.54 -33.68 32.36
N GLU C 364 -11.65 -32.95 32.30
CA GLU C 364 -12.39 -32.74 31.07
C GLU C 364 -11.58 -31.96 30.07
N ASP C 365 -11.34 -30.70 30.40
CA ASP C 365 -10.69 -29.78 29.49
C ASP C 365 -9.26 -30.18 29.16
N ALA C 366 -8.52 -30.65 30.17
CA ALA C 366 -7.13 -31.07 29.94
C ALA C 366 -7.04 -32.22 28.96
N THR C 367 -8.04 -33.11 28.99
CA THR C 367 -8.08 -34.28 28.12
C THR C 367 -8.16 -33.87 26.66
N GLN C 368 -8.96 -32.85 26.35
CA GLN C 368 -9.04 -32.38 24.98
C GLN C 368 -7.83 -31.52 24.62
N LEU C 369 -7.16 -30.99 25.64
CA LEU C 369 -5.96 -30.20 25.38
C LEU C 369 -4.80 -31.08 24.98
N ILE C 370 -4.81 -32.31 25.49
CA ILE C 370 -3.79 -33.30 25.14
C ILE C 370 -4.38 -34.45 24.29
N GLY C 371 -5.63 -34.28 23.85
CA GLY C 371 -6.36 -35.26 23.03
C GLY C 371 -6.23 -36.69 23.52
N MET C 372 -6.28 -36.86 24.84
CA MET C 372 -5.95 -38.14 25.49
C MET C 372 -6.45 -38.13 26.92
N SER C 373 -7.09 -39.22 27.35
CA SER C 373 -7.39 -39.41 28.77
C SER C 373 -6.08 -39.44 29.54
N ALA C 374 -6.13 -39.16 30.83
CA ALA C 374 -4.93 -39.21 31.67
C ALA C 374 -4.32 -40.62 31.74
N GLY C 375 -5.19 -41.64 31.76
CA GLY C 375 -4.77 -43.03 31.78
C GLY C 375 -3.98 -43.39 30.53
N GLU C 376 -4.55 -43.06 29.38
CA GLU C 376 -3.87 -43.26 28.11
C GLU C 376 -2.51 -42.53 28.07
N LEU C 377 -2.41 -41.37 28.73
CA LEU C 377 -1.13 -40.67 28.84
C LEU C 377 -0.20 -41.39 29.79
N HIS C 378 -0.76 -41.91 30.88
CA HIS C 378 0.01 -42.68 31.84
C HIS C 378 0.58 -43.92 31.20
N LYS C 379 -0.23 -44.59 30.39
CA LYS C 379 0.20 -45.80 29.71
C LYS C 379 1.28 -45.47 28.69
N LEU C 380 1.20 -44.28 28.11
CA LEU C 380 2.17 -43.78 27.12
C LEU C 380 3.52 -43.37 27.74
N ARG C 381 3.52 -43.04 29.03
CA ARG C 381 4.74 -42.68 29.75
C ARG C 381 5.52 -43.91 30.24
N GLU C 382 4.80 -44.99 30.51
CA GLU C 382 5.43 -46.25 30.91
C GLU C 382 6.22 -46.91 29.77
N GLU C 383 5.97 -46.47 28.55
CA GLU C 383 6.70 -47.01 27.39
C GLU C 383 8.01 -46.24 27.11
N SER C 384 7.91 -44.92 26.97
CA SER C 384 9.09 -44.05 26.87
C SER C 384 8.76 -42.58 27.11
N GLU C 385 9.73 -41.85 27.67
CA GLU C 385 9.63 -40.42 27.95
C GLU C 385 9.60 -39.61 26.66
N SER C 386 10.21 -40.17 25.62
CA SER C 386 10.27 -39.56 24.29
C SER C 386 8.87 -39.44 23.68
N GLU C 387 8.08 -40.50 23.83
CA GLU C 387 6.70 -40.52 23.34
C GLU C 387 5.73 -39.84 24.31
N PHE C 388 6.21 -39.54 25.52
CA PHE C 388 5.41 -38.86 26.55
C PHE C 388 5.54 -37.32 26.48
N SER C 389 6.78 -36.81 26.49
CA SER C 389 7.01 -35.38 26.30
C SER C 389 6.55 -34.94 24.90
N ALA C 390 6.74 -35.83 23.93
CA ALA C 390 6.25 -35.66 22.55
C ALA C 390 4.76 -35.29 22.50
N ALA C 391 3.95 -36.07 23.21
CA ALA C 391 2.52 -35.83 23.31
C ALA C 391 2.22 -34.42 23.85
N LEU C 392 2.99 -34.01 24.85
CA LEU C 392 2.82 -32.72 25.53
C LEU C 392 3.27 -31.56 24.68
N HIS C 393 4.47 -31.67 24.12
CA HIS C 393 4.98 -30.71 23.16
C HIS C 393 3.92 -30.45 22.12
N ARG C 394 3.38 -31.53 21.55
CA ARG C 394 2.41 -31.50 20.46
C ARG C 394 1.04 -30.99 20.90
N ALA C 395 0.91 -30.66 22.18
CA ALA C 395 -0.32 -30.10 22.71
C ALA C 395 -0.19 -28.59 22.68
N ALA C 396 1.02 -28.13 22.90
CA ALA C 396 1.36 -26.73 22.78
C ALA C 396 1.32 -26.30 21.31
N ASN C 397 1.28 -24.98 21.11
CA ASN C 397 1.13 -24.38 19.79
C ASN C 397 -0.26 -24.65 19.22
N ARG C 398 -1.29 -24.47 20.04
CA ARG C 398 -2.68 -24.56 19.61
C ARG C 398 -3.51 -23.50 20.29
N MET C 399 -4.41 -22.89 19.55
CA MET C 399 -5.15 -21.78 20.10
C MET C 399 -6.51 -22.22 20.63
N TYR C 400 -6.96 -21.61 21.71
CA TYR C 400 -8.23 -21.98 22.29
C TYR C 400 -8.99 -20.78 22.81
N MET C 401 -10.31 -20.84 22.67
CA MET C 401 -11.18 -19.92 23.39
C MET C 401 -11.34 -20.46 24.80
N PHE C 402 -10.94 -19.68 25.79
CA PHE C 402 -10.91 -20.13 27.18
C PHE C 402 -11.97 -19.49 28.06
N ASN C 403 -12.88 -20.32 28.56
CA ASN C 403 -13.85 -19.87 29.54
C ASN C 403 -13.29 -20.08 30.93
N CYS C 404 -13.07 -18.99 31.67
CA CYS C 404 -12.31 -19.06 32.92
C CYS C 404 -12.92 -18.29 34.08
N ARG C 405 -12.53 -18.70 35.28
CA ARG C 405 -12.93 -18.06 36.53
C ARG C 405 -11.70 -17.69 37.33
N ALA C 406 -11.72 -16.52 37.94
CA ALA C 406 -10.60 -16.05 38.74
C ALA C 406 -11.02 -15.95 40.20
N LYS C 407 -10.39 -16.73 41.06
CA LYS C 407 -10.73 -16.80 42.47
C LYS C 407 -9.49 -16.85 43.32
N MET C 408 -9.63 -16.43 44.58
CA MET C 408 -8.52 -16.42 45.53
C MET C 408 -8.37 -17.70 46.34
N ASP C 409 -7.12 -18.04 46.67
CA ASP C 409 -6.79 -19.26 47.44
C ASP C 409 -6.04 -19.05 48.76
N THR C 410 -6.48 -19.73 49.80
CA THR C 410 -5.78 -19.74 51.08
C THR C 410 -4.83 -20.95 51.13
N PHE C 411 -3.62 -20.76 50.61
CA PHE C 411 -2.54 -21.72 50.85
C PHE C 411 -1.85 -21.38 52.18
N ASN C 412 -2.35 -21.99 53.25
CA ASN C 412 -1.85 -21.79 54.60
C ASN C 412 -1.60 -20.33 54.92
N ASP C 413 -2.70 -19.58 55.03
CA ASP C 413 -2.71 -18.14 55.35
C ASP C 413 -2.30 -17.22 54.16
N THR C 414 -1.38 -17.70 53.31
CA THR C 414 -0.94 -16.95 52.13
C THR C 414 -1.97 -17.04 51.00
N ALA C 415 -2.11 -15.96 50.24
CA ALA C 415 -3.08 -15.90 49.18
C ALA C 415 -2.42 -15.91 47.81
N ARG C 416 -3.11 -16.52 46.85
CA ARG C 416 -2.73 -16.45 45.42
C ARG C 416 -3.95 -16.54 44.50
N VAL C 417 -3.86 -15.85 43.35
CA VAL C 417 -4.91 -15.91 42.34
C VAL C 417 -4.68 -17.09 41.43
N ARG C 418 -5.71 -17.92 41.27
CA ARG C 418 -5.65 -19.04 40.36
C ARG C 418 -6.74 -18.88 39.32
N TYR C 419 -6.38 -19.03 38.06
CA TYR C 419 -7.33 -18.92 36.96
C TYR C 419 -7.66 -20.31 36.45
N THR C 420 -8.96 -20.64 36.46
CA THR C 420 -9.45 -22.00 36.22
C THR C 420 -10.33 -22.14 34.97
N ILE C 421 -9.91 -22.97 34.03
CA ILE C 421 -10.60 -23.12 32.75
C ILE C 421 -11.86 -23.91 32.95
N SER C 422 -13.00 -23.25 32.81
CA SER C 422 -14.29 -23.94 32.97
C SER C 422 -14.66 -24.70 31.70
N ARG C 423 -14.43 -24.07 30.55
CA ARG C 423 -14.58 -24.73 29.26
C ARG C 423 -13.56 -24.20 28.28
N ALA C 424 -12.98 -25.10 27.50
CA ALA C 424 -12.00 -24.70 26.50
C ALA C 424 -12.37 -25.28 25.14
N ALA C 425 -12.98 -24.46 24.29
CA ALA C 425 -13.17 -24.81 22.89
C ALA C 425 -11.97 -24.34 22.07
N PRO C 426 -11.75 -24.98 20.90
CA PRO C 426 -10.70 -24.54 19.97
C PRO C 426 -11.20 -23.39 19.11
N VAL C 427 -10.33 -22.46 18.79
CA VAL C 427 -10.73 -21.25 18.08
C VAL C 427 -11.37 -21.58 16.74
N ASP C 428 -12.57 -21.02 16.51
CA ASP C 428 -13.26 -21.08 15.21
C ASP C 428 -12.77 -19.92 14.37
N PHE C 429 -11.85 -20.21 13.46
CA PHE C 429 -11.12 -19.18 12.76
C PHE C 429 -11.99 -18.33 11.84
N ALA C 430 -12.95 -18.98 11.18
CA ALA C 430 -13.83 -18.24 10.30
C ALA C 430 -14.45 -17.09 11.09
N LYS C 431 -14.99 -17.42 12.27
CA LYS C 431 -15.79 -16.51 13.08
C LYS C 431 -14.92 -15.54 13.84
N ALA C 432 -13.88 -16.07 14.48
CA ALA C 432 -12.89 -15.25 15.14
C ALA C 432 -12.41 -14.17 14.16
N GLY C 433 -12.01 -14.61 12.96
CA GLY C 433 -11.63 -13.73 11.87
C GLY C 433 -12.60 -12.58 11.70
N MET C 434 -13.86 -12.91 11.42
CA MET C 434 -14.89 -11.90 11.18
C MET C 434 -14.93 -10.86 12.30
N GLU C 435 -14.96 -11.33 13.54
CA GLU C 435 -14.91 -10.44 14.68
C GLU C 435 -13.79 -9.36 14.53
N LEU C 436 -12.61 -9.82 14.16
CA LEU C 436 -11.44 -8.96 14.09
C LEU C 436 -11.60 -8.02 12.92
N VAL C 437 -12.14 -8.54 11.81
CA VAL C 437 -12.49 -7.72 10.66
C VAL C 437 -13.22 -6.49 11.17
N ASP C 438 -14.20 -6.72 12.04
CA ASP C 438 -14.97 -5.64 12.62
C ASP C 438 -14.15 -4.66 13.47
N ALA C 439 -13.16 -5.19 14.21
CA ALA C 439 -12.35 -4.37 15.10
C ALA C 439 -11.33 -3.51 14.33
N ILE C 440 -10.66 -4.12 13.35
CA ILE C 440 -9.75 -3.40 12.45
C ILE C 440 -10.46 -2.31 11.64
N ARG C 441 -11.67 -2.60 11.18
CA ARG C 441 -12.47 -1.62 10.44
C ARG C 441 -12.66 -0.36 11.25
N ALA C 442 -12.64 -0.53 12.56
CA ALA C 442 -12.78 0.57 13.52
C ALA C 442 -11.62 1.56 13.50
N TYR C 443 -10.41 1.09 13.21
CA TYR C 443 -9.29 1.99 13.13
C TYR C 443 -9.16 2.56 11.72
N MET C 444 -10.03 2.09 10.83
CA MET C 444 -10.04 2.56 9.46
C MET C 444 -11.24 3.48 9.22
N MET D 1 -6.45 15.37 9.82
CA MET D 1 -5.18 14.89 9.20
C MET D 1 -5.33 14.80 7.67
N GLU D 2 -6.57 14.75 7.23
CA GLU D 2 -6.88 14.30 5.89
C GLU D 2 -6.28 12.93 5.61
N LYS D 3 -7.18 11.96 5.61
CA LYS D 3 -6.92 10.70 4.99
C LYS D 3 -6.49 10.96 3.57
N PRO D 4 -5.44 10.29 3.15
CA PRO D 4 -5.12 10.23 1.78
C PRO D 4 -6.31 9.71 0.99
N THR D 5 -6.51 10.32 -0.18
CA THR D 5 -7.60 10.02 -1.09
C THR D 5 -7.02 9.26 -2.33
N PRO D 6 -7.23 7.93 -2.41
CA PRO D 6 -6.59 7.16 -3.49
C PRO D 6 -6.98 7.63 -4.88
N LEU D 7 -6.03 7.58 -5.79
CA LEU D 7 -6.35 7.86 -7.17
C LEU D 7 -6.62 6.51 -7.79
N ILE D 8 -7.84 6.35 -8.28
CA ILE D 8 -8.26 5.05 -8.74
C ILE D 8 -8.77 5.04 -10.17
N ASN D 9 -8.96 3.83 -10.67
CA ASN D 9 -9.65 3.62 -11.91
C ASN D 9 -10.89 2.79 -11.60
N SER D 10 -11.59 2.32 -12.62
CA SER D 10 -12.89 1.74 -12.40
C SER D 10 -12.86 0.46 -11.56
N SER D 11 -11.75 -0.27 -11.54
CA SER D 11 -11.78 -1.58 -10.90
C SER D 11 -11.32 -1.55 -9.45
N MET D 12 -10.88 -0.38 -9.00
CA MET D 12 -10.48 -0.26 -7.61
C MET D 12 -11.63 0.16 -6.71
N LEU D 13 -12.73 0.58 -7.29
CA LEU D 13 -13.96 0.83 -6.53
C LEU D 13 -14.27 -0.23 -5.43
N GLY D 14 -14.21 -1.49 -5.76
CA GLY D 14 -14.45 -2.49 -4.76
C GLY D 14 -13.67 -2.31 -3.47
N GLN D 15 -12.43 -1.85 -3.59
CA GLN D 15 -11.49 -1.78 -2.45
C GLN D 15 -11.78 -0.62 -1.53
N TYR D 16 -12.70 0.23 -1.97
CA TYR D 16 -12.99 1.46 -1.27
C TYR D 16 -14.48 1.72 -1.07
N VAL D 17 -15.22 0.70 -0.69
CA VAL D 17 -16.62 0.92 -0.51
C VAL D 17 -16.72 1.80 0.71
N GLY D 18 -17.48 2.88 0.57
CA GLY D 18 -17.68 3.86 1.62
C GLY D 18 -16.68 5.00 1.68
N GLN D 19 -15.47 4.75 1.19
CA GLN D 19 -14.37 5.67 1.31
C GLN D 19 -14.54 6.73 0.28
N THR D 20 -13.77 7.81 0.44
CA THR D 20 -13.62 8.87 -0.55
C THR D 20 -12.51 8.49 -1.47
N VAL D 21 -12.80 8.45 -2.76
CA VAL D 21 -11.75 8.28 -3.75
C VAL D 21 -11.61 9.48 -4.71
N ARG D 22 -10.60 9.44 -5.57
CA ARG D 22 -10.40 10.45 -6.58
C ARG D 22 -10.26 9.74 -7.91
N ILE D 23 -10.87 10.27 -8.96
CA ILE D 23 -11.03 9.49 -10.21
C ILE D 23 -11.12 10.39 -11.47
N VAL D 24 -10.53 9.94 -12.56
CA VAL D 24 -10.39 10.76 -13.74
C VAL D 24 -10.97 10.10 -14.98
N GLY D 25 -11.91 10.77 -15.63
CA GLY D 25 -12.55 10.16 -16.78
C GLY D 25 -12.70 11.04 -17.99
N LYS D 26 -13.07 10.42 -19.09
CA LYS D 26 -13.65 11.11 -20.22
C LYS D 26 -15.15 11.08 -19.91
N VAL D 27 -15.84 12.21 -20.06
CA VAL D 27 -17.30 12.24 -19.83
C VAL D 27 -18.01 11.66 -21.02
N HIS D 28 -18.90 10.71 -20.77
CA HIS D 28 -19.61 10.10 -21.87
C HIS D 28 -20.93 10.78 -22.11
N LYS D 29 -21.87 10.56 -21.18
CA LYS D 29 -23.22 11.09 -21.27
C LYS D 29 -23.65 11.68 -19.92
N VAL D 30 -24.47 12.73 -19.97
CA VAL D 30 -24.99 13.39 -18.76
C VAL D 30 -26.53 13.31 -18.72
N THR D 31 -27.04 12.34 -17.97
CA THR D 31 -28.50 12.16 -17.80
C THR D 31 -28.98 12.79 -16.48
N GLY D 32 -29.58 13.98 -16.58
CA GLY D 32 -30.04 14.71 -15.41
C GLY D 32 -28.83 14.99 -14.53
N ASN D 33 -28.85 14.43 -13.33
CA ASN D 33 -27.72 14.61 -12.41
C ASN D 33 -26.79 13.39 -12.34
N THR D 34 -26.82 12.54 -13.38
CA THR D 34 -25.93 11.39 -13.46
C THR D 34 -24.97 11.54 -14.63
N LEU D 35 -23.70 11.28 -14.31
CA LEU D 35 -22.61 11.35 -15.25
C LEU D 35 -22.10 9.95 -15.56
N LEU D 36 -21.78 9.72 -16.82
CA LEU D 36 -21.14 8.48 -17.24
C LEU D 36 -19.74 8.80 -17.67
N MET D 37 -18.80 8.08 -17.07
CA MET D 37 -17.38 8.36 -17.15
C MET D 37 -16.59 7.24 -17.83
N GLN D 38 -15.59 7.57 -18.64
CA GLN D 38 -14.64 6.56 -19.11
C GLN D 38 -13.43 6.60 -18.24
N THR D 39 -13.08 5.46 -17.66
CA THR D 39 -11.89 5.40 -16.82
C THR D 39 -10.62 5.24 -17.65
N SER D 40 -9.47 5.41 -17.01
CA SER D 40 -8.20 5.01 -17.58
C SER D 40 -8.15 3.47 -17.68
N ASP D 41 -8.91 2.84 -16.79
CA ASP D 41 -9.11 1.41 -16.70
C ASP D 41 -9.84 0.88 -17.92
N LEU D 42 -10.29 1.80 -18.76
CA LEU D 42 -11.23 1.53 -19.87
C LEU D 42 -12.61 1.03 -19.45
N GLY D 43 -12.75 0.76 -18.15
CA GLY D 43 -14.05 0.57 -17.53
C GLY D 43 -14.84 1.87 -17.45
N ASN D 44 -16.11 1.71 -17.12
CA ASN D 44 -17.01 2.85 -17.03
C ASN D 44 -17.49 3.00 -15.60
N VAL D 45 -17.58 4.25 -15.13
CA VAL D 45 -18.14 4.56 -13.81
C VAL D 45 -19.34 5.50 -13.90
N GLU D 46 -20.27 5.30 -12.98
CA GLU D 46 -21.48 6.10 -12.89
C GLU D 46 -21.37 7.03 -11.68
N ILE D 47 -21.60 8.32 -11.90
CA ILE D 47 -21.38 9.28 -10.85
C ILE D 47 -22.63 10.10 -10.58
N ALA D 48 -23.10 10.07 -9.34
CA ALA D 48 -24.20 10.92 -8.88
C ALA D 48 -23.69 12.33 -8.65
N MET D 49 -24.07 13.24 -9.51
CA MET D 49 -23.50 14.58 -9.57
C MET D 49 -24.33 15.63 -8.82
N THR D 50 -23.63 16.51 -8.11
CA THR D 50 -24.19 17.73 -7.47
C THR D 50 -25.17 18.50 -8.36
N PRO D 51 -26.27 19.01 -7.78
CA PRO D 51 -27.20 19.82 -8.58
C PRO D 51 -26.46 20.82 -9.47
N ASP D 52 -25.69 21.72 -8.85
CA ASP D 52 -24.90 22.72 -9.57
C ASP D 52 -23.65 22.11 -10.19
N SER D 53 -23.85 21.54 -11.37
CA SER D 53 -22.78 20.93 -12.14
C SER D 53 -23.02 21.14 -13.63
N ASP D 54 -22.12 21.88 -14.28
CA ASP D 54 -22.20 22.14 -15.71
C ASP D 54 -21.23 21.23 -16.45
N VAL D 55 -20.92 20.09 -15.84
CA VAL D 55 -19.97 19.13 -16.39
C VAL D 55 -20.22 18.83 -17.88
N SER D 56 -21.49 18.65 -18.24
CA SER D 56 -21.87 18.41 -19.64
C SER D 56 -20.87 18.98 -20.66
N SER D 57 -20.76 20.30 -20.69
CA SER D 57 -19.89 21.01 -21.63
C SER D 57 -18.41 20.95 -21.25
N SER D 58 -17.94 19.76 -20.90
CA SER D 58 -16.51 19.52 -20.61
C SER D 58 -16.15 18.04 -20.88
N THR D 59 -14.88 17.78 -21.16
CA THR D 59 -14.48 16.48 -21.69
C THR D 59 -13.90 15.55 -20.64
N PHE D 60 -12.68 15.84 -20.18
CA PHE D 60 -12.09 15.05 -19.10
C PHE D 60 -12.40 15.73 -17.79
N VAL D 61 -12.41 14.97 -16.71
CA VAL D 61 -12.92 15.46 -15.45
C VAL D 61 -12.24 14.71 -14.31
N GLU D 62 -12.08 15.36 -13.15
CA GLU D 62 -11.58 14.67 -11.96
C GLU D 62 -12.50 14.79 -10.78
N VAL D 63 -13.09 13.66 -10.43
CA VAL D 63 -14.14 13.56 -9.43
C VAL D 63 -13.60 13.06 -8.10
N THR D 64 -13.90 13.80 -7.04
CA THR D 64 -13.54 13.38 -5.68
C THR D 64 -14.80 12.89 -4.98
N GLY D 65 -14.91 11.61 -4.71
CA GLY D 65 -16.19 11.13 -4.32
C GLY D 65 -16.28 10.06 -3.30
N LYS D 66 -17.45 9.50 -3.16
CA LYS D 66 -17.70 8.41 -2.26
C LYS D 66 -18.16 7.23 -3.11
N VAL D 67 -17.41 6.15 -3.03
CA VAL D 67 -17.85 4.88 -3.54
C VAL D 67 -19.13 4.49 -2.80
N SER D 68 -20.07 3.90 -3.51
CA SER D 68 -21.44 3.81 -3.02
C SER D 68 -21.94 2.37 -2.76
N ASP D 69 -22.92 2.26 -1.85
CA ASP D 69 -23.53 0.98 -1.45
C ASP D 69 -24.59 0.35 -2.38
N ALA D 70 -24.45 0.65 -3.67
CA ALA D 70 -25.02 -0.18 -4.75
C ALA D 70 -23.87 -0.99 -5.40
N GLY D 71 -22.76 -0.32 -5.70
CA GLY D 71 -21.55 -0.98 -6.18
C GLY D 71 -20.58 0.00 -6.82
N SER D 72 -20.80 0.22 -8.12
CA SER D 72 -19.94 1.04 -9.00
C SER D 72 -20.48 2.48 -9.20
N SER D 73 -21.29 2.92 -8.25
CA SER D 73 -21.90 4.22 -8.28
C SER D 73 -21.04 5.12 -7.42
N PHE D 74 -21.41 6.38 -7.30
CA PHE D 74 -20.46 7.36 -6.85
C PHE D 74 -21.10 8.71 -6.50
N GLN D 75 -21.01 9.13 -5.24
CA GLN D 75 -21.47 10.48 -4.88
C GLN D 75 -20.34 11.44 -5.15
N ALA D 76 -20.63 12.54 -5.82
CA ALA D 76 -19.60 13.55 -6.15
C ALA D 76 -19.45 14.48 -4.96
N ASN D 77 -18.26 14.52 -4.38
CA ASN D 77 -17.95 15.55 -3.38
C ASN D 77 -17.54 16.84 -4.12
N GLN D 78 -16.36 16.84 -4.72
CA GLN D 78 -15.93 17.92 -5.63
C GLN D 78 -15.58 17.42 -7.02
N ILE D 79 -15.51 18.32 -8.01
CA ILE D 79 -15.25 17.91 -9.40
C ILE D 79 -14.30 18.84 -10.14
N ARG D 80 -13.26 18.26 -10.75
CA ARG D 80 -12.23 19.04 -11.44
C ARG D 80 -12.24 18.92 -12.97
N GLU D 81 -12.17 20.05 -13.65
CA GLU D 81 -12.23 20.06 -15.10
C GLU D 81 -10.84 20.28 -15.76
N PHE D 82 -10.61 19.68 -16.94
CA PHE D 82 -9.44 20.01 -17.79
C PHE D 82 -9.69 19.92 -19.31
N THR D 83 -8.87 19.14 -20.04
CA THR D 83 -8.95 19.00 -21.51
C THR D 83 -9.08 20.35 -22.24
N THR D 84 -9.90 20.38 -23.30
CA THR D 84 -10.40 21.62 -23.94
C THR D 84 -11.72 21.32 -24.73
N VAL D 85 -12.30 22.37 -25.31
CA VAL D 85 -13.40 22.26 -26.27
C VAL D 85 -12.94 22.73 -27.65
N ASP D 90 -6.44 18.26 -23.51
CA ASP D 90 -6.57 16.83 -23.78
C ASP D 90 -5.62 16.01 -22.90
N VAL D 91 -6.23 15.15 -22.09
CA VAL D 91 -5.54 14.42 -21.04
C VAL D 91 -5.09 13.07 -21.55
N ASP D 92 -3.89 12.69 -21.16
CA ASP D 92 -3.34 11.40 -21.54
C ASP D 92 -3.86 10.32 -20.60
N LEU D 93 -4.88 9.59 -21.05
CA LEU D 93 -5.55 8.62 -20.21
C LEU D 93 -4.68 7.39 -19.95
N THR D 94 -3.77 7.11 -20.87
CA THR D 94 -2.85 5.98 -20.69
C THR D 94 -1.87 6.31 -19.60
N LEU D 95 -1.40 7.56 -19.57
CA LEU D 95 -0.50 8.05 -18.53
C LEU D 95 -1.20 7.90 -17.20
N VAL D 96 -2.46 8.29 -17.18
CA VAL D 96 -3.22 8.28 -15.96
C VAL D 96 -3.32 6.89 -15.42
N GLU D 97 -3.52 5.92 -16.31
CA GLU D 97 -3.62 4.55 -15.86
C GLU D 97 -2.31 4.16 -15.18
N ASN D 98 -1.22 4.62 -15.77
CA ASN D 98 0.07 4.35 -15.17
C ASN D 98 0.32 5.04 -13.84
N VAL D 99 -0.14 6.29 -13.71
CA VAL D 99 -0.01 7.01 -12.45
C VAL D 99 -0.85 6.32 -11.38
N VAL D 100 -2.04 5.86 -11.76
CA VAL D 100 -2.85 5.02 -10.87
C VAL D 100 -2.03 3.84 -10.36
N GLN D 101 -1.54 3.03 -11.28
CA GLN D 101 -0.85 1.83 -10.85
C GLN D 101 0.43 2.07 -10.00
N ILE D 102 1.23 3.07 -10.37
CA ILE D 102 2.48 3.34 -9.70
C ILE D 102 2.25 3.92 -8.30
N SER D 103 1.29 4.86 -8.19
CA SER D 103 0.82 5.31 -6.88
C SER D 103 0.35 4.15 -6.02
N ALA D 104 -0.30 3.16 -6.63
CA ALA D 104 -0.70 2.00 -5.87
C ALA D 104 0.52 1.31 -5.36
N ALA D 105 1.63 1.41 -6.09
CA ALA D 105 2.83 0.65 -5.75
C ALA D 105 3.65 1.31 -4.67
N PHE D 106 3.32 2.56 -4.36
CA PHE D 106 4.10 3.35 -3.44
C PHE D 106 3.25 4.01 -2.40
N PRO D 107 2.66 3.22 -1.50
CA PRO D 107 1.92 3.77 -0.37
C PRO D 107 2.76 4.77 0.44
N ASN D 108 4.05 4.49 0.59
CA ASN D 108 4.87 5.36 1.39
C ASN D 108 4.86 6.79 0.89
N LEU D 109 4.62 7.00 -0.41
CA LEU D 109 4.48 8.38 -0.89
C LEU D 109 3.02 8.85 -1.03
N PHE D 110 2.07 7.94 -1.23
CA PHE D 110 0.71 8.33 -1.59
C PHE D 110 -0.36 7.98 -0.56
N SER D 111 0.06 7.56 0.62
CA SER D 111 -0.90 7.08 1.60
C SER D 111 -0.35 7.00 3.03
N ASP D 112 -1.14 6.36 3.90
CA ASP D 112 -0.76 6.06 5.29
C ASP D 112 -0.17 4.67 5.49
N ASN E 7 22.65 21.52 -2.99
CA ASN E 7 21.57 22.54 -2.85
C ASN E 7 20.45 22.33 -3.91
N THR E 8 19.38 21.67 -3.51
CA THR E 8 18.51 20.99 -4.46
C THR E 8 17.05 21.43 -4.39
N LEU E 9 16.27 20.98 -5.38
CA LEU E 9 14.85 21.27 -5.47
C LEU E 9 14.16 19.95 -5.68
N ARG E 10 13.52 19.44 -4.64
CA ARG E 10 13.06 18.08 -4.69
C ARG E 10 11.59 18.04 -4.91
N PRO E 11 11.16 17.29 -5.95
CA PRO E 11 9.74 17.08 -6.10
C PRO E 11 9.30 16.16 -4.97
N VAL E 12 8.23 16.55 -4.29
CA VAL E 12 7.76 15.78 -3.14
C VAL E 12 6.25 15.75 -3.14
N THR E 13 5.69 14.75 -2.45
CA THR E 13 4.27 14.74 -2.16
C THR E 13 4.07 15.36 -0.79
N ILE E 14 2.86 15.81 -0.51
CA ILE E 14 2.57 16.42 0.79
C ILE E 14 2.81 15.41 1.91
N ARG E 15 2.53 14.13 1.62
CA ARG E 15 2.69 13.05 2.59
C ARG E 15 4.13 12.77 2.83
N GLN E 16 4.97 13.17 1.88
CA GLN E 16 6.41 13.13 2.07
C GLN E 16 6.76 14.24 3.04
N ILE E 17 6.27 15.44 2.75
CA ILE E 17 6.59 16.59 3.58
C ILE E 17 6.33 16.23 5.05
N LEU E 18 5.09 15.92 5.39
CA LEU E 18 4.76 15.54 6.75
C LEU E 18 5.57 14.36 7.33
N ASN E 19 6.08 13.48 6.48
CA ASN E 19 6.89 12.38 6.99
C ASN E 19 8.39 12.69 7.22
N ALA E 20 8.87 13.78 6.61
CA ALA E 20 10.25 14.22 6.77
C ALA E 20 10.65 14.35 8.22
N GLU E 21 11.92 14.08 8.48
CA GLU E 21 12.43 14.13 9.83
C GLU E 21 13.19 15.42 10.03
N GLN E 22 13.13 15.92 11.26
CA GLN E 22 13.89 17.07 11.69
C GLN E 22 14.51 16.68 13.02
N PRO E 23 15.78 16.25 12.99
CA PRO E 23 16.51 15.69 14.12
C PRO E 23 16.82 16.72 15.19
N HIS E 24 15.76 17.35 15.71
CA HIS E 24 15.85 18.29 16.85
C HIS E 24 15.67 19.76 16.49
N PRO E 25 14.65 20.43 17.10
CA PRO E 25 14.02 21.73 16.79
C PRO E 25 14.54 22.68 15.68
N ASP E 26 15.84 22.75 15.44
CA ASP E 26 16.35 23.70 14.44
C ASP E 26 17.34 23.09 13.46
N ALA E 27 17.31 21.76 13.36
CA ALA E 27 18.19 21.03 12.45
C ALA E 27 17.49 20.69 11.11
N GLU E 28 18.07 21.14 9.99
CA GLU E 28 17.41 21.05 8.67
C GLU E 28 16.70 19.73 8.42
N PHE E 29 15.66 19.80 7.60
CA PHE E 29 14.84 18.64 7.33
C PHE E 29 15.58 17.58 6.56
N ILE E 30 15.22 16.34 6.85
CA ILE E 30 15.74 15.23 6.12
C ILE E 30 14.55 14.52 5.52
N LEU E 31 14.67 14.13 4.26
CA LEU E 31 13.72 13.24 3.63
C LEU E 31 14.56 12.28 2.82
N ASP E 32 14.54 11.01 3.25
CA ASP E 32 15.40 9.95 2.66
C ASP E 32 16.88 10.25 2.87
N GLY E 33 17.31 10.37 4.12
CA GLY E 33 18.72 10.59 4.41
C GLY E 33 19.39 11.64 3.53
N ALA E 34 18.60 12.64 3.12
CA ALA E 34 19.06 13.78 2.32
C ALA E 34 18.37 15.05 2.76
N GLU E 35 19.17 16.10 2.98
CA GLU E 35 18.72 17.47 3.24
C GLU E 35 17.47 17.79 2.42
N LEU E 36 16.44 18.33 3.06
CA LEU E 36 15.25 18.77 2.35
C LEU E 36 15.17 20.29 2.34
N GLY E 37 15.76 20.87 1.30
CA GLY E 37 15.81 22.32 1.20
C GLY E 37 14.60 22.84 0.47
N GLN E 38 14.85 23.42 -0.70
CA GLN E 38 13.80 23.90 -1.56
C GLN E 38 13.10 22.72 -2.18
N LEU E 39 11.77 22.75 -2.22
CA LEU E 39 10.98 21.64 -2.74
C LEU E 39 9.80 22.09 -3.61
N THR E 40 9.28 21.18 -4.43
CA THR E 40 8.12 21.47 -5.26
C THR E 40 7.04 20.41 -5.19
N PHE E 41 5.81 20.84 -5.43
CA PHE E 41 4.68 19.94 -5.54
C PHE E 41 3.41 20.56 -6.18
N VAL E 42 2.47 19.70 -6.55
CA VAL E 42 1.21 20.09 -7.18
C VAL E 42 0.05 19.62 -6.30
N ALA E 43 -0.90 20.51 -6.02
CA ALA E 43 -2.00 20.20 -5.12
C ALA E 43 -3.12 21.15 -5.44
N VAL E 44 -4.33 20.90 -4.90
CA VAL E 44 -5.51 21.72 -5.18
C VAL E 44 -5.69 22.73 -4.08
N VAL E 45 -6.27 23.87 -4.40
CA VAL E 45 -6.50 24.90 -3.40
C VAL E 45 -7.86 24.65 -2.77
N ARG E 46 -7.90 24.50 -1.46
CA ARG E 46 -9.14 24.12 -0.79
C ARG E 46 -9.71 25.25 0.01
N ASN E 47 -8.84 26.01 0.69
CA ASN E 47 -9.24 27.20 1.46
C ASN E 47 -8.24 28.32 1.21
N ILE E 48 -8.71 29.57 1.26
CA ILE E 48 -7.83 30.74 1.13
C ILE E 48 -8.12 31.74 2.23
N SER E 49 -7.12 32.01 3.07
CA SER E 49 -7.21 33.10 4.03
C SER E 49 -6.21 34.20 3.62
N ARG E 50 -6.66 35.45 3.66
CA ARG E 50 -5.78 36.57 3.37
C ARG E 50 -5.50 37.39 4.63
N ASN E 51 -4.24 37.71 4.81
CA ASN E 51 -3.79 38.55 5.90
C ASN E 51 -3.05 39.70 5.26
N ALA E 52 -2.89 40.79 6.01
CA ALA E 52 -2.23 41.98 5.47
C ALA E 52 -0.78 41.65 5.11
N THR E 53 -0.15 40.83 5.95
CA THR E 53 1.22 40.35 5.74
C THR E 53 1.35 39.36 4.60
N ASN E 54 0.61 38.25 4.71
CA ASN E 54 0.76 37.08 3.87
C ASN E 54 -0.57 36.57 3.34
N VAL E 55 -0.52 35.49 2.56
CA VAL E 55 -1.73 34.81 2.11
C VAL E 55 -1.54 33.33 2.35
N ALA E 56 -2.36 32.75 3.22
CA ALA E 56 -2.28 31.31 3.48
C ALA E 56 -3.36 30.56 2.75
N TYR E 57 -2.91 29.63 1.90
CA TYR E 57 -3.78 28.71 1.18
C TYR E 57 -3.79 27.34 1.87
N SER E 58 -4.96 26.71 1.90
CA SER E 58 -5.09 25.35 2.43
C SER E 58 -5.05 24.36 1.26
N VAL E 59 -4.18 23.38 1.33
CA VAL E 59 -3.76 22.73 0.11
C VAL E 59 -3.59 21.24 0.26
N GLU E 60 -4.11 20.53 -0.73
CA GLU E 60 -4.23 19.07 -0.70
C GLU E 60 -4.02 18.46 -2.09
N ASP E 61 -3.30 17.35 -2.12
CA ASP E 61 -2.84 16.69 -3.34
C ASP E 61 -3.25 15.24 -3.35
N GLY E 62 -4.14 14.88 -2.43
CA GLY E 62 -4.70 13.56 -2.38
C GLY E 62 -3.91 12.73 -1.41
N THR E 63 -2.72 13.18 -1.05
CA THR E 63 -1.90 12.42 -0.10
C THR E 63 -1.97 12.94 1.31
N GLY E 64 -2.50 14.13 1.48
CA GLY E 64 -2.52 14.81 2.78
C GLY E 64 -2.79 16.27 2.50
N GLN E 65 -2.92 17.08 3.55
CA GLN E 65 -3.11 18.50 3.37
C GLN E 65 -2.11 19.33 4.19
N ILE E 66 -1.68 20.46 3.62
CA ILE E 66 -0.71 21.34 4.29
C ILE E 66 -1.00 22.80 3.98
N GLU E 67 -0.63 23.68 4.92
CA GLU E 67 -0.69 25.12 4.68
C GLU E 67 0.50 25.61 3.88
N VAL E 68 0.21 26.49 2.92
CA VAL E 68 1.26 27.25 2.28
C VAL E 68 0.89 28.72 2.31
N ARG E 69 1.80 29.52 2.85
CA ARG E 69 1.63 30.96 2.86
C ARG E 69 2.71 31.60 2.02
N GLN E 70 2.31 32.55 1.17
CA GLN E 70 3.26 33.34 0.39
C GLN E 70 3.19 34.78 0.85
N TRP E 71 4.21 35.57 0.50
CA TRP E 71 4.38 36.88 1.14
C TRP E 71 4.15 38.08 0.24
N LEU E 72 3.33 39.00 0.75
CA LEU E 72 3.01 40.25 0.08
C LEU E 72 3.96 41.34 0.57
N ASP E 73 4.33 42.27 -0.31
CA ASP E 73 5.32 43.31 0.02
C ASP E 73 4.91 44.73 -0.39
N ALA E 82 -1.45 37.41 -7.12
CA ALA E 82 -1.89 36.02 -7.21
C ALA E 82 -3.42 35.88 -7.23
N SER E 83 -4.10 37.00 -7.48
CA SER E 83 -5.56 37.01 -7.65
C SER E 83 -5.94 36.48 -9.03
N GLU E 84 -5.52 35.22 -9.28
CA GLU E 84 -5.86 34.44 -10.48
C GLU E 84 -5.80 32.93 -10.18
N ILE E 85 -5.82 32.62 -8.89
CA ILE E 85 -5.86 31.25 -8.35
C ILE E 85 -7.12 31.18 -7.51
N ARG E 86 -7.81 30.03 -7.50
CA ARG E 86 -9.05 29.90 -6.72
C ARG E 86 -9.22 28.56 -6.03
N ASN E 87 -10.23 28.47 -5.17
CA ASN E 87 -10.59 27.20 -4.57
C ASN E 87 -10.80 26.15 -5.64
N ASN E 88 -10.52 24.91 -5.30
CA ASN E 88 -10.67 23.80 -6.23
C ASN E 88 -9.81 23.91 -7.52
N VAL E 89 -8.67 24.60 -7.41
CA VAL E 89 -7.69 24.73 -8.50
C VAL E 89 -6.30 24.17 -8.11
N TYR E 90 -5.79 23.26 -8.96
CA TYR E 90 -4.44 22.73 -8.90
C TYR E 90 -3.39 23.81 -9.10
N VAL E 91 -2.38 23.82 -8.25
CA VAL E 91 -1.29 24.78 -8.38
C VAL E 91 0.04 24.11 -8.20
N ARG E 92 1.04 24.61 -8.93
CA ARG E 92 2.41 24.20 -8.72
C ARG E 92 2.91 25.11 -7.64
N VAL E 93 3.73 24.58 -6.76
CA VAL E 93 4.05 25.22 -5.50
C VAL E 93 5.55 25.08 -5.26
N LEU E 94 6.24 26.20 -5.22
CA LEU E 94 7.66 26.17 -4.94
C LEU E 94 7.93 26.87 -3.62
N GLY E 95 8.45 26.13 -2.64
CA GLY E 95 8.65 26.71 -1.31
C GLY E 95 9.64 26.00 -0.42
N THR E 96 9.52 26.29 0.89
CA THR E 96 10.38 25.69 1.93
C THR E 96 9.56 25.16 3.11
N LEU E 97 9.92 23.96 3.56
CA LEU E 97 9.28 23.35 4.73
C LEU E 97 9.71 24.10 5.93
N LYS E 98 8.73 24.62 6.67
CA LYS E 98 8.98 25.23 7.96
C LYS E 98 8.10 24.60 9.02
N SER E 99 8.59 24.63 10.25
CA SER E 99 7.87 24.12 11.39
C SER E 99 7.76 25.22 12.47
N PHE E 100 6.53 25.53 12.85
CA PHE E 100 6.23 26.55 13.85
C PHE E 100 5.42 25.88 14.96
N GLN E 101 5.98 25.87 16.18
CA GLN E 101 5.36 25.15 17.30
C GLN E 101 5.09 23.67 16.98
N ASN E 102 5.95 23.09 16.14
CA ASN E 102 5.78 21.71 15.66
C ASN E 102 4.65 21.52 14.61
N ARG E 103 3.96 22.60 14.23
CA ARG E 103 3.04 22.56 13.09
C ARG E 103 3.83 22.87 11.80
N ARG E 104 3.72 22.00 10.81
CA ARG E 104 4.43 22.17 9.54
C ARG E 104 3.63 22.95 8.52
N SER E 105 4.32 23.79 7.75
CA SER E 105 3.69 24.47 6.64
C SER E 105 4.75 24.87 5.64
N ILE E 106 4.31 25.39 4.49
CA ILE E 106 5.22 25.87 3.45
C ILE E 106 5.30 27.40 3.34
N SER E 107 6.53 27.91 3.34
CA SER E 107 6.78 29.29 2.96
C SER E 107 7.17 29.31 1.49
N SER E 108 6.30 29.89 0.69
CA SER E 108 6.44 29.86 -0.75
C SER E 108 6.77 31.23 -1.30
N GLY E 109 7.63 31.23 -2.31
CA GLY E 109 7.83 32.42 -3.13
C GLY E 109 7.03 32.31 -4.40
N HIS E 110 6.81 31.08 -4.88
CA HIS E 110 6.11 30.87 -6.14
C HIS E 110 4.98 29.87 -6.10
N MET E 111 3.81 30.34 -6.49
CA MET E 111 2.64 29.50 -6.66
C MET E 111 2.10 29.72 -8.07
N ARG E 112 1.73 28.64 -8.76
CA ARG E 112 1.30 28.71 -10.17
C ARG E 112 0.13 27.79 -10.48
N PRO E 113 -0.94 28.35 -11.09
CA PRO E 113 -2.03 27.46 -11.50
C PRO E 113 -1.50 26.48 -12.54
N VAL E 114 -1.69 25.18 -12.31
CA VAL E 114 -1.08 24.12 -13.13
C VAL E 114 -1.37 24.27 -14.65
N ILE E 115 -0.37 23.93 -15.47
CA ILE E 115 -0.42 24.12 -16.96
C ILE E 115 -1.60 23.39 -17.63
N ASP E 116 -1.52 22.06 -17.60
CA ASP E 116 -2.58 21.18 -18.04
C ASP E 116 -2.55 20.09 -17.00
N TYR E 117 -3.56 19.24 -16.98
CA TYR E 117 -3.70 18.25 -15.93
C TYR E 117 -2.51 17.36 -15.99
N ASN E 118 -2.14 16.96 -17.19
CA ASN E 118 -0.98 16.10 -17.39
C ASN E 118 0.22 16.35 -16.46
N GLU E 119 0.37 17.59 -15.99
CA GLU E 119 1.49 17.94 -15.12
C GLU E 119 1.25 17.33 -13.76
N VAL E 120 0.02 17.45 -13.27
CA VAL E 120 -0.35 16.77 -12.05
C VAL E 120 0.18 15.36 -12.14
N MET E 121 -0.18 14.63 -13.21
CA MET E 121 0.33 13.27 -13.43
C MET E 121 1.84 13.27 -13.44
N PHE E 122 2.43 14.16 -14.22
CA PHE E 122 3.87 14.21 -14.34
C PHE E 122 4.51 14.33 -12.99
N HIS E 123 3.87 15.10 -12.10
CA HIS E 123 4.49 15.38 -10.84
C HIS E 123 4.62 14.19 -9.97
N ARG E 124 3.55 13.40 -9.89
CA ARG E 124 3.52 12.19 -9.07
C ARG E 124 4.65 11.27 -9.48
N LEU E 125 4.85 11.17 -10.79
CA LEU E 125 5.96 10.35 -11.26
C LEU E 125 7.34 10.92 -10.87
N GLU E 126 7.52 12.23 -11.10
CA GLU E 126 8.74 12.97 -10.79
C GLU E 126 9.08 12.79 -9.32
N ALA E 127 8.04 12.75 -8.50
CA ALA E 127 8.16 12.42 -7.10
C ALA E 127 8.64 10.98 -6.84
N VAL E 128 8.06 10.01 -7.54
CA VAL E 128 8.45 8.62 -7.31
C VAL E 128 9.92 8.47 -7.73
N HIS E 129 10.23 8.96 -8.92
CA HIS E 129 11.55 8.86 -9.53
C HIS E 129 12.66 9.52 -8.76
N ALA E 130 12.36 10.67 -8.15
CA ALA E 130 13.38 11.35 -7.36
C ALA E 130 13.65 10.52 -6.13
N HIS E 131 12.58 10.09 -5.47
CA HIS E 131 12.66 9.27 -4.30
C HIS E 131 13.50 8.06 -4.56
N LEU E 132 13.20 7.35 -5.64
CA LEU E 132 13.93 6.13 -5.99
C LEU E 132 15.41 6.36 -6.11
N GLN E 133 15.80 7.53 -6.55
CA GLN E 133 17.20 7.76 -6.84
C GLN E 133 18.04 8.12 -5.62
N VAL E 134 17.41 8.74 -4.64
CA VAL E 134 18.02 9.01 -3.34
C VAL E 134 18.18 7.69 -2.53
N THR E 135 17.23 6.79 -2.75
CA THR E 135 17.10 5.54 -2.02
C THR E 135 17.90 4.42 -2.68
N ARG E 136 17.50 4.09 -3.93
CA ARG E 136 17.98 2.95 -4.75
C ARG E 136 17.05 1.72 -4.68
N ILE F 3 9.45 -30.63 -18.48
CA ILE F 3 9.54 -29.50 -19.44
C ILE F 3 8.53 -28.39 -19.18
N TYR F 4 8.99 -27.32 -18.53
CA TYR F 4 8.16 -26.15 -18.24
C TYR F 4 8.29 -25.14 -19.35
N PRO F 5 7.21 -24.40 -19.60
CA PRO F 5 7.44 -23.23 -20.43
C PRO F 5 8.15 -22.18 -19.58
N ILE F 6 9.00 -21.37 -20.22
CA ILE F 6 9.73 -20.31 -19.54
C ILE F 6 8.81 -19.56 -18.62
N GLU F 7 7.64 -19.21 -19.15
CA GLU F 7 6.64 -18.48 -18.41
C GLU F 7 6.29 -19.10 -17.06
N GLY F 8 6.05 -20.40 -17.03
CA GLY F 8 5.67 -21.10 -15.79
C GLY F 8 6.75 -21.22 -14.72
N LEU F 9 7.97 -20.74 -15.00
CA LEU F 9 9.05 -20.73 -14.01
C LEU F 9 8.78 -19.79 -12.84
N SER F 10 8.96 -20.30 -11.64
CA SER F 10 8.81 -19.51 -10.44
C SER F 10 9.85 -19.96 -9.44
N PRO F 11 10.03 -19.19 -8.34
CA PRO F 11 10.81 -19.75 -7.26
C PRO F 11 9.97 -20.68 -6.41
N TYR F 12 8.71 -20.86 -6.77
CA TYR F 12 7.79 -21.68 -6.00
C TYR F 12 7.92 -23.17 -6.37
N GLN F 13 8.77 -23.41 -7.38
CA GLN F 13 8.90 -24.69 -8.05
C GLN F 13 10.37 -24.94 -8.38
N ASN F 14 10.94 -25.97 -7.76
CA ASN F 14 12.37 -26.29 -7.85
C ASN F 14 12.79 -27.30 -8.94
N ARG F 15 12.07 -28.43 -9.03
CA ARG F 15 12.23 -29.39 -10.13
C ARG F 15 11.66 -28.77 -11.40
N TRP F 16 12.53 -28.52 -12.37
CA TRP F 16 12.10 -28.06 -13.68
C TRP F 16 13.15 -28.10 -14.75
N THR F 17 12.66 -28.17 -15.99
CA THR F 17 13.51 -28.05 -17.15
C THR F 17 12.88 -27.13 -18.19
N ILE F 18 13.62 -26.11 -18.61
CA ILE F 18 13.24 -25.36 -19.81
C ILE F 18 13.99 -25.85 -21.05
N LYS F 19 13.51 -25.42 -22.21
CA LYS F 19 14.03 -25.85 -23.50
C LYS F 19 13.96 -24.62 -24.40
N ALA F 20 14.98 -23.78 -24.27
CA ALA F 20 14.97 -22.41 -24.78
C ALA F 20 16.12 -22.16 -25.73
N ARG F 21 15.92 -21.27 -26.69
CA ARG F 21 17.02 -20.86 -27.57
C ARG F 21 17.61 -19.54 -27.13
N VAL F 22 18.92 -19.54 -26.89
CA VAL F 22 19.67 -18.33 -26.55
C VAL F 22 19.51 -17.27 -27.64
N THR F 23 19.06 -16.09 -27.31
CA THR F 23 18.85 -15.12 -28.34
C THR F 23 19.90 -14.02 -28.35
N SER F 24 20.73 -14.06 -27.31
CA SER F 24 21.81 -13.08 -27.12
C SER F 24 22.72 -13.54 -25.99
N LYS F 25 23.99 -13.19 -26.09
CA LYS F 25 24.90 -13.51 -25.02
C LYS F 25 25.80 -12.34 -24.72
N SER F 26 26.07 -12.18 -23.43
CA SER F 26 26.98 -11.15 -22.95
C SER F 26 28.46 -11.53 -23.17
N ASP F 27 29.34 -10.54 -23.08
CA ASP F 27 30.74 -10.81 -22.86
C ASP F 27 30.89 -11.42 -21.49
N ILE F 28 32.12 -11.75 -21.14
CA ILE F 28 32.40 -12.10 -19.77
C ILE F 28 32.74 -10.77 -19.13
N ARG F 29 31.93 -10.36 -18.17
CA ARG F 29 32.13 -9.10 -17.49
C ARG F 29 32.75 -9.36 -16.12
N HIS F 30 33.80 -8.58 -15.80
CA HIS F 30 34.62 -8.76 -14.60
C HIS F 30 34.27 -7.86 -13.43
N TRP F 31 34.97 -8.06 -12.30
CA TRP F 31 34.99 -7.12 -11.15
C TRP F 31 36.00 -7.56 -10.12
N SER F 32 36.61 -6.60 -9.42
CA SER F 32 37.51 -6.91 -8.30
C SER F 32 37.36 -5.95 -7.14
N ASN F 33 36.63 -6.39 -6.12
CA ASN F 33 36.55 -5.63 -4.87
C ASN F 33 37.77 -5.86 -3.96
N GLN F 34 37.52 -6.22 -2.70
CA GLN F 34 38.57 -6.41 -1.68
C GLN F 34 39.10 -7.86 -1.65
N ARG F 35 38.43 -8.74 -2.43
CA ARG F 35 38.48 -10.20 -2.21
C ARG F 35 38.75 -11.07 -3.44
N GLY F 36 37.78 -11.12 -4.35
CA GLY F 36 37.83 -12.01 -5.50
C GLY F 36 37.59 -11.32 -6.82
N GLU F 37 38.38 -11.69 -7.82
CA GLU F 37 38.34 -11.11 -9.17
C GLU F 37 37.12 -11.61 -9.98
N GLY F 38 35.97 -11.68 -9.30
CA GLY F 38 34.76 -12.31 -9.83
C GLY F 38 34.41 -11.99 -11.26
N LYS F 39 33.46 -12.75 -11.82
CA LYS F 39 33.08 -12.63 -13.23
C LYS F 39 31.70 -13.21 -13.57
N LEU F 40 30.83 -12.37 -14.11
CA LEU F 40 29.49 -12.81 -14.50
C LEU F 40 29.42 -12.95 -16.00
N PHE F 41 28.37 -13.62 -16.48
CA PHE F 41 27.93 -13.48 -17.86
C PHE F 41 26.46 -13.85 -17.92
N SER F 42 25.75 -13.26 -18.87
CA SER F 42 24.33 -13.55 -19.04
C SER F 42 23.96 -13.89 -20.47
N VAL F 43 22.66 -14.10 -20.69
CA VAL F 43 22.21 -14.70 -21.91
C VAL F 43 20.71 -14.52 -21.87
N ASN F 44 20.06 -14.46 -23.03
CA ASN F 44 18.61 -14.27 -23.11
C ASN F 44 17.89 -15.48 -23.73
N LEU F 45 16.89 -16.01 -23.05
CA LEU F 45 16.22 -17.23 -23.52
C LEU F 45 14.90 -16.96 -24.21
N LEU F 46 14.51 -17.88 -25.09
CA LEU F 46 13.28 -17.79 -25.85
C LEU F 46 12.61 -19.13 -25.86
N ASP F 47 11.31 -19.16 -25.60
CA ASP F 47 10.51 -20.31 -26.00
C ASP F 47 9.15 -19.88 -26.56
N ASP F 48 8.27 -20.85 -26.81
CA ASP F 48 6.90 -20.54 -27.26
C ASP F 48 6.31 -19.54 -26.28
N SER F 49 6.50 -19.82 -24.99
CA SER F 49 5.76 -19.16 -23.94
C SER F 49 6.26 -17.78 -23.57
N GLY F 50 7.54 -17.51 -23.79
CA GLY F 50 8.08 -16.24 -23.31
C GLY F 50 9.58 -16.13 -23.28
N GLU F 51 10.07 -14.99 -22.80
CA GLU F 51 11.50 -14.74 -22.68
C GLU F 51 11.94 -14.69 -21.22
N ILE F 52 13.19 -15.06 -20.98
CA ILE F 52 13.81 -14.91 -19.64
C ILE F 52 15.34 -14.78 -19.71
N LYS F 53 15.88 -13.88 -18.90
CA LYS F 53 17.33 -13.76 -18.78
C LYS F 53 17.88 -14.79 -17.80
N ALA F 54 19.11 -15.22 -18.04
CA ALA F 54 19.75 -16.19 -17.20
C ALA F 54 21.18 -15.74 -17.03
N THR F 55 21.74 -15.96 -15.85
CA THR F 55 23.06 -15.46 -15.58
C THR F 55 23.90 -16.47 -14.86
N GLY F 56 25.17 -16.56 -15.25
CA GLY F 56 26.14 -17.38 -14.56
C GLY F 56 27.23 -16.54 -13.95
N PHE F 57 27.59 -16.88 -12.71
CA PHE F 57 28.68 -16.23 -11.99
C PHE F 57 29.89 -17.13 -11.89
N ASN F 58 31.08 -16.52 -11.88
CA ASN F 58 32.37 -17.17 -11.64
C ASN F 58 32.57 -18.58 -12.22
N ASP F 59 32.19 -19.62 -11.50
CA ASP F 59 32.46 -21.00 -11.90
C ASP F 59 31.54 -21.51 -13.00
N ALA F 60 30.42 -20.84 -13.20
CA ALA F 60 29.46 -21.24 -14.23
C ALA F 60 29.78 -20.55 -15.54
N VAL F 61 30.68 -19.56 -15.49
CA VAL F 61 31.22 -18.94 -16.69
C VAL F 61 32.13 -19.95 -17.37
N ASP F 62 32.99 -20.59 -16.58
CA ASP F 62 33.86 -21.65 -17.07
C ASP F 62 33.00 -22.80 -17.63
N ARG F 63 32.07 -23.31 -16.82
CA ARG F 63 31.30 -24.50 -17.20
C ARG F 63 30.38 -24.26 -18.38
N PHE F 64 29.87 -23.03 -18.51
CA PHE F 64 28.77 -22.78 -19.47
C PHE F 64 29.04 -21.79 -20.58
N TYR F 65 29.96 -20.84 -20.39
CA TYR F 65 30.18 -19.82 -21.42
C TYR F 65 30.51 -20.45 -22.75
N PRO F 66 31.42 -21.46 -22.77
CA PRO F 66 31.76 -22.17 -24.00
C PRO F 66 30.58 -22.88 -24.62
N LEU F 67 29.79 -23.57 -23.80
CA LEU F 67 28.65 -24.39 -24.26
C LEU F 67 27.48 -23.62 -24.90
N LEU F 68 27.02 -22.55 -24.24
CA LEU F 68 25.88 -21.75 -24.72
C LEU F 68 26.33 -20.69 -25.72
N GLN F 69 25.90 -20.87 -26.97
CA GLN F 69 26.19 -19.99 -28.10
C GLN F 69 24.85 -19.47 -28.66
N GLU F 70 24.87 -18.30 -29.30
CA GLU F 70 23.61 -17.67 -29.73
C GLU F 70 22.91 -18.31 -30.91
N ASN F 71 21.59 -18.28 -30.83
CA ASN F 71 20.67 -18.92 -31.75
C ASN F 71 20.51 -20.45 -31.64
N HIS F 72 21.29 -21.10 -30.78
CA HIS F 72 21.14 -22.54 -30.50
C HIS F 72 20.14 -22.83 -29.39
N VAL F 73 19.46 -23.98 -29.46
CA VAL F 73 18.42 -24.38 -28.50
C VAL F 73 18.97 -25.39 -27.50
N TYR F 74 18.87 -25.06 -26.21
CA TYR F 74 19.37 -25.91 -25.13
C TYR F 74 18.30 -26.38 -24.16
N LEU F 75 18.60 -27.46 -23.45
CA LEU F 75 17.81 -27.90 -22.32
C LEU F 75 18.45 -27.44 -21.03
N ILE F 76 17.77 -26.57 -20.27
CA ILE F 76 18.32 -26.11 -19.00
C ILE F 76 17.59 -26.70 -17.80
N SER F 77 18.32 -27.09 -16.77
CA SER F 77 17.69 -27.75 -15.64
C SER F 77 18.46 -27.52 -14.36
N LYS F 78 17.73 -27.31 -13.27
CA LYS F 78 18.32 -27.20 -11.92
C LYS F 78 19.20 -25.96 -11.76
N ALA F 79 18.60 -24.82 -12.11
CA ALA F 79 19.12 -23.50 -11.80
C ALA F 79 18.19 -22.83 -10.78
N ARG F 80 18.61 -21.66 -10.26
CA ARG F 80 17.77 -20.84 -9.36
C ARG F 80 16.95 -19.83 -10.16
N VAL F 81 15.74 -19.50 -9.68
CA VAL F 81 14.94 -18.44 -10.25
C VAL F 81 14.86 -17.29 -9.26
N ASN F 82 15.35 -16.14 -9.70
CA ASN F 82 15.46 -14.92 -8.87
C ASN F 82 14.62 -13.77 -9.38
N ILE F 83 14.48 -12.73 -8.57
CA ILE F 83 13.76 -11.55 -9.00
C ILE F 83 14.61 -10.80 -10.02
N ALA F 84 14.01 -10.44 -11.15
CA ALA F 84 14.76 -9.75 -12.20
C ALA F 84 15.28 -8.42 -11.68
N LYS F 85 16.52 -8.08 -12.01
CA LYS F 85 17.00 -6.72 -11.79
C LYS F 85 16.77 -6.02 -13.11
N LYS F 86 15.66 -5.31 -13.19
CA LYS F 86 15.15 -4.76 -14.45
C LYS F 86 15.93 -3.56 -15.00
N GLN F 87 16.71 -2.91 -14.14
CA GLN F 87 17.62 -1.86 -14.56
C GLN F 87 18.74 -2.44 -15.45
N PHE F 88 19.05 -3.72 -15.23
CA PHE F 88 20.09 -4.44 -15.94
C PHE F 88 19.51 -5.47 -16.89
N SER F 89 18.47 -5.10 -17.64
CA SER F 89 17.79 -6.00 -18.61
C SER F 89 16.76 -5.28 -19.50
N ASN F 90 16.53 -5.86 -20.68
CA ASN F 90 15.52 -5.37 -21.61
C ASN F 90 14.13 -6.02 -21.37
N LEU F 91 14.16 -7.34 -21.12
CA LEU F 91 12.98 -8.19 -20.92
C LEU F 91 12.04 -7.73 -19.81
N GLN F 92 10.73 -7.98 -20.01
CA GLN F 92 9.70 -7.51 -19.09
C GLN F 92 9.48 -8.47 -17.94
N ASN F 93 10.17 -9.61 -17.97
CA ASN F 93 9.94 -10.67 -16.99
C ASN F 93 10.21 -10.24 -15.56
N GLU F 94 9.29 -10.61 -14.67
CA GLU F 94 9.39 -10.46 -13.21
C GLU F 94 10.57 -11.26 -12.61
N TYR F 95 10.90 -12.38 -13.26
CA TYR F 95 12.02 -13.24 -12.83
C TYR F 95 13.19 -13.36 -13.82
N GLU F 96 14.34 -13.77 -13.30
CA GLU F 96 15.35 -14.33 -14.14
C GLU F 96 15.92 -15.59 -13.50
N ILE F 97 16.94 -16.14 -14.15
CA ILE F 97 17.55 -17.38 -13.76
C ILE F 97 18.99 -17.13 -13.39
N THR F 98 19.48 -17.88 -12.42
CA THR F 98 20.89 -17.88 -12.12
C THR F 98 21.36 -19.32 -12.14
N PHE F 99 22.52 -19.58 -12.73
CA PHE F 99 23.04 -20.94 -12.85
C PHE F 99 23.79 -21.28 -11.58
N GLU F 100 23.50 -22.45 -11.00
CA GLU F 100 24.18 -22.89 -9.78
C GLU F 100 25.12 -24.05 -10.05
N ASN F 101 25.72 -24.60 -9.00
CA ASN F 101 26.66 -25.69 -9.17
C ASN F 101 26.03 -27.06 -9.39
N SER F 102 24.71 -27.07 -9.55
CA SER F 102 24.03 -28.27 -9.97
C SER F 102 23.44 -28.13 -11.39
N THR F 103 23.48 -26.91 -11.95
CA THR F 103 22.78 -26.59 -13.21
C THR F 103 23.19 -27.48 -14.39
N GLU F 104 22.23 -28.26 -14.92
CA GLU F 104 22.43 -29.11 -16.10
C GLU F 104 22.11 -28.39 -17.43
N ILE F 105 23.04 -28.42 -18.39
CA ILE F 105 22.78 -27.88 -19.74
C ILE F 105 23.22 -28.82 -20.83
N GLU F 106 22.26 -29.28 -21.63
CA GLU F 106 22.53 -30.10 -22.80
C GLU F 106 21.86 -29.43 -24.01
N GLU F 107 22.38 -29.67 -25.21
CA GLU F 107 21.82 -29.08 -26.43
C GLU F 107 20.73 -30.00 -27.03
N CYS F 108 19.53 -29.48 -27.29
CA CYS F 108 18.49 -30.31 -27.97
C CYS F 108 18.68 -30.13 -29.46
N THR F 109 18.69 -31.28 -30.14
CA THR F 109 18.72 -31.38 -31.59
C THR F 109 17.26 -31.26 -32.12
N ASP F 110 16.35 -30.80 -31.25
CA ASP F 110 14.94 -30.58 -31.58
C ASP F 110 14.58 -29.14 -31.34
N ALA F 111 14.58 -28.38 -32.43
CA ALA F 111 14.47 -26.94 -32.37
C ALA F 111 13.16 -26.47 -32.97
N THR F 112 12.28 -27.41 -33.30
CA THR F 112 11.10 -27.11 -34.12
C THR F 112 9.85 -26.73 -33.31
N ASP F 113 9.89 -27.01 -32.02
CA ASP F 113 8.87 -26.54 -31.09
C ASP F 113 9.21 -25.10 -30.75
N VAL F 114 10.51 -24.84 -30.64
CA VAL F 114 11.07 -23.58 -30.19
C VAL F 114 11.06 -22.61 -31.35
N PRO F 115 10.41 -21.44 -31.17
CA PRO F 115 10.32 -20.40 -32.22
C PRO F 115 11.69 -19.84 -32.57
N GLU F 116 11.88 -19.34 -33.79
CA GLU F 116 13.15 -18.70 -34.15
C GLU F 116 13.06 -17.17 -34.14
N VAL F 117 14.16 -16.50 -33.87
CA VAL F 117 14.15 -15.02 -33.81
C VAL F 117 13.64 -14.34 -35.09
N LYS F 118 12.42 -13.84 -35.03
CA LYS F 118 11.84 -13.11 -36.14
C LYS F 118 12.38 -11.66 -36.28
N TYR F 119 12.81 -11.29 -37.48
CA TYR F 119 13.36 -9.94 -37.74
C TYR F 119 12.35 -8.95 -38.34
N GLU F 120 12.34 -7.72 -37.81
CA GLU F 120 11.63 -6.60 -38.44
C GLU F 120 12.65 -5.61 -38.97
N PHE F 121 13.16 -5.88 -40.17
CA PHE F 121 14.25 -5.07 -40.71
C PHE F 121 13.79 -3.68 -41.14
N VAL F 122 14.69 -2.72 -40.98
CA VAL F 122 14.50 -1.38 -41.47
C VAL F 122 15.50 -1.17 -42.62
N ARG F 123 15.02 -0.66 -43.74
CA ARG F 123 15.89 -0.28 -44.85
C ARG F 123 16.73 0.90 -44.37
N ILE F 124 18.03 0.84 -44.63
CA ILE F 124 18.95 1.89 -44.22
C ILE F 124 18.39 3.30 -44.52
N ASN F 125 17.78 3.46 -45.70
CA ASN F 125 17.19 4.73 -46.10
C ASN F 125 15.90 5.08 -45.35
N GLU F 126 15.50 4.23 -44.42
CA GLU F 126 14.30 4.46 -43.62
C GLU F 126 14.63 4.69 -42.15
N LEU F 127 15.90 4.57 -41.79
CA LEU F 127 16.37 4.72 -40.41
C LEU F 127 16.07 6.09 -39.78
N GLU F 128 15.97 7.10 -40.63
CA GLU F 128 15.68 8.45 -40.19
C GLU F 128 14.23 8.62 -39.73
N SER F 129 13.39 7.62 -40.01
CA SER F 129 12.01 7.64 -39.55
C SER F 129 11.87 7.08 -38.12
N VAL F 130 12.88 6.33 -37.68
CA VAL F 130 12.92 5.82 -36.30
C VAL F 130 13.66 6.80 -35.38
N GLU F 131 13.04 7.07 -34.22
CA GLU F 131 13.53 8.07 -33.26
C GLU F 131 14.61 7.51 -32.34
N ALA F 132 15.60 8.36 -32.03
CA ALA F 132 16.79 8.00 -31.25
C ALA F 132 16.51 7.34 -29.90
N ASN F 133 17.51 6.57 -29.42
CA ASN F 133 17.36 5.67 -28.27
C ASN F 133 16.18 4.70 -28.40
N GLN F 134 16.24 3.85 -29.44
CA GLN F 134 15.20 2.84 -29.73
C GLN F 134 15.78 1.58 -30.38
N GLN F 135 15.21 0.43 -30.03
CA GLN F 135 15.65 -0.86 -30.59
C GLN F 135 15.40 -0.91 -32.07
N CYS F 136 16.10 -1.81 -32.75
CA CYS F 136 15.95 -1.95 -34.19
C CYS F 136 16.63 -3.23 -34.72
N ASP F 137 16.07 -3.82 -35.77
CA ASP F 137 16.74 -4.92 -36.47
C ASP F 137 17.14 -4.43 -37.85
N VAL F 138 18.42 -4.60 -38.19
CA VAL F 138 18.95 -4.05 -39.45
C VAL F 138 19.91 -4.99 -40.18
N ILE F 139 19.70 -5.13 -41.48
CA ILE F 139 20.57 -5.95 -42.33
C ILE F 139 21.25 -5.11 -43.45
N GLY F 140 22.33 -5.63 -44.00
CA GLY F 140 23.05 -4.95 -45.08
C GLY F 140 24.47 -5.46 -45.28
N ILE F 141 25.01 -5.16 -46.47
CA ILE F 141 26.39 -5.51 -46.83
C ILE F 141 27.35 -4.65 -46.01
N LEU F 142 28.30 -5.31 -45.35
CA LEU F 142 29.42 -4.60 -44.76
C LEU F 142 30.28 -4.03 -45.87
N ASP F 143 30.32 -2.71 -45.96
CA ASP F 143 31.19 -2.03 -46.91
C ASP F 143 32.66 -2.15 -46.47
N SER F 144 33.02 -1.37 -45.46
CA SER F 144 34.33 -1.48 -44.84
C SER F 144 34.16 -1.33 -43.33
N TYR F 145 35.25 -1.54 -42.59
CA TYR F 145 35.23 -1.35 -41.15
C TYR F 145 36.45 -0.54 -40.68
N GLY F 146 36.31 0.11 -39.53
CA GLY F 146 37.39 0.94 -38.98
C GLY F 146 38.36 0.18 -38.10
N GLU F 147 39.41 0.88 -37.68
CA GLU F 147 40.39 0.33 -36.76
C GLU F 147 39.84 0.32 -35.33
N LEU F 148 40.41 -0.54 -34.49
CA LEU F 148 40.00 -0.69 -33.10
C LEU F 148 40.49 0.50 -32.27
N SER F 149 39.58 1.14 -31.52
CA SER F 149 39.97 2.18 -30.57
C SER F 149 39.49 1.86 -29.15
N GLU F 150 40.35 2.12 -28.18
CA GLU F 150 40.00 1.92 -26.79
C GLU F 150 39.93 3.26 -26.10
N ILE F 151 38.78 3.55 -25.49
CA ILE F 151 38.52 4.88 -24.94
C ILE F 151 37.74 4.89 -23.60
N VAL F 152 38.44 5.35 -22.57
CA VAL F 152 37.90 5.82 -21.27
C VAL F 152 36.49 6.42 -21.37
N SER F 153 35.54 5.88 -20.60
CA SER F 153 34.17 6.43 -20.57
C SER F 153 34.08 7.76 -19.82
N LYS F 154 32.99 8.49 -20.04
CA LYS F 154 32.72 9.71 -19.29
C LYS F 154 32.17 9.34 -17.92
N ALA F 155 31.09 8.56 -17.91
CA ALA F 155 30.34 8.23 -16.69
C ALA F 155 31.08 7.27 -15.74
N SER F 156 31.48 6.12 -16.26
CA SER F 156 32.20 5.10 -15.50
C SER F 156 33.68 5.42 -15.34
N GLN F 157 34.29 5.84 -16.46
CA GLN F 157 35.75 6.05 -16.65
C GLN F 157 36.43 4.82 -17.28
N ARG F 158 35.71 3.71 -17.33
CA ARG F 158 36.31 2.41 -17.66
C ARG F 158 36.72 2.26 -19.11
N PRO F 159 38.01 1.96 -19.34
CA PRO F 159 38.56 1.76 -20.68
C PRO F 159 37.70 0.78 -21.50
N VAL F 160 37.41 1.16 -22.74
CA VAL F 160 36.41 0.49 -23.56
C VAL F 160 36.86 0.39 -25.02
N GLN F 161 36.98 -0.84 -25.51
CA GLN F 161 37.31 -1.13 -26.91
C GLN F 161 36.13 -0.88 -27.87
N LYS F 162 36.41 -0.20 -28.97
CA LYS F 162 35.38 0.23 -29.89
C LYS F 162 35.81 -0.02 -31.33
N ARG F 163 34.84 -0.36 -32.18
CA ARG F 163 35.08 -0.45 -33.63
C ARG F 163 33.85 -0.02 -34.42
N GLU F 164 34.07 0.67 -35.54
CA GLU F 164 32.97 1.13 -36.38
C GLU F 164 32.89 0.39 -37.70
N LEU F 165 31.66 0.09 -38.12
CA LEU F 165 31.41 -0.56 -39.41
C LEU F 165 30.53 0.31 -40.28
N THR F 166 30.69 0.17 -41.60
CA THR F 166 29.79 0.78 -42.57
C THR F 166 28.81 -0.27 -43.15
N LEU F 167 27.51 0.00 -43.03
CA LEU F 167 26.47 -0.90 -43.55
C LEU F 167 25.65 -0.20 -44.65
N VAL F 168 25.48 -0.89 -45.78
CA VAL F 168 24.78 -0.35 -46.94
C VAL F 168 23.70 -1.34 -47.39
N ASP F 169 22.67 -0.83 -48.06
CA ASP F 169 21.71 -1.69 -48.75
C ASP F 169 21.15 -1.04 -50.03
N GLN F 170 20.05 -1.61 -50.55
CA GLN F 170 19.44 -1.17 -51.83
C GLN F 170 19.15 0.33 -51.93
N GLY F 171 18.77 0.94 -50.80
CA GLY F 171 18.54 2.37 -50.74
C GLY F 171 19.75 3.23 -51.05
N ASN F 172 20.91 2.59 -51.26
CA ASN F 172 22.17 3.26 -51.56
C ASN F 172 22.71 4.14 -50.42
N ARG F 173 22.07 4.06 -49.26
CA ARG F 173 22.52 4.84 -48.10
C ARG F 173 23.45 4.03 -47.21
N SER F 174 24.55 4.66 -46.83
CA SER F 174 25.49 4.04 -45.92
C SER F 174 25.35 4.62 -44.52
N VAL F 175 25.47 3.75 -43.52
CA VAL F 175 25.30 4.15 -42.13
C VAL F 175 26.39 3.51 -41.27
N LYS F 176 26.89 4.24 -40.27
CA LYS F 176 27.90 3.71 -39.34
C LYS F 176 27.28 2.85 -38.26
N LEU F 177 27.95 1.73 -37.97
CA LEU F 177 27.57 0.90 -36.81
C LEU F 177 28.76 0.56 -35.91
N THR F 178 28.64 1.00 -34.66
CA THR F 178 29.68 0.76 -33.66
C THR F 178 29.58 -0.66 -33.09
N LEU F 179 30.74 -1.29 -32.93
CA LEU F 179 30.85 -2.52 -32.18
C LEU F 179 31.56 -2.25 -30.86
N TRP F 180 31.19 -3.01 -29.82
CA TRP F 180 31.81 -2.84 -28.51
C TRP F 180 32.52 -4.08 -28.01
N GLY F 181 33.56 -3.88 -27.24
CA GLY F 181 34.17 -4.93 -26.44
C GLY F 181 34.80 -6.04 -27.23
N LYS F 182 34.58 -7.27 -26.77
CA LYS F 182 35.18 -8.46 -27.36
C LYS F 182 34.77 -8.64 -28.81
N THR F 183 33.50 -8.40 -29.10
CA THR F 183 32.98 -8.50 -30.45
C THR F 183 33.72 -7.52 -31.37
N ALA F 184 34.11 -6.37 -30.82
CA ALA F 184 34.95 -5.42 -31.55
C ALA F 184 36.31 -6.03 -31.92
N GLU F 185 37.11 -6.37 -30.90
CA GLU F 185 38.45 -6.96 -31.08
C GLU F 185 38.51 -8.16 -32.00
N THR F 186 37.76 -9.20 -31.65
CA THR F 186 37.78 -10.46 -32.38
C THR F 186 37.00 -10.41 -33.70
N PHE F 187 36.65 -9.21 -34.13
CA PHE F 187 35.84 -9.01 -35.34
C PHE F 187 36.48 -9.51 -36.63
N PRO F 188 37.74 -9.08 -36.94
CA PRO F 188 38.35 -9.61 -38.17
C PRO F 188 38.67 -11.11 -38.14
N THR F 189 38.70 -11.72 -36.94
CA THR F 189 38.81 -13.18 -36.75
C THR F 189 37.61 -13.90 -37.33
N ASN F 190 36.53 -13.16 -37.54
CA ASN F 190 35.35 -13.69 -38.21
C ASN F 190 35.64 -13.86 -39.69
N ALA F 191 35.41 -15.06 -40.22
CA ALA F 191 35.72 -15.37 -41.62
C ALA F 191 34.84 -14.62 -42.58
N GLY F 192 35.21 -14.67 -43.86
CA GLY F 192 34.52 -13.92 -44.92
C GLY F 192 34.22 -12.46 -44.59
N VAL F 193 35.06 -11.87 -43.73
CA VAL F 193 34.87 -10.50 -43.23
C VAL F 193 35.50 -9.39 -44.10
N ASP F 194 36.32 -9.80 -45.05
CA ASP F 194 36.83 -8.85 -46.03
C ASP F 194 36.08 -8.96 -47.34
N GLU F 195 35.56 -10.15 -47.63
CA GLU F 195 34.82 -10.39 -48.85
C GLU F 195 33.39 -9.82 -48.84
N LYS F 196 33.26 -8.57 -48.38
CA LYS F 196 31.98 -7.85 -48.39
C LYS F 196 30.78 -8.64 -47.82
N PRO F 197 30.91 -9.14 -46.58
CA PRO F 197 29.83 -9.93 -46.06
C PRO F 197 28.54 -9.13 -45.90
N VAL F 198 27.43 -9.86 -45.81
CA VAL F 198 26.18 -9.28 -45.38
C VAL F 198 26.09 -9.59 -43.91
N LEU F 199 25.66 -8.59 -43.14
CA LEU F 199 25.58 -8.75 -41.69
C LEU F 199 24.18 -8.40 -41.20
N ALA F 200 23.66 -9.25 -40.32
CA ALA F 200 22.29 -9.15 -39.84
C ALA F 200 22.27 -8.75 -38.37
N PHE F 201 21.64 -7.62 -38.05
CA PHE F 201 21.63 -7.12 -36.70
C PHE F 201 20.23 -7.18 -36.08
N LYS F 202 20.13 -7.77 -34.89
CA LYS F 202 18.90 -7.66 -34.11
C LYS F 202 19.16 -6.76 -32.91
N GLY F 203 18.12 -6.05 -32.48
CA GLY F 203 18.19 -5.18 -31.32
C GLY F 203 19.40 -4.27 -31.38
N VAL F 204 19.37 -3.32 -32.30
CA VAL F 204 20.43 -2.33 -32.42
C VAL F 204 19.86 -0.98 -32.02
N LYS F 205 20.68 -0.15 -31.37
CA LYS F 205 20.26 1.18 -30.93
C LYS F 205 20.41 2.19 -32.08
N VAL F 206 19.40 3.04 -32.22
CA VAL F 206 19.38 4.06 -33.27
C VAL F 206 19.88 5.40 -32.71
N GLY F 207 21.08 5.81 -33.10
CA GLY F 207 21.69 7.06 -32.63
C GLY F 207 21.62 8.20 -33.64
N ASP F 208 21.57 9.44 -33.17
CA ASP F 208 21.43 10.57 -34.10
C ASP F 208 22.75 11.28 -34.45
N PHE F 209 23.88 10.73 -34.02
CA PHE F 209 25.18 11.26 -34.39
C PHE F 209 25.50 10.91 -35.84
N GLY F 210 25.58 11.93 -36.69
CA GLY F 210 25.69 11.74 -38.12
C GLY F 210 24.31 11.42 -38.66
N GLY F 211 23.35 12.29 -38.38
CA GLY F 211 21.96 12.17 -38.85
C GLY F 211 21.30 10.96 -38.22
N ARG F 212 21.68 9.79 -38.71
CA ARG F 212 21.34 8.53 -38.06
C ARG F 212 22.57 7.64 -37.92
N SER F 213 22.59 6.84 -36.88
CA SER F 213 23.71 5.95 -36.62
C SER F 213 23.28 4.78 -35.74
N LEU F 214 24.15 3.77 -35.64
CA LEU F 214 23.79 2.54 -34.97
C LEU F 214 24.85 2.09 -33.96
N SER F 215 24.37 1.57 -32.84
CA SER F 215 25.22 0.99 -31.80
C SER F 215 24.59 -0.28 -31.23
N MET F 216 25.39 -1.09 -30.53
CA MET F 216 24.92 -2.35 -29.99
C MET F 216 24.63 -2.25 -28.49
N PHE F 217 23.89 -3.23 -27.95
CA PHE F 217 23.71 -3.41 -26.50
C PHE F 217 24.25 -4.78 -26.11
N SER F 218 24.21 -5.13 -24.81
CA SER F 218 24.58 -6.51 -24.37
C SER F 218 23.71 -7.61 -25.02
N SER F 219 22.50 -7.21 -25.43
CA SER F 219 21.52 -8.14 -25.97
C SER F 219 21.50 -8.12 -27.50
N SER F 220 22.25 -7.19 -28.11
CA SER F 220 22.36 -7.11 -29.57
C SER F 220 22.93 -8.35 -30.20
N THR F 221 22.80 -8.42 -31.51
CA THR F 221 23.15 -9.63 -32.24
C THR F 221 23.52 -9.29 -33.70
N MET F 222 24.74 -9.61 -34.09
CA MET F 222 25.08 -9.64 -35.50
C MET F 222 25.41 -11.07 -35.92
N LEU F 223 24.99 -11.41 -37.13
CA LEU F 223 25.29 -12.70 -37.73
C LEU F 223 25.97 -12.45 -39.04
N ILE F 224 27.04 -13.19 -39.29
CA ILE F 224 27.80 -13.08 -40.55
C ILE F 224 27.24 -14.03 -41.59
N ASN F 225 26.80 -13.44 -42.71
CA ASN F 225 26.32 -14.18 -43.87
C ASN F 225 25.31 -15.29 -43.51
N PRO F 226 24.08 -14.90 -43.14
CA PRO F 226 23.00 -15.85 -42.79
C PRO F 226 22.23 -16.41 -44.00
N ASP F 227 21.80 -17.66 -43.91
CA ASP F 227 21.03 -18.25 -45.02
C ASP F 227 19.56 -17.85 -44.98
N ILE F 228 19.35 -16.54 -44.88
CA ILE F 228 18.03 -15.92 -44.97
C ILE F 228 17.89 -15.22 -46.31
N THR F 229 16.80 -15.54 -46.99
CA THR F 229 16.47 -15.00 -48.30
C THR F 229 17.02 -13.59 -48.52
N GLU F 230 16.80 -12.70 -47.55
CA GLU F 230 17.19 -11.29 -47.63
C GLU F 230 18.67 -11.04 -47.90
N SER F 231 19.53 -11.73 -47.16
CA SER F 231 20.98 -11.58 -47.36
C SER F 231 21.39 -12.02 -48.75
N HIS F 232 20.58 -12.92 -49.32
CA HIS F 232 20.82 -13.45 -50.65
C HIS F 232 20.41 -12.47 -51.68
N VAL F 233 19.27 -11.81 -51.45
CA VAL F 233 18.84 -10.75 -52.32
C VAL F 233 19.94 -9.69 -52.36
N LEU F 234 20.34 -9.21 -51.17
CA LEU F 234 21.45 -8.26 -51.10
C LEU F 234 22.70 -8.78 -51.80
N ARG F 235 23.06 -10.03 -51.51
CA ARG F 235 24.22 -10.67 -52.12
C ARG F 235 24.16 -10.55 -53.64
N GLY F 236 23.00 -10.88 -54.19
CA GLY F 236 22.75 -10.80 -55.62
C GLY F 236 22.75 -9.37 -56.12
N TRP F 237 22.26 -8.47 -55.27
CA TRP F 237 22.25 -7.04 -55.59
C TRP F 237 23.62 -6.41 -55.59
N TYR F 238 24.41 -6.68 -54.55
CA TYR F 238 25.69 -6.03 -54.35
C TYR F 238 26.78 -6.39 -55.37
N ASP F 239 26.96 -7.69 -55.59
CA ASP F 239 28.00 -8.17 -56.49
C ASP F 239 27.70 -7.82 -57.94
N ASN F 240 26.48 -7.37 -58.21
CA ASN F 240 26.03 -7.09 -59.58
C ASN F 240 25.98 -5.60 -59.96
N ASP F 241 25.77 -4.73 -58.98
CA ASP F 241 25.73 -3.28 -59.23
C ASP F 241 26.05 -2.41 -58.00
N GLY F 242 26.42 -3.07 -56.90
CA GLY F 242 26.63 -2.37 -55.63
C GLY F 242 28.02 -1.78 -55.47
N ALA F 243 29.03 -2.64 -55.56
CA ALA F 243 30.43 -2.21 -55.60
C ALA F 243 30.72 -1.49 -56.92
N HIS F 244 29.63 -1.04 -57.55
CA HIS F 244 29.65 -0.26 -58.78
C HIS F 244 29.24 1.17 -58.48
N ALA F 245 27.96 1.36 -58.14
CA ALA F 245 27.41 2.67 -57.78
C ALA F 245 28.05 3.28 -56.51
N GLN F 246 27.70 4.53 -56.23
CA GLN F 246 28.24 5.25 -55.08
C GLN F 246 27.14 5.56 -54.05
N PHE F 247 27.55 5.84 -52.82
CA PHE F 247 26.62 5.87 -51.68
C PHE F 247 26.51 7.20 -50.90
N GLN F 248 25.62 7.20 -49.89
CA GLN F 248 25.29 8.38 -49.10
C GLN F 248 25.58 8.18 -47.61
N PRO F 249 26.45 9.02 -47.03
CA PRO F 249 27.00 8.84 -45.68
C PRO F 249 26.16 9.32 -44.47
N TYR F 250 24.95 9.83 -44.71
CA TYR F 250 24.00 10.24 -43.64
C TYR F 250 24.27 11.56 -42.92
N THR F 251 25.54 11.87 -42.62
CA THR F 251 25.94 12.92 -41.67
C THR F 251 25.12 14.23 -41.73
N ASN F 252 24.88 14.80 -40.54
CA ASN F 252 24.10 16.00 -40.37
C ASN F 252 24.55 16.75 -39.11
N GLY F 262 36.27 10.84 -37.15
CA GLY F 262 36.17 9.93 -36.01
C GLY F 262 34.73 9.65 -35.62
N GLY F 263 34.49 9.10 -34.42
CA GLY F 263 33.10 8.91 -34.05
C GLY F 263 32.53 8.47 -32.71
N GLY F 264 31.26 8.84 -32.58
CA GLY F 264 30.36 8.41 -31.52
C GLY F 264 29.13 7.84 -32.19
N ALA F 265 29.31 6.73 -32.91
CA ALA F 265 28.22 6.05 -33.62
C ALA F 265 27.23 5.44 -32.63
N GLY F 266 25.97 5.78 -32.81
CA GLY F 266 24.92 5.42 -31.85
C GLY F 266 24.75 6.46 -30.75
N ALA F 267 25.60 7.48 -30.76
CA ALA F 267 25.53 8.55 -29.77
C ALA F 267 24.46 9.59 -30.13
N ASN F 268 24.01 10.33 -29.10
CA ASN F 268 23.15 11.51 -29.25
C ASN F 268 23.97 12.80 -29.06
N MET F 269 23.66 13.84 -29.85
CA MET F 269 24.38 15.13 -29.84
C MET F 269 24.02 16.03 -28.64
N ALA F 270 23.99 15.43 -27.44
CA ALA F 270 23.63 16.09 -26.18
C ALA F 270 22.72 15.17 -25.38
N GLU F 271 23.32 14.37 -24.51
CA GLU F 271 22.57 13.41 -23.68
C GLU F 271 21.77 14.09 -22.57
N ARG F 272 20.60 13.54 -22.24
CA ARG F 272 19.89 14.06 -21.07
C ARG F 272 20.60 13.68 -19.75
N ARG F 273 21.13 14.69 -19.07
CA ARG F 273 21.85 14.50 -17.81
C ARG F 273 21.14 15.21 -16.67
N THR F 274 21.21 14.64 -15.47
CA THR F 274 20.88 15.41 -14.27
C THR F 274 21.93 16.50 -14.09
N ILE F 275 21.62 17.47 -13.22
CA ILE F 275 22.57 18.54 -12.92
C ILE F 275 23.77 17.97 -12.16
N VAL F 276 23.53 17.00 -11.28
CA VAL F 276 24.65 16.35 -10.60
C VAL F 276 25.59 15.73 -11.64
N GLN F 277 25.06 15.04 -12.64
CA GLN F 277 25.89 14.46 -13.71
C GLN F 277 26.78 15.48 -14.41
N VAL F 278 26.21 16.59 -14.87
CA VAL F 278 26.96 17.60 -15.65
C VAL F 278 28.18 18.09 -14.88
N LYS F 279 28.02 18.21 -13.57
CA LYS F 279 29.11 18.59 -12.70
C LYS F 279 30.00 17.38 -12.33
N ASP F 280 29.37 16.27 -11.95
CA ASP F 280 30.07 15.02 -11.54
C ASP F 280 30.89 14.40 -12.65
N GLU F 281 30.74 14.91 -13.86
CA GLU F 281 31.49 14.42 -14.99
C GLU F 281 32.43 15.48 -15.48
N ASN F 282 32.48 16.60 -14.76
CA ASN F 282 33.29 17.75 -15.16
C ASN F 282 33.07 18.16 -16.62
N LEU F 283 31.81 18.28 -16.99
CA LEU F 283 31.46 18.72 -18.33
C LEU F 283 31.92 20.15 -18.62
N GLY F 284 32.62 20.31 -19.73
CA GLY F 284 33.07 21.63 -20.15
C GLY F 284 34.39 22.10 -19.54
N MET F 285 34.87 21.36 -18.53
CA MET F 285 36.10 21.71 -17.83
C MET F 285 37.28 21.58 -18.77
N SER F 286 37.03 21.10 -19.99
CA SER F 286 38.06 20.93 -21.02
C SER F 286 37.93 21.89 -22.22
N GLU F 287 38.87 21.78 -23.18
CA GLU F 287 38.92 22.63 -24.39
C GLU F 287 37.71 22.45 -25.25
N LYS F 288 37.39 21.18 -25.48
CA LYS F 288 36.21 20.77 -26.22
C LYS F 288 34.90 21.01 -25.45
N PRO F 289 34.00 21.82 -26.02
CA PRO F 289 32.65 22.00 -25.47
C PRO F 289 31.92 20.68 -25.37
N ASP F 290 31.21 20.48 -24.27
CA ASP F 290 30.33 19.33 -24.16
C ASP F 290 28.90 19.83 -24.34
N TYR F 291 28.02 18.97 -24.79
CA TYR F 291 26.63 19.34 -24.95
C TYR F 291 25.78 18.39 -24.14
N PHE F 292 24.70 18.90 -23.60
CA PHE F 292 23.82 18.10 -22.77
C PHE F 292 22.39 18.62 -22.80
N ASN F 293 21.53 17.82 -22.20
CA ASN F 293 20.15 18.18 -22.04
C ASN F 293 19.75 18.05 -20.58
N VAL F 294 19.19 19.14 -20.05
CA VAL F 294 18.73 19.20 -18.67
C VAL F 294 17.26 19.56 -18.62
N ARG F 295 16.51 18.73 -17.90
CA ARG F 295 15.15 19.03 -17.54
C ARG F 295 15.27 19.67 -16.16
N ALA F 296 14.99 20.96 -16.09
CA ALA F 296 15.12 21.71 -14.83
C ALA F 296 14.19 22.92 -14.76
N THR F 297 13.91 23.34 -13.54
CA THR F 297 13.00 24.41 -13.25
C THR F 297 13.77 25.68 -13.04
N VAL F 298 13.25 26.80 -13.54
CA VAL F 298 13.81 28.12 -13.27
C VAL F 298 13.46 28.54 -11.84
N VAL F 299 14.46 28.75 -11.00
CA VAL F 299 14.23 29.04 -9.60
C VAL F 299 14.39 30.52 -9.33
N TYR F 300 15.40 31.10 -9.97
CA TYR F 300 15.69 32.51 -9.84
C TYR F 300 16.18 33.04 -11.16
N ILE F 301 15.85 34.29 -11.44
CA ILE F 301 16.45 35.03 -12.53
C ILE F 301 17.15 36.22 -11.92
N LYS F 302 18.39 36.44 -12.36
CA LYS F 302 19.22 37.54 -11.87
C LYS F 302 18.70 38.85 -12.43
N GLN F 303 18.24 39.71 -11.53
CA GLN F 303 17.64 40.99 -11.92
C GLN F 303 18.70 41.89 -12.55
N GLU F 304 19.73 42.22 -11.78
CA GLU F 304 20.77 43.15 -12.21
C GLU F 304 21.55 42.63 -13.41
N ASN F 305 21.68 43.49 -14.42
CA ASN F 305 22.38 43.18 -15.68
C ASN F 305 21.72 42.02 -16.46
N LEU F 306 20.42 42.16 -16.64
CA LEU F 306 19.61 41.20 -17.36
C LEU F 306 19.67 41.55 -18.84
N TYR F 307 19.80 42.84 -19.13
CA TYR F 307 19.88 43.35 -20.50
C TYR F 307 20.92 44.46 -20.62
N TYR F 308 21.26 44.82 -21.85
CA TYR F 308 22.21 45.90 -22.12
C TYR F 308 21.80 46.67 -23.36
N THR F 309 22.32 47.90 -23.48
CA THR F 309 22.03 48.75 -24.63
C THR F 309 22.91 48.36 -25.82
N ALA F 310 22.27 48.09 -26.96
CA ALA F 310 22.95 47.52 -28.12
C ALA F 310 22.75 48.32 -29.40
N CYS F 311 23.65 48.10 -30.37
CA CYS F 311 23.69 48.81 -31.65
C CYS F 311 22.40 48.59 -32.43
N ALA F 312 21.81 49.68 -32.90
CA ALA F 312 20.56 49.63 -33.67
C ALA F 312 20.80 49.33 -35.14
N SER F 313 22.07 49.07 -35.49
CA SER F 313 22.45 48.68 -36.85
C SER F 313 21.88 47.33 -37.22
N GLU F 314 21.62 47.15 -38.51
CA GLU F 314 21.01 45.92 -39.01
C GLU F 314 21.93 44.71 -38.75
N GLY F 315 21.68 44.04 -37.64
CA GLY F 315 22.46 42.88 -37.24
C GLY F 315 23.50 43.11 -36.15
N CYS F 316 23.94 44.36 -35.97
CA CYS F 316 24.95 44.70 -34.95
C CYS F 316 24.39 44.55 -33.52
N ASN F 317 25.18 43.94 -32.64
CA ASN F 317 24.76 43.63 -31.27
C ASN F 317 25.67 44.22 -30.20
N LYS F 318 26.58 45.10 -30.60
CA LYS F 318 27.60 45.64 -29.71
C LYS F 318 27.00 46.54 -28.64
N LYS F 319 27.68 46.65 -27.49
CA LYS F 319 27.21 47.54 -26.42
C LYS F 319 27.41 49.00 -26.75
N VAL F 320 26.31 49.75 -26.69
CA VAL F 320 26.35 51.17 -26.92
C VAL F 320 26.44 51.93 -25.59
N ASN F 321 27.17 53.05 -25.61
CA ASN F 321 27.34 53.88 -24.44
C ASN F 321 27.06 55.35 -24.73
N LEU F 322 26.53 56.07 -23.73
CA LEU F 322 26.08 57.45 -23.87
C LEU F 322 27.19 58.47 -24.14
N ASP F 323 27.37 58.85 -25.42
CA ASP F 323 28.44 59.82 -25.75
C ASP F 323 28.14 61.23 -25.23
N HIS F 324 29.08 62.14 -25.43
CA HIS F 324 29.00 63.49 -24.88
C HIS F 324 27.92 64.36 -25.52
N GLU F 325 27.25 63.83 -26.55
CA GLU F 325 26.03 64.41 -27.13
C GLU F 325 24.78 63.74 -26.57
N ASN F 326 24.98 62.86 -25.58
CA ASN F 326 23.90 62.11 -24.92
C ASN F 326 23.08 61.22 -25.87
N ASN F 327 23.82 60.43 -26.65
CA ASN F 327 23.29 59.39 -27.53
C ASN F 327 23.91 58.05 -27.16
N TRP F 328 23.51 56.99 -27.87
CA TRP F 328 24.06 55.65 -27.65
C TRP F 328 24.97 55.22 -28.77
N ARG F 329 26.27 55.10 -28.47
CA ARG F 329 27.30 54.90 -29.49
C ARG F 329 28.05 53.56 -29.42
N CYS F 330 28.11 52.88 -30.55
CA CYS F 330 28.91 51.68 -30.71
C CYS F 330 30.16 51.95 -31.54
N GLU F 331 31.29 51.41 -31.08
CA GLU F 331 32.56 51.51 -31.80
C GLU F 331 32.54 50.64 -33.07
N LYS F 332 31.81 49.52 -32.99
CA LYS F 332 31.71 48.51 -34.05
C LYS F 332 31.20 49.09 -35.37
N CYS F 333 29.88 49.06 -35.58
CA CYS F 333 29.28 49.82 -36.67
C CYS F 333 29.27 51.27 -36.21
N ASP F 334 30.41 51.93 -36.43
CA ASP F 334 30.72 53.22 -35.83
C ASP F 334 29.62 54.24 -36.10
N ARG F 335 28.77 54.46 -35.08
CA ARG F 335 27.61 55.34 -35.17
C ARG F 335 27.06 55.68 -33.78
N SER F 336 26.26 56.75 -33.71
CA SER F 336 25.43 57.06 -32.54
C SER F 336 23.94 56.84 -32.86
N TYR F 337 23.12 56.68 -31.83
CA TYR F 337 21.68 56.57 -31.98
C TYR F 337 20.99 57.25 -30.80
N ALA F 338 19.86 57.93 -31.04
CA ALA F 338 19.09 58.53 -29.96
C ALA F 338 18.40 57.47 -29.07
N THR F 339 18.23 56.26 -29.62
CA THR F 339 17.60 55.11 -28.94
C THR F 339 18.44 53.82 -29.12
N PRO F 340 18.61 53.02 -28.04
CA PRO F 340 19.35 51.76 -28.09
C PRO F 340 18.47 50.49 -28.12
N GLU F 341 19.08 49.35 -28.46
CA GLU F 341 18.39 48.05 -28.50
C GLU F 341 18.64 47.27 -27.23
N TYR F 342 17.57 46.97 -26.50
CA TYR F 342 17.71 46.14 -25.30
C TYR F 342 17.71 44.67 -25.68
N ARG F 343 18.75 43.97 -25.22
CA ARG F 343 19.01 42.58 -25.52
C ARG F 343 19.35 41.79 -24.27
N TYR F 344 18.86 40.56 -24.20
CA TYR F 344 19.01 39.74 -23.00
C TYR F 344 20.40 39.12 -22.86
N ILE F 345 21.04 39.43 -21.74
CA ILE F 345 22.20 38.69 -21.26
C ILE F 345 21.76 38.00 -19.98
N LEU F 346 20.84 37.06 -20.15
CA LEU F 346 20.14 36.41 -19.06
C LEU F 346 21.10 35.63 -18.19
N SER F 347 20.86 35.71 -16.89
CA SER F 347 21.53 34.84 -15.94
C SER F 347 20.48 34.24 -15.02
N THR F 348 20.31 32.93 -15.11
CA THR F 348 19.26 32.25 -14.40
C THR F 348 19.77 31.03 -13.63
N ASN F 349 19.13 30.76 -12.50
CA ASN F 349 19.49 29.63 -11.65
C ASN F 349 18.44 28.57 -11.78
N VAL F 350 18.81 27.44 -12.37
CA VAL F 350 17.89 26.29 -12.53
C VAL F 350 18.23 25.13 -11.61
N ALA F 351 17.20 24.54 -11.01
CA ALA F 351 17.38 23.43 -10.10
C ALA F 351 16.73 22.20 -10.66
N ASP F 352 17.20 21.06 -10.16
CA ASP F 352 16.47 19.80 -10.25
C ASP F 352 16.76 19.00 -8.96
N ALA F 353 16.27 17.75 -8.88
CA ALA F 353 16.28 17.02 -7.60
C ALA F 353 17.66 16.58 -7.19
N THR F 354 18.60 16.65 -8.13
CA THR F 354 19.98 16.27 -7.90
C THR F 354 20.87 17.45 -7.57
N GLY F 355 20.36 18.67 -7.80
CA GLY F 355 21.13 19.87 -7.51
C GLY F 355 20.72 21.10 -8.31
N GLN F 356 21.50 22.16 -8.13
CA GLN F 356 21.21 23.47 -8.70
C GLN F 356 22.42 23.96 -9.50
N MET F 357 22.18 24.89 -10.42
CA MET F 357 23.18 25.26 -11.45
C MET F 357 22.79 26.52 -12.22
N TRP F 358 23.81 27.28 -12.65
CA TRP F 358 23.60 28.53 -13.36
C TRP F 358 23.70 28.41 -14.85
N LEU F 359 22.72 28.98 -15.55
CA LEU F 359 22.72 28.97 -17.00
C LEU F 359 22.72 30.39 -17.53
N SER F 360 23.40 30.61 -18.66
CA SER F 360 23.21 31.87 -19.35
C SER F 360 22.52 31.65 -20.70
N GLY F 361 21.62 32.58 -21.03
CA GLY F 361 20.89 32.53 -22.27
C GLY F 361 20.86 33.91 -22.88
N PHE F 362 20.84 33.96 -24.20
CA PHE F 362 20.78 35.20 -24.92
C PHE F 362 19.38 35.55 -25.42
N ASN F 363 19.29 36.59 -26.23
CA ASN F 363 18.03 37.24 -26.59
C ASN F 363 16.86 36.32 -26.90
N GLU F 364 17.10 35.29 -27.71
CA GLU F 364 16.06 34.36 -28.14
C GLU F 364 15.44 33.65 -26.96
N ASP F 365 16.23 32.81 -26.32
CA ASP F 365 15.73 31.91 -25.30
C ASP F 365 15.24 32.64 -24.07
N ALA F 366 15.92 33.73 -23.71
CA ALA F 366 15.54 34.53 -22.53
C ALA F 366 14.19 35.22 -22.73
N THR F 367 13.88 35.54 -23.99
CA THR F 367 12.60 36.14 -24.35
C THR F 367 11.44 35.19 -24.08
N GLN F 368 11.56 33.94 -24.48
CA GLN F 368 10.50 32.98 -24.18
C GLN F 368 10.49 32.57 -22.70
N LEU F 369 11.61 32.76 -22.02
CA LEU F 369 11.67 32.47 -20.60
C LEU F 369 10.94 33.55 -19.81
N ILE F 370 10.92 34.76 -20.36
CA ILE F 370 10.20 35.86 -19.73
C ILE F 370 8.96 36.27 -20.55
N GLY F 371 8.67 35.50 -21.60
CA GLY F 371 7.53 35.76 -22.50
C GLY F 371 7.41 37.20 -22.93
N MET F 372 8.55 37.82 -23.21
CA MET F 372 8.66 39.26 -23.41
C MET F 372 9.99 39.62 -24.05
N SER F 373 9.97 40.47 -25.08
CA SER F 373 11.21 41.02 -25.61
C SER F 373 11.83 41.86 -24.50
N ALA F 374 13.15 42.09 -24.59
CA ALA F 374 13.86 42.87 -23.59
C ALA F 374 13.40 44.33 -23.54
N GLY F 375 13.03 44.86 -24.72
CA GLY F 375 12.49 46.21 -24.82
C GLY F 375 11.17 46.37 -24.10
N GLU F 376 10.26 45.43 -24.34
CA GLU F 376 8.98 45.35 -23.63
C GLU F 376 9.17 45.28 -22.12
N LEU F 377 10.21 44.56 -21.68
CA LEU F 377 10.56 44.49 -20.26
C LEU F 377 11.16 45.81 -19.78
N HIS F 378 11.99 46.41 -20.62
CA HIS F 378 12.55 47.72 -20.32
C HIS F 378 11.48 48.77 -20.14
N LYS F 379 10.49 48.74 -21.04
CA LYS F 379 9.37 49.67 -20.98
C LYS F 379 8.50 49.40 -19.75
N LEU F 380 8.44 48.13 -19.32
CA LEU F 380 7.69 47.72 -18.12
C LEU F 380 8.39 48.10 -16.80
N ARG F 381 9.71 48.32 -16.86
CA ARG F 381 10.48 48.74 -15.67
C ARG F 381 10.40 50.25 -15.46
N GLU F 382 10.29 51.00 -16.54
CA GLU F 382 10.15 52.46 -16.45
C GLU F 382 8.83 52.88 -15.80
N GLU F 383 7.88 51.96 -15.74
CA GLU F 383 6.58 52.26 -15.13
C GLU F 383 6.58 52.02 -13.62
N SER F 384 6.95 50.79 -13.21
CA SER F 384 7.18 50.50 -11.79
C SER F 384 7.98 49.22 -11.61
N GLU F 385 8.74 49.18 -10.51
CA GLU F 385 9.55 48.02 -10.12
C GLU F 385 8.66 46.84 -9.71
N SER F 386 7.47 47.18 -9.21
CA SER F 386 6.50 46.19 -8.77
C SER F 386 6.03 45.33 -9.94
N GLU F 387 5.78 45.98 -11.08
CA GLU F 387 5.36 45.25 -12.29
C GLU F 387 6.54 44.66 -13.05
N PHE F 388 7.76 45.06 -12.66
CA PHE F 388 8.99 44.56 -13.27
C PHE F 388 9.55 43.30 -12.59
N SER F 389 9.72 43.34 -11.28
CA SER F 389 10.11 42.14 -10.53
C SER F 389 9.01 41.07 -10.63
N ALA F 390 7.75 41.52 -10.66
CA ALA F 390 6.58 40.66 -10.87
C ALA F 390 6.70 39.77 -12.11
N ALA F 391 7.06 40.38 -13.23
CA ALA F 391 7.26 39.66 -14.48
C ALA F 391 8.34 38.57 -14.33
N LEU F 392 9.38 38.88 -13.56
CA LEU F 392 10.53 37.98 -13.35
C LEU F 392 10.20 36.84 -12.41
N HIS F 393 9.61 37.20 -11.28
CA HIS F 393 9.05 36.24 -10.34
C HIS F 393 8.21 35.24 -11.09
N ARG F 394 7.29 35.73 -11.91
CA ARG F 394 6.35 34.93 -12.69
C ARG F 394 6.99 34.16 -13.84
N ALA F 395 8.31 34.32 -14.00
CA ALA F 395 9.05 33.53 -14.99
C ALA F 395 9.59 32.26 -14.33
N ALA F 396 10.02 32.42 -13.09
CA ALA F 396 10.42 31.31 -12.26
C ALA F 396 9.25 30.40 -12.01
N ASN F 397 9.55 29.21 -11.49
CA ASN F 397 8.59 28.15 -11.20
C ASN F 397 7.99 27.61 -12.48
N ARG F 398 8.84 27.37 -13.48
CA ARG F 398 8.43 26.76 -14.74
C ARG F 398 9.52 25.82 -15.22
N MET F 399 9.09 24.70 -15.78
CA MET F 399 10.01 23.65 -16.16
C MET F 399 10.35 23.74 -17.63
N TYR F 400 11.59 23.41 -17.95
CA TYR F 400 12.08 23.50 -19.31
C TYR F 400 13.06 22.38 -19.66
N MET F 401 12.94 21.89 -20.88
CA MET F 401 13.97 21.05 -21.46
C MET F 401 15.07 21.96 -21.99
N PHE F 402 16.26 21.84 -21.42
CA PHE F 402 17.38 22.75 -21.76
C PHE F 402 18.46 22.11 -22.65
N ASN F 403 18.61 22.65 -23.85
CA ASN F 403 19.74 22.27 -24.69
C ASN F 403 20.91 23.19 -24.36
N CYS F 404 22.00 22.62 -23.85
CA CYS F 404 23.10 23.42 -23.35
C CYS F 404 24.47 22.99 -23.82
N ARG F 405 25.39 23.95 -23.81
CA ARG F 405 26.81 23.71 -24.06
C ARG F 405 27.64 24.14 -22.84
N ALA F 406 28.69 23.37 -22.55
CA ALA F 406 29.56 23.65 -21.42
C ALA F 406 30.95 23.96 -21.94
N LYS F 407 31.37 25.22 -21.80
CA LYS F 407 32.68 25.64 -22.26
C LYS F 407 33.39 26.37 -21.15
N MET F 408 34.67 26.08 -20.99
CA MET F 408 35.52 26.95 -20.22
C MET F 408 35.55 28.29 -20.96
N ASP F 409 35.31 29.36 -20.23
CA ASP F 409 35.42 30.69 -20.77
C ASP F 409 36.87 30.93 -21.27
N THR F 410 37.13 32.02 -22.00
CA THR F 410 38.54 32.42 -22.37
C THR F 410 38.73 33.96 -22.48
N PHE F 411 38.76 34.66 -21.34
CA PHE F 411 38.73 36.14 -21.34
C PHE F 411 40.04 36.90 -20.99
N ASN F 412 40.52 36.75 -19.75
CA ASN F 412 41.73 37.42 -19.25
C ASN F 412 42.42 36.58 -18.18
N ASP F 413 41.91 36.67 -16.94
CA ASP F 413 42.54 36.03 -15.78
C ASP F 413 41.56 35.76 -14.61
N THR F 414 40.65 34.78 -14.77
CA THR F 414 39.79 34.21 -13.68
C THR F 414 38.88 33.07 -14.20
N ALA F 415 39.33 31.83 -14.00
CA ALA F 415 38.73 30.65 -14.64
C ALA F 415 37.45 30.12 -14.01
N ARG F 416 36.45 29.87 -14.85
CA ARG F 416 35.20 29.22 -14.45
C ARG F 416 34.30 28.84 -15.63
N VAL F 417 33.73 27.65 -15.53
CA VAL F 417 32.80 27.06 -16.48
C VAL F 417 31.48 27.82 -16.60
N ARG F 418 31.05 28.07 -17.83
CA ARG F 418 29.76 28.72 -18.09
C ARG F 418 28.92 27.84 -18.97
N TYR F 419 27.69 27.59 -18.50
CA TYR F 419 26.73 26.74 -19.19
C TYR F 419 25.74 27.60 -19.94
N THR F 420 25.63 27.37 -21.24
CA THR F 420 24.90 28.27 -22.14
C THR F 420 23.75 27.54 -22.81
N ILE F 421 22.53 28.05 -22.60
CA ILE F 421 21.32 27.46 -23.19
C ILE F 421 21.24 27.74 -24.69
N SER F 422 21.38 26.68 -25.49
CA SER F 422 21.29 26.82 -26.95
C SER F 422 19.85 26.84 -27.41
N ARG F 423 19.02 25.97 -26.82
CA ARG F 423 17.58 26.00 -27.05
C ARG F 423 16.83 25.57 -25.79
N ALA F 424 15.79 26.30 -25.45
CA ALA F 424 15.00 25.94 -24.29
C ALA F 424 13.56 25.77 -24.72
N ALA F 425 13.10 24.53 -24.71
CA ALA F 425 11.70 24.22 -24.95
C ALA F 425 11.05 24.00 -23.59
N PRO F 426 9.71 24.23 -23.49
CA PRO F 426 9.00 23.92 -22.25
C PRO F 426 8.70 22.43 -22.20
N VAL F 427 8.65 21.84 -21.01
CA VAL F 427 8.45 20.39 -20.85
C VAL F 427 7.06 19.96 -21.34
N ASP F 428 6.99 18.84 -22.05
CA ASP F 428 5.74 18.21 -22.46
C ASP F 428 5.48 17.14 -21.43
N PHE F 429 4.51 17.39 -20.57
CA PHE F 429 4.23 16.53 -19.43
C PHE F 429 3.71 15.14 -19.77
N ALA F 430 2.80 15.06 -20.74
CA ALA F 430 2.34 13.77 -21.22
C ALA F 430 3.52 12.83 -21.51
N LYS F 431 4.46 13.31 -22.33
CA LYS F 431 5.57 12.51 -22.82
C LYS F 431 6.60 12.33 -21.73
N ALA F 432 7.01 13.43 -21.10
CA ALA F 432 7.95 13.36 -19.99
C ALA F 432 7.47 12.32 -19.01
N GLY F 433 6.18 12.39 -18.67
CA GLY F 433 5.54 11.43 -17.78
C GLY F 433 5.78 10.00 -18.20
N MET F 434 5.49 9.70 -19.46
CA MET F 434 5.63 8.35 -20.01
C MET F 434 7.03 7.78 -19.88
N GLU F 435 8.02 8.60 -20.25
CA GLU F 435 9.42 8.28 -20.04
C GLU F 435 9.68 7.82 -18.60
N LEU F 436 9.16 8.56 -17.62
CA LEU F 436 9.36 8.25 -16.21
C LEU F 436 8.66 6.97 -15.78
N VAL F 437 7.46 6.77 -16.33
CA VAL F 437 6.73 5.53 -16.16
C VAL F 437 7.70 4.38 -16.47
N ASP F 438 8.42 4.53 -17.59
CA ASP F 438 9.39 3.52 -18.00
C ASP F 438 10.52 3.34 -17.00
N ALA F 439 10.99 4.42 -16.39
CA ALA F 439 12.11 4.34 -15.46
C ALA F 439 11.70 3.77 -14.11
N ILE F 440 10.53 4.17 -13.61
CA ILE F 440 9.99 3.61 -12.35
C ILE F 440 9.63 2.10 -12.44
N ARG F 441 9.11 1.70 -13.60
CA ARG F 441 8.85 0.30 -13.85
C ARG F 441 10.11 -0.54 -13.64
N ALA F 442 11.26 0.06 -13.95
CA ALA F 442 12.57 -0.58 -13.84
C ALA F 442 12.94 -0.97 -12.40
N TYR F 443 12.45 -0.24 -11.42
CA TYR F 443 12.75 -0.58 -10.06
C TYR F 443 11.67 -1.51 -9.53
N MET F 444 10.68 -1.79 -10.37
CA MET F 444 9.58 -2.67 -9.99
C MET F 444 9.67 -4.00 -10.71
ZN ZN I . -14.04 -41.85 47.26
ZN ZN J . 27.92 48.45 -33.86
#